data_7JHT
# 
_entry.id   7JHT 
# 
_audit_conform.dict_name       mmcif_pdbx.dic 
_audit_conform.dict_version    5.380 
_audit_conform.dict_location   http://mmcif.pdb.org/dictionaries/ascii/mmcif_pdbx.dic 
# 
loop_
_database_2.database_id 
_database_2.database_code 
_database_2.pdbx_database_accession 
_database_2.pdbx_DOI 
PDB   7JHT         pdb_00007jht 10.2210/pdb7jht/pdb 
WWPDB D_1000250256 ?            ?                   
# 
_pdbx_database_status.status_code                     REL 
_pdbx_database_status.status_code_sf                  REL 
_pdbx_database_status.status_code_mr                  ? 
_pdbx_database_status.entry_id                        7JHT 
_pdbx_database_status.recvd_initial_deposition_date   2020-07-21 
_pdbx_database_status.SG_entry                        N 
_pdbx_database_status.deposit_site                    RCSB 
_pdbx_database_status.process_site                    RCSB 
_pdbx_database_status.status_code_cs                  ? 
_pdbx_database_status.status_code_nmr_data            ? 
_pdbx_database_status.methods_development_category    ? 
_pdbx_database_status.pdb_format_compatible           Y 
# 
loop_
_audit_author.name 
_audit_author.pdbx_ordinal 
_audit_author.identifier_ORCID 
'Simmons, C.R.'      1 0000-0002-2290-6132 
'MacCulloch, T.'     2 0000-0001-5875-3361 
'Stephanopoulos, N.' 3 0000-0001-7859-410X 
'Yan, H.'            4 0000-0001-7397-9852 
# 
_citation.abstract                  ? 
_citation.abstract_id_CAS           ? 
_citation.book_id_ISBN              ? 
_citation.book_publisher            ? 
_citation.book_publisher_city       ? 
_citation.book_title                ? 
_citation.coordinate_linkage        ? 
_citation.country                   UK 
_citation.database_id_Medline       ? 
_citation.details                   ? 
_citation.id                        primary 
_citation.journal_abbrev            'Nat Commun' 
_citation.journal_id_ASTM           ? 
_citation.journal_id_CSD            ? 
_citation.journal_id_ISSN           2041-1723 
_citation.journal_full              ? 
_citation.journal_issue             ? 
_citation.journal_volume            13 
_citation.language                  ? 
_citation.page_first                3112 
_citation.page_last                 3112 
_citation.title                     'The influence of Holliday junction sequence and dynamics on DNA crystal self-assembly.' 
_citation.year                      2022 
_citation.database_id_CSD           ? 
_citation.pdbx_database_id_DOI      10.1038/s41467-022-30779-6 
_citation.pdbx_database_id_PubMed   35662248 
_citation.unpublished_flag          ? 
# 
loop_
_citation_author.citation_id 
_citation_author.name 
_citation_author.ordinal 
_citation_author.identifier_ORCID 
primary 'Simmons, C.R.'      1  ?                   
primary 'MacCulloch, T.'     2  ?                   
primary 'Krepl, M.'          3  0000-0002-9833-4281 
primary 'Matthies, M.'       4  ?                   
primary 'Buchberger, A.'     5  ?                   
primary 'Crawford, I.'       6  ?                   
primary 'Sponer, J.'         7  0000-0001-6558-6186 
primary 'Sulc, P.'           8  0000-0003-1565-6769 
primary 'Stephanopoulos, N.' 9  0000-0001-7859-410X 
primary 'Yan, H.'            10 0000-0001-7397-9852 
# 
_cell.angle_alpha                  90.000 
_cell.angle_alpha_esd              ? 
_cell.angle_beta                   90.000 
_cell.angle_beta_esd               ? 
_cell.angle_gamma                  120.000 
_cell.angle_gamma_esd              ? 
_cell.entry_id                     7JHT 
_cell.details                      ? 
_cell.formula_units_Z              ? 
_cell.length_a                     116.078 
_cell.length_a_esd                 ? 
_cell.length_b                     116.078 
_cell.length_b_esd                 ? 
_cell.length_c                     49.430 
_cell.length_c_esd                 ? 
_cell.volume                       ? 
_cell.volume_esd                   ? 
_cell.Z_PDB                        9 
_cell.reciprocal_angle_alpha       ? 
_cell.reciprocal_angle_beta        ? 
_cell.reciprocal_angle_gamma       ? 
_cell.reciprocal_angle_alpha_esd   ? 
_cell.reciprocal_angle_beta_esd    ? 
_cell.reciprocal_angle_gamma_esd   ? 
_cell.reciprocal_length_a          ? 
_cell.reciprocal_length_b          ? 
_cell.reciprocal_length_c          ? 
_cell.reciprocal_length_a_esd      ? 
_cell.reciprocal_length_b_esd      ? 
_cell.reciprocal_length_c_esd      ? 
_cell.pdbx_unique_axis             ? 
# 
_symmetry.entry_id                         7JHT 
_symmetry.cell_setting                     ? 
_symmetry.Int_Tables_number                146 
_symmetry.space_group_name_Hall            ? 
_symmetry.space_group_name_H-M             'H 3' 
_symmetry.pdbx_full_space_group_name_H-M   ? 
# 
loop_
_entity.id 
_entity.type 
_entity.src_method 
_entity.pdbx_description 
_entity.formula_weight 
_entity.pdbx_number_of_molecules 
_entity.pdbx_ec 
_entity.pdbx_mutation 
_entity.pdbx_fragment 
_entity.details 
1 polymer     syn 
;DNA (5'-D(*GP*AP*GP*CP*AP*GP*AP*CP*CP*AP*GP*A)-3')
;
3705.445 1 ? ? ? ? 
2 polymer     syn 
;DNA (5'-D(P*CP*GP*GP*CP*AP*CP*TP*CP*A)-3')
;
2700.788 1 ? ? ? ? 
3 polymer     syn 
;DNA (5'-D(P*TP*CP*TP*CP*CP*G)-3')
;
1760.179 1 ? ? ? ? 
4 polymer     syn 
;DNA (5'-D(*TP*CP*TP*GP*AP*GP*TP*GP*GP*GP*TP*CP*TP*GP*C)-3')
;
4631.993 1 ? ? ? ? 
5 non-polymer syn 'CACODYLATE ION'                                              136.989  1 ? ? ? ? 
# 
loop_
_entity_poly.entity_id 
_entity_poly.type 
_entity_poly.nstd_linkage 
_entity_poly.nstd_monomer 
_entity_poly.pdbx_seq_one_letter_code 
_entity_poly.pdbx_seq_one_letter_code_can 
_entity_poly.pdbx_strand_id 
_entity_poly.pdbx_target_identifier 
1 polydeoxyribonucleotide no no '(DG)(DA)(DG)(DC)(DA)(DG)(DA)(DC)(DC)(DA)(DG)(DA)'             GAGCAGACCAGA    A ? 
2 polydeoxyribonucleotide no no '(DC)(DG)(DG)(DC)(DA)(DC)(DT)(DC)(DA)'                         CGGCACTCA       B ? 
3 polydeoxyribonucleotide no no '(DT)(DC)(DT)(DC)(DC)(DG)'                                     TCTCCG          C ? 
4 polydeoxyribonucleotide no no '(DT)(DC)(DT)(DG)(DA)(DG)(DT)(DG)(DG)(DG)(DT)(DC)(DT)(DG)(DC)' TCTGAGTGGGTCTGC D ? 
# 
loop_
_entity_poly_seq.entity_id 
_entity_poly_seq.num 
_entity_poly_seq.mon_id 
_entity_poly_seq.hetero 
1 1  DG n 
1 2  DA n 
1 3  DG n 
1 4  DC n 
1 5  DA n 
1 6  DG n 
1 7  DA n 
1 8  DC n 
1 9  DC n 
1 10 DA n 
1 11 DG n 
1 12 DA n 
2 1  DC n 
2 2  DG n 
2 3  DG n 
2 4  DC n 
2 5  DA n 
2 6  DC n 
2 7  DT n 
2 8  DC n 
2 9  DA n 
3 1  DT n 
3 2  DC n 
3 3  DT n 
3 4  DC n 
3 5  DC n 
3 6  DG n 
4 1  DT n 
4 2  DC n 
4 3  DT n 
4 4  DG n 
4 5  DA n 
4 6  DG n 
4 7  DT n 
4 8  DG n 
4 9  DG n 
4 10 DG n 
4 11 DT n 
4 12 DC n 
4 13 DT n 
4 14 DG n 
4 15 DC n 
# 
loop_
_pdbx_entity_src_syn.entity_id 
_pdbx_entity_src_syn.pdbx_src_id 
_pdbx_entity_src_syn.pdbx_alt_source_flag 
_pdbx_entity_src_syn.pdbx_beg_seq_num 
_pdbx_entity_src_syn.pdbx_end_seq_num 
_pdbx_entity_src_syn.organism_scientific 
_pdbx_entity_src_syn.organism_common_name 
_pdbx_entity_src_syn.ncbi_taxonomy_id 
_pdbx_entity_src_syn.details 
1 1 sample 1 12 'synthetic construct' ? 32630 ? 
2 1 sample 1 9  'synthetic construct' ? 32630 ? 
3 1 sample 1 6  'synthetic construct' ? 32630 ? 
4 1 sample 1 15 'synthetic construct' ? 32630 ? 
# 
loop_
_struct_ref.id 
_struct_ref.db_name 
_struct_ref.db_code 
_struct_ref.pdbx_db_accession 
_struct_ref.pdbx_db_isoform 
_struct_ref.entity_id 
_struct_ref.pdbx_seq_one_letter_code 
_struct_ref.pdbx_align_begin 
1 PDB 7JHT 7JHT ? 1 ? 1 
2 PDB 7JHT 7JHT ? 2 ? 1 
3 PDB 7JHT 7JHT ? 3 ? 1 
4 PDB 7JHT 7JHT ? 4 ? 1 
# 
loop_
_struct_ref_seq.align_id 
_struct_ref_seq.ref_id 
_struct_ref_seq.pdbx_PDB_id_code 
_struct_ref_seq.pdbx_strand_id 
_struct_ref_seq.seq_align_beg 
_struct_ref_seq.pdbx_seq_align_beg_ins_code 
_struct_ref_seq.seq_align_end 
_struct_ref_seq.pdbx_seq_align_end_ins_code 
_struct_ref_seq.pdbx_db_accession 
_struct_ref_seq.db_align_beg 
_struct_ref_seq.pdbx_db_align_beg_ins_code 
_struct_ref_seq.db_align_end 
_struct_ref_seq.pdbx_db_align_end_ins_code 
_struct_ref_seq.pdbx_auth_seq_align_beg 
_struct_ref_seq.pdbx_auth_seq_align_end 
1 1 7JHT A 1 ? 12 ? 7JHT 1  ? 12 ? 1  12 
2 2 7JHT B 1 ? 9  ? 7JHT 12 ? 20 ? 12 20 
3 3 7JHT C 1 ? 6  ? 7JHT 0  ? 5  ? 0  5  
4 4 7JHT D 1 ? 15 ? 7JHT 2  ? 16 ? 2  16 
# 
loop_
_chem_comp.id 
_chem_comp.type 
_chem_comp.mon_nstd_flag 
_chem_comp.name 
_chem_comp.pdbx_synonyms 
_chem_comp.formula 
_chem_comp.formula_weight 
CAC non-polymer   . 'CACODYLATE ION'                     dimethylarsinate 'C2 H6 As O2 -1'  136.989 
DA  'DNA linking' y "2'-DEOXYADENOSINE-5'-MONOPHOSPHATE" ?                'C10 H14 N5 O6 P' 331.222 
DC  'DNA linking' y "2'-DEOXYCYTIDINE-5'-MONOPHOSPHATE"  ?                'C9 H14 N3 O7 P'  307.197 
DG  'DNA linking' y "2'-DEOXYGUANOSINE-5'-MONOPHOSPHATE" ?                'C10 H14 N5 O7 P' 347.221 
DT  'DNA linking' y "THYMIDINE-5'-MONOPHOSPHATE"         ?                'C10 H15 N2 O8 P' 322.208 
# 
_exptl.absorpt_coefficient_mu     ? 
_exptl.absorpt_correction_T_max   ? 
_exptl.absorpt_correction_T_min   ? 
_exptl.absorpt_correction_type    ? 
_exptl.absorpt_process_details    ? 
_exptl.entry_id                   7JHT 
_exptl.crystals_number            1 
_exptl.details                    ? 
_exptl.method                     'X-RAY DIFFRACTION' 
_exptl.method_details             ? 
# 
_exptl_crystal.colour                      ? 
_exptl_crystal.density_diffrn              ? 
_exptl_crystal.density_Matthews            5.01 
_exptl_crystal.density_method              ? 
_exptl_crystal.density_percent_sol         75.44 
_exptl_crystal.description                 ? 
_exptl_crystal.F_000                       ? 
_exptl_crystal.id                          1 
_exptl_crystal.preparation                 ? 
_exptl_crystal.size_max                    ? 
_exptl_crystal.size_mid                    ? 
_exptl_crystal.size_min                    ? 
_exptl_crystal.size_rad                    ? 
_exptl_crystal.colour_lustre               ? 
_exptl_crystal.colour_modifier             ? 
_exptl_crystal.colour_primary              ? 
_exptl_crystal.density_meas                ? 
_exptl_crystal.density_meas_esd            ? 
_exptl_crystal.density_meas_gt             ? 
_exptl_crystal.density_meas_lt             ? 
_exptl_crystal.density_meas_temp           ? 
_exptl_crystal.density_meas_temp_esd       ? 
_exptl_crystal.density_meas_temp_gt        ? 
_exptl_crystal.density_meas_temp_lt        ? 
_exptl_crystal.pdbx_crystal_image_url      ? 
_exptl_crystal.pdbx_crystal_image_format   ? 
_exptl_crystal.pdbx_mosaicity              ? 
_exptl_crystal.pdbx_mosaicity_esd          ? 
# 
_exptl_crystal_grow.apparatus       ? 
_exptl_crystal_grow.atmosphere      ? 
_exptl_crystal_grow.crystal_id      1 
_exptl_crystal_grow.details         ? 
_exptl_crystal_grow.method          'VAPOR DIFFUSION, SITTING DROP' 
_exptl_crystal_grow.method_ref      ? 
_exptl_crystal_grow.pH              ? 
_exptl_crystal_grow.pressure        ? 
_exptl_crystal_grow.pressure_esd    ? 
_exptl_crystal_grow.seeding         ? 
_exptl_crystal_grow.seeding_ref     ? 
_exptl_crystal_grow.temp            298 
_exptl_crystal_grow.temp_details    'temperature gradient generated from 60 to 25 C at 0.3 degrees per hour' 
_exptl_crystal_grow.temp_esd        ? 
_exptl_crystal_grow.time            ? 
_exptl_crystal_grow.pdbx_details    
;0.5 mL of 0.05 M Cacodylate pH 6.5 with 2.5 mM spermine, 18 mM CaCl2, and 9% 2-propanol was added to the reservoir with 2 uL added to the drop containing 4 uL of DNA stock
;
_exptl_crystal_grow.pdbx_pH_range   ? 
# 
_diffrn.ambient_environment              ? 
_diffrn.ambient_temp                     100 
_diffrn.ambient_temp_details             ? 
_diffrn.ambient_temp_esd                 ? 
_diffrn.crystal_id                       1 
_diffrn.crystal_support                  ? 
_diffrn.crystal_treatment                ? 
_diffrn.details                          ? 
_diffrn.id                               1 
_diffrn.ambient_pressure                 ? 
_diffrn.ambient_pressure_esd             ? 
_diffrn.ambient_pressure_gt              ? 
_diffrn.ambient_pressure_lt              ? 
_diffrn.ambient_temp_gt                  ? 
_diffrn.ambient_temp_lt                  ? 
_diffrn.pdbx_serial_crystal_experiment   N 
# 
_diffrn_detector.details                      ? 
_diffrn_detector.detector                     PIXEL 
_diffrn_detector.diffrn_id                    1 
_diffrn_detector.type                         'DECTRIS PILATUS3 6M' 
_diffrn_detector.area_resol_mean              ? 
_diffrn_detector.dtime                        ? 
_diffrn_detector.pdbx_frames_total            ? 
_diffrn_detector.pdbx_collection_time_total   ? 
_diffrn_detector.pdbx_collection_date         2018-05-15 
_diffrn_detector.pdbx_frequency               ? 
# 
_diffrn_radiation.collimation                      ? 
_diffrn_radiation.diffrn_id                        1 
_diffrn_radiation.filter_edge                      ? 
_diffrn_radiation.inhomogeneity                    ? 
_diffrn_radiation.monochromator                    ? 
_diffrn_radiation.polarisn_norm                    ? 
_diffrn_radiation.polarisn_ratio                   ? 
_diffrn_radiation.probe                            ? 
_diffrn_radiation.type                             ? 
_diffrn_radiation.xray_symbol                      ? 
_diffrn_radiation.wavelength_id                    1 
_diffrn_radiation.pdbx_monochromatic_or_laue_m_l   M 
_diffrn_radiation.pdbx_wavelength_list             ? 
_diffrn_radiation.pdbx_wavelength                  ? 
_diffrn_radiation.pdbx_diffrn_protocol             'SINGLE WAVELENGTH' 
_diffrn_radiation.pdbx_analyzer                    ? 
_diffrn_radiation.pdbx_scattering_type             x-ray 
# 
_diffrn_radiation_wavelength.id           1 
_diffrn_radiation_wavelength.wavelength   1 
_diffrn_radiation_wavelength.wt           1.0 
# 
_diffrn_source.current                     ? 
_diffrn_source.details                     ? 
_diffrn_source.diffrn_id                   1 
_diffrn_source.power                       ? 
_diffrn_source.size                        ? 
_diffrn_source.source                      SYNCHROTRON 
_diffrn_source.target                      ? 
_diffrn_source.type                        'ALS BEAMLINE 5.0.2' 
_diffrn_source.voltage                     ? 
_diffrn_source.take-off_angle              ? 
_diffrn_source.pdbx_wavelength_list        1 
_diffrn_source.pdbx_wavelength             ? 
_diffrn_source.pdbx_synchrotron_beamline   5.0.2 
_diffrn_source.pdbx_synchrotron_site       ALS 
# 
_reflns.B_iso_Wilson_estimate            100.570 
_reflns.entry_id                         7JHT 
_reflns.data_reduction_details           ? 
_reflns.data_reduction_method            ? 
_reflns.d_resolution_high                3.150 
_reflns.d_resolution_low                 50.000 
_reflns.details                          ? 
_reflns.limit_h_max                      ? 
_reflns.limit_h_min                      ? 
_reflns.limit_k_max                      ? 
_reflns.limit_k_min                      ? 
_reflns.limit_l_max                      ? 
_reflns.limit_l_min                      ? 
_reflns.number_all                       ? 
_reflns.number_obs                       3347 
_reflns.observed_criterion               ? 
_reflns.observed_criterion_F_max         ? 
_reflns.observed_criterion_F_min         ? 
_reflns.observed_criterion_I_max         ? 
_reflns.observed_criterion_I_min         ? 
_reflns.observed_criterion_sigma_F       ? 
_reflns.observed_criterion_sigma_I       ? 
_reflns.percent_possible_obs             81.100 
_reflns.R_free_details                   ? 
_reflns.Rmerge_F_all                     ? 
_reflns.Rmerge_F_obs                     ? 
_reflns.Friedel_coverage                 ? 
_reflns.number_gt                        ? 
_reflns.threshold_expression             ? 
_reflns.pdbx_redundancy                  8.400 
_reflns.pdbx_Rmerge_I_obs                0.116 
_reflns.pdbx_Rmerge_I_all                ? 
_reflns.pdbx_Rsym_value                  ? 
_reflns.pdbx_netI_over_av_sigmaI         ? 
_reflns.pdbx_netI_over_sigmaI            5.600 
_reflns.pdbx_res_netI_over_av_sigmaI_2   ? 
_reflns.pdbx_res_netI_over_sigmaI_2      ? 
_reflns.pdbx_chi_squared                 1.974 
_reflns.pdbx_scaling_rejects             ? 
_reflns.pdbx_d_res_high_opt              ? 
_reflns.pdbx_d_res_low_opt               ? 
_reflns.pdbx_d_res_opt_method            ? 
_reflns.phase_calculation_details        ? 
_reflns.pdbx_Rrim_I_all                  0.123 
_reflns.pdbx_Rpim_I_all                  0.040 
_reflns.pdbx_d_opt                       ? 
_reflns.pdbx_number_measured_all         ? 
_reflns.pdbx_diffrn_id                   1 
_reflns.pdbx_ordinal                     1 
_reflns.pdbx_CC_half                     0.948 
_reflns.pdbx_CC_star                     ? 
_reflns.pdbx_R_split                     ? 
# 
loop_
_reflns_shell.d_res_high 
_reflns_shell.d_res_low 
_reflns_shell.meanI_over_sigI_all 
_reflns_shell.meanI_over_sigI_obs 
_reflns_shell.number_measured_all 
_reflns_shell.number_measured_obs 
_reflns_shell.number_possible 
_reflns_shell.number_unique_all 
_reflns_shell.number_unique_obs 
_reflns_shell.percent_possible_all 
_reflns_shell.percent_possible_obs 
_reflns_shell.Rmerge_F_all 
_reflns_shell.Rmerge_F_obs 
_reflns_shell.Rmerge_I_all 
_reflns_shell.Rmerge_I_obs 
_reflns_shell.meanI_over_sigI_gt 
_reflns_shell.meanI_over_uI_all 
_reflns_shell.meanI_over_uI_gt 
_reflns_shell.number_measured_gt 
_reflns_shell.number_unique_gt 
_reflns_shell.percent_possible_gt 
_reflns_shell.Rmerge_F_gt 
_reflns_shell.Rmerge_I_gt 
_reflns_shell.pdbx_redundancy 
_reflns_shell.pdbx_Rsym_value 
_reflns_shell.pdbx_chi_squared 
_reflns_shell.pdbx_netI_over_sigmaI_all 
_reflns_shell.pdbx_netI_over_sigmaI_obs 
_reflns_shell.pdbx_Rrim_I_all 
_reflns_shell.pdbx_Rpim_I_all 
_reflns_shell.pdbx_rejects 
_reflns_shell.pdbx_ordinal 
_reflns_shell.pdbx_diffrn_id 
_reflns_shell.pdbx_CC_half 
_reflns_shell.pdbx_CC_star 
_reflns_shell.pdbx_R_split 
3.150 3.200  ? ? ? ? ? ? 71  30.900  ? ? ? ? 0.451 ? ? ? ? ? ? ? ? 5.200  ? 0.731 ? ? 0.490 0.187 ? 1  1 0.899 ? ? 
3.200 3.260  ? ? ? ? ? ? 70  34.700  ? ? ? ? 0.275 ? ? ? ? ? ? ? ? 5.700  ? 1.444 ? ? 0.296 0.105 ? 2  1 0.961 ? ? 
3.260 3.330  ? ? ? ? ? ? 83  44.600  ? ? ? ? 0.464 ? ? ? ? ? ? ? ? 4.100  ? 0.579 ? ? 0.516 0.216 ? 3  1 0.888 ? ? 
3.330 3.390  ? ? ? ? ? ? 106 48.800  ? ? ? ? 0.307 ? ? ? ? ? ? ? ? 5.200  ? 1.191 ? ? 0.331 0.119 ? 4  1 0.978 ? ? 
3.390 3.470  ? ? ? ? ? ? 110 51.400  ? ? ? ? 0.456 ? ? ? ? ? ? ? ? 4.600  ? 0.722 ? ? 0.504 0.204 ? 5  1 0.940 ? ? 
3.470 3.550  ? ? ? ? ? ? 126 64.600  ? ? ? ? 0.655 ? ? ? ? ? ? ? ? 4.900  ? 0.541 ? ? 0.720 0.290 ? 6  1 0.775 ? ? 
3.550 3.640  ? ? ? ? ? ? 150 72.500  ? ? ? ? 0.660 ? ? ? ? ? ? ? ? 5.000  ? 0.521 ? ? 0.727 0.292 ? 7  1 0.737 ? ? 
3.640 3.730  ? ? ? ? ? ? 172 83.900  ? ? ? ? 1.418 ? ? ? ? ? ? ? ? 5.200  ? 0.456 ? ? 1.568 0.647 ? 8  1 0.481 ? ? 
3.730 3.840  ? ? ? ? ? ? 204 96.700  ? ? ? ? 0.978 ? ? ? ? ? ? ? ? 6.100  ? 0.424 ? ? 1.066 0.412 ? 9  1 0.591 ? ? 
3.840 3.970  ? ? ? ? ? ? 196 97.500  ? ? ? ? 0.867 ? ? ? ? ? ? ? ? 7.400  ? 0.523 ? ? 0.932 0.333 ? 10 1 0.782 ? ? 
3.970 4.110  ? ? ? ? ? ? 212 100.000 ? ? ? ? 0.654 ? ? ? ? ? ? ? ? 9.500  ? 0.590 ? ? 0.691 0.221 ? 11 1 0.914 ? ? 
4.110 4.270  ? ? ? ? ? ? 208 100.000 ? ? ? ? 0.644 ? ? ? ? ? ? ? ? 10.000 ? 0.589 ? ? 0.679 0.212 ? 12 1 0.881 ? ? 
4.270 4.470  ? ? ? ? ? ? 195 100.000 ? ? ? ? 0.700 ? ? ? ? ? ? ? ? 10.400 ? 0.572 ? ? 0.736 0.227 ? 13 1 0.881 ? ? 
4.470 4.700  ? ? ? ? ? ? 206 100.000 ? ? ? ? 0.495 ? ? ? ? ? ? ? ? 10.200 ? 0.668 ? ? 0.520 0.161 ? 14 1 0.932 ? ? 
4.700 5.000  ? ? ? ? ? ? 210 100.000 ? ? ? ? 0.288 ? ? ? ? ? ? ? ? 9.900  ? 1.004 ? ? 0.303 0.096 ? 15 1 0.961 ? ? 
5.000 5.380  ? ? ? ? ? ? 208 100.000 ? ? ? ? 0.218 ? ? ? ? ? ? ? ? 10.200 ? 2.126 ? ? 0.230 0.072 ? 16 1 0.961 ? ? 
5.380 5.930  ? ? ? ? ? ? 196 100.000 ? ? ? ? 0.180 ? ? ? ? ? ? ? ? 10.900 ? 2.770 ? ? 0.189 0.057 ? 17 1 0.982 ? ? 
5.930 6.780  ? ? ? ? ? ? 216 100.000 ? ? ? ? 0.157 ? ? ? ? ? ? ? ? 10.600 ? 3.077 ? ? 0.165 0.050 ? 18 1 0.985 ? ? 
6.780 8.540  ? ? ? ? ? ? 204 100.000 ? ? ? ? 0.124 ? ? ? ? ? ? ? ? 9.900  ? 5.452 ? ? 0.131 0.041 ? 19 1 0.994 ? ? 
8.540 50.000 ? ? ? ? ? ? 204 99.000  ? ? ? ? 0.085 ? ? ? ? ? ? ? ? 10.300 ? 6.908 ? ? 0.090 0.029 ? 20 1 0.998 ? ? 
# 
_refine.aniso_B[1][1]                            ? 
_refine.aniso_B[1][2]                            ? 
_refine.aniso_B[1][3]                            ? 
_refine.aniso_B[2][2]                            ? 
_refine.aniso_B[2][3]                            ? 
_refine.aniso_B[3][3]                            ? 
_refine.B_iso_max                                223.340 
_refine.B_iso_mean                               156.6449 
_refine.B_iso_min                                93.810 
_refine.correlation_coeff_Fo_to_Fc               ? 
_refine.correlation_coeff_Fo_to_Fc_free          ? 
_refine.details                                  ? 
_refine.diff_density_max                         ? 
_refine.diff_density_max_esd                     ? 
_refine.diff_density_min                         ? 
_refine.diff_density_min_esd                     ? 
_refine.diff_density_rms                         ? 
_refine.diff_density_rms_esd                     ? 
_refine.entry_id                                 7JHT 
_refine.pdbx_refine_id                           'X-RAY DIFFRACTION' 
_refine.ls_abs_structure_details                 ? 
_refine.ls_abs_structure_Flack                   ? 
_refine.ls_abs_structure_Flack_esd               ? 
_refine.ls_abs_structure_Rogers                  ? 
_refine.ls_abs_structure_Rogers_esd              ? 
_refine.ls_d_res_high                            3.1900 
_refine.ls_d_res_low                             44.3580 
_refine.ls_extinction_coef                       ? 
_refine.ls_extinction_coef_esd                   ? 
_refine.ls_extinction_expression                 ? 
_refine.ls_extinction_method                     ? 
_refine.ls_goodness_of_fit_all                   ? 
_refine.ls_goodness_of_fit_all_esd               ? 
_refine.ls_goodness_of_fit_obs                   ? 
_refine.ls_goodness_of_fit_obs_esd               ? 
_refine.ls_hydrogen_treatment                    ? 
_refine.ls_matrix_type                           ? 
_refine.ls_number_constraints                    ? 
_refine.ls_number_parameters                     ? 
_refine.ls_number_reflns_all                     ? 
_refine.ls_number_reflns_obs                     3321 
_refine.ls_number_reflns_R_free                  163 
_refine.ls_number_reflns_R_work                  3158 
_refine.ls_number_restraints                     ? 
_refine.ls_percent_reflns_obs                    79.9300 
_refine.ls_percent_reflns_R_free                 4.9100 
_refine.ls_R_factor_all                          ? 
_refine.ls_R_factor_obs                          0.2236 
_refine.ls_R_factor_R_free                       0.2584 
_refine.ls_R_factor_R_free_error                 ? 
_refine.ls_R_factor_R_free_error_details         ? 
_refine.ls_R_factor_R_work                       0.2217 
_refine.ls_R_Fsqd_factor_obs                     ? 
_refine.ls_R_I_factor_obs                        ? 
_refine.ls_redundancy_reflns_all                 ? 
_refine.ls_redundancy_reflns_obs                 ? 
_refine.ls_restrained_S_all                      ? 
_refine.ls_restrained_S_obs                      ? 
_refine.ls_shift_over_esd_max                    ? 
_refine.ls_shift_over_esd_mean                   ? 
_refine.ls_structure_factor_coef                 ? 
_refine.ls_weighting_details                     ? 
_refine.ls_weighting_scheme                      ? 
_refine.ls_wR_factor_all                         ? 
_refine.ls_wR_factor_obs                         ? 
_refine.ls_wR_factor_R_free                      ? 
_refine.ls_wR_factor_R_work                      ? 
_refine.occupancy_max                            ? 
_refine.occupancy_min                            ? 
_refine.solvent_model_details                    'FLAT BULK SOLVENT MODEL' 
_refine.solvent_model_param_bsol                 ? 
_refine.solvent_model_param_ksol                 ? 
_refine.pdbx_R_complete                          ? 
_refine.ls_R_factor_gt                           ? 
_refine.ls_goodness_of_fit_gt                    ? 
_refine.ls_goodness_of_fit_ref                   ? 
_refine.ls_shift_over_su_max                     ? 
_refine.ls_shift_over_su_max_lt                  ? 
_refine.ls_shift_over_su_mean                    ? 
_refine.ls_shift_over_su_mean_lt                 ? 
_refine.pdbx_ls_sigma_I                          ? 
_refine.pdbx_ls_sigma_F                          1.960 
_refine.pdbx_ls_sigma_Fsqd                       ? 
_refine.pdbx_data_cutoff_high_absF               ? 
_refine.pdbx_data_cutoff_high_rms_absF           ? 
_refine.pdbx_data_cutoff_low_absF                ? 
_refine.pdbx_isotropic_thermal_model             ? 
_refine.pdbx_ls_cross_valid_method               THROUGHOUT 
_refine.pdbx_method_to_determine_struct          'MOLECULAR REPLACEMENT' 
_refine.pdbx_starting_model                      6XNA 
_refine.pdbx_stereochemistry_target_values       ML 
_refine.pdbx_R_Free_selection_details            ? 
_refine.pdbx_stereochem_target_val_spec_case     ? 
_refine.pdbx_overall_ESU_R                       ? 
_refine.pdbx_overall_ESU_R_Free                  ? 
_refine.pdbx_solvent_vdw_probe_radii             1.1100 
_refine.pdbx_solvent_ion_probe_radii             ? 
_refine.pdbx_solvent_shrinkage_radii             0.9000 
_refine.pdbx_real_space_R                        ? 
_refine.pdbx_density_correlation                 ? 
_refine.pdbx_pd_number_of_powder_patterns        ? 
_refine.pdbx_pd_number_of_points                 ? 
_refine.pdbx_pd_meas_number_of_points            ? 
_refine.pdbx_pd_proc_ls_prof_R_factor            ? 
_refine.pdbx_pd_proc_ls_prof_wR_factor           ? 
_refine.pdbx_pd_Marquardt_correlation_coeff      ? 
_refine.pdbx_pd_Fsqrd_R_factor                   ? 
_refine.pdbx_pd_ls_matrix_band_width             ? 
_refine.pdbx_overall_phase_error                 32.4100 
_refine.pdbx_overall_SU_R_free_Cruickshank_DPI   ? 
_refine.pdbx_overall_SU_R_free_Blow_DPI          ? 
_refine.pdbx_overall_SU_R_Blow_DPI               ? 
_refine.pdbx_TLS_residual_ADP_flag               ? 
_refine.pdbx_diffrn_id                           1 
_refine.overall_SU_B                             ? 
_refine.overall_SU_ML                            0.2100 
_refine.overall_SU_R_Cruickshank_DPI             ? 
_refine.overall_SU_R_free                        ? 
_refine.overall_FOM_free_R_set                   ? 
_refine.overall_FOM_work_R_set                   ? 
_refine.pdbx_average_fsc_overall                 ? 
_refine.pdbx_average_fsc_work                    ? 
_refine.pdbx_average_fsc_free                    ? 
# 
_refine_hist.pdbx_refine_id                   'X-RAY DIFFRACTION' 
_refine_hist.cycle_id                         final 
_refine_hist.details                          ? 
_refine_hist.d_res_high                       3.1900 
_refine_hist.d_res_low                        44.3580 
_refine_hist.number_atoms_solvent             0 
_refine_hist.number_atoms_total               856 
_refine_hist.number_reflns_all                ? 
_refine_hist.number_reflns_obs                ? 
_refine_hist.number_reflns_R_free             ? 
_refine_hist.number_reflns_R_work             ? 
_refine_hist.R_factor_all                     ? 
_refine_hist.R_factor_obs                     ? 
_refine_hist.R_factor_R_free                  ? 
_refine_hist.R_factor_R_work                  ? 
_refine_hist.pdbx_number_residues_total       42 
_refine_hist.pdbx_B_iso_mean_ligand           217.11 
_refine_hist.pdbx_B_iso_mean_solvent          ? 
_refine_hist.pdbx_number_atoms_protein        0 
_refine_hist.pdbx_number_atoms_nucleic_acid   855 
_refine_hist.pdbx_number_atoms_ligand         1 
_refine_hist.pdbx_number_atoms_lipid          ? 
_refine_hist.pdbx_number_atoms_carb           ? 
_refine_hist.pdbx_pseudo_atom_details         ? 
# 
loop_
_refine_ls_restr.pdbx_refine_id 
_refine_ls_restr.criterion 
_refine_ls_restr.dev_ideal 
_refine_ls_restr.dev_ideal_target 
_refine_ls_restr.number 
_refine_ls_restr.rejects 
_refine_ls_restr.type 
_refine_ls_restr.weight 
_refine_ls_restr.pdbx_restraint_function 
'X-RAY DIFFRACTION' ? 0.005  ? 956  ? f_bond_d           ? ? 
'X-RAY DIFFRACTION' ? 0.679  ? 1467 ? f_angle_d          ? ? 
'X-RAY DIFFRACTION' ? 0.033  ? 166  ? f_chiral_restr     ? ? 
'X-RAY DIFFRACTION' ? 0.003  ? 42   ? f_plane_restr      ? ? 
'X-RAY DIFFRACTION' ? 36.150 ? 406  ? f_dihedral_angle_d ? ? 
# 
_refine_ls_shell.pdbx_refine_id                   'X-RAY DIFFRACTION' 
_refine_ls_shell.d_res_high                       3.1901 
_refine_ls_shell.d_res_low                        ? 
_refine_ls_shell.number_reflns_all                ? 
_refine_ls_shell.number_reflns_obs                ? 
_refine_ls_shell.number_reflns_R_free             163 
_refine_ls_shell.number_reflns_R_work             3158 
_refine_ls_shell.percent_reflns_obs               80.0000 
_refine_ls_shell.percent_reflns_R_free            ? 
_refine_ls_shell.R_factor_all                     ? 
_refine_ls_shell.R_factor_obs                     ? 
_refine_ls_shell.R_factor_R_free                  0.2584 
_refine_ls_shell.R_factor_R_free_error            0.0000 
_refine_ls_shell.R_factor_R_work                  0.2217 
_refine_ls_shell.redundancy_reflns_all            ? 
_refine_ls_shell.redundancy_reflns_obs            ? 
_refine_ls_shell.wR_factor_all                    ? 
_refine_ls_shell.wR_factor_obs                    ? 
_refine_ls_shell.wR_factor_R_free                 ? 
_refine_ls_shell.wR_factor_R_work                 ? 
_refine_ls_shell.pdbx_R_complete                  ? 
_refine_ls_shell.pdbx_total_number_of_bins_used   ? 
_refine_ls_shell.pdbx_phase_error                 ? 
_refine_ls_shell.pdbx_fsc_work                    ? 
_refine_ls_shell.pdbx_fsc_free                    ? 
# 
_struct.entry_id                     7JHT 
_struct.title                        
'Self-assembly of a 3D DNA crystal lattice (4x6 junction version) containing the J31 immobile Holliday junction with R3 symmetry' 
_struct.pdbx_model_details           ? 
_struct.pdbx_formula_weight          ? 
_struct.pdbx_formula_weight_method   ? 
_struct.pdbx_model_type_details      ? 
_struct.pdbx_CASP_flag               N 
# 
_struct_keywords.entry_id        7JHT 
_struct_keywords.text            
'Structural DNA nanotechnology, immobile Holliday junctions, 3D DNA self-assembly, designer DNA crystals, DNA' 
_struct_keywords.pdbx_keywords   DNA 
# 
loop_
_struct_asym.id 
_struct_asym.pdbx_blank_PDB_chainid_flag 
_struct_asym.pdbx_modified 
_struct_asym.entity_id 
_struct_asym.details 
A N N 1 ? 
B N N 2 ? 
C N N 3 ? 
D N N 4 ? 
E N N 5 ? 
# 
loop_
_struct_conn.id 
_struct_conn.conn_type_id 
_struct_conn.pdbx_leaving_atom_flag 
_struct_conn.pdbx_PDB_id 
_struct_conn.ptnr1_label_asym_id 
_struct_conn.ptnr1_label_comp_id 
_struct_conn.ptnr1_label_seq_id 
_struct_conn.ptnr1_label_atom_id 
_struct_conn.pdbx_ptnr1_label_alt_id 
_struct_conn.pdbx_ptnr1_PDB_ins_code 
_struct_conn.pdbx_ptnr1_standard_comp_id 
_struct_conn.ptnr1_symmetry 
_struct_conn.ptnr2_label_asym_id 
_struct_conn.ptnr2_label_comp_id 
_struct_conn.ptnr2_label_seq_id 
_struct_conn.ptnr2_label_atom_id 
_struct_conn.pdbx_ptnr2_label_alt_id 
_struct_conn.pdbx_ptnr2_PDB_ins_code 
_struct_conn.ptnr1_auth_asym_id 
_struct_conn.ptnr1_auth_comp_id 
_struct_conn.ptnr1_auth_seq_id 
_struct_conn.ptnr2_auth_asym_id 
_struct_conn.ptnr2_auth_comp_id 
_struct_conn.ptnr2_auth_seq_id 
_struct_conn.ptnr2_symmetry 
_struct_conn.pdbx_ptnr3_label_atom_id 
_struct_conn.pdbx_ptnr3_label_seq_id 
_struct_conn.pdbx_ptnr3_label_comp_id 
_struct_conn.pdbx_ptnr3_label_asym_id 
_struct_conn.pdbx_ptnr3_label_alt_id 
_struct_conn.pdbx_ptnr3_PDB_ins_code 
_struct_conn.details 
_struct_conn.pdbx_dist_value 
_struct_conn.pdbx_value_order 
_struct_conn.pdbx_role 
hydrog1  hydrog ? ? A DC 4  N3 ? ? ? 1_555 D DG 14 N1 ? ? A DC 4  D DG 15 1_555 ? ? ? ? ? ? WATSON-CRICK ? ? ? 
hydrog2  hydrog ? ? A DC 4  N4 ? ? ? 1_555 D DG 14 O6 ? ? A DC 4  D DG 15 1_555 ? ? ? ? ? ? WATSON-CRICK ? ? ? 
hydrog3  hydrog ? ? A DC 4  O2 ? ? ? 1_555 D DG 14 N2 ? ? A DC 4  D DG 15 1_555 ? ? ? ? ? ? WATSON-CRICK ? ? ? 
hydrog4  hydrog ? ? A DA 5  N1 ? ? ? 1_555 D DT 13 N3 ? ? A DA 5  D DT 14 1_555 ? ? ? ? ? ? WATSON-CRICK ? ? ? 
hydrog5  hydrog ? ? A DA 5  N6 ? ? ? 1_555 D DT 13 O4 ? ? A DA 5  D DT 14 1_555 ? ? ? ? ? ? WATSON-CRICK ? ? ? 
hydrog6  hydrog ? ? A DG 6  N1 ? ? ? 1_555 D DC 12 N3 ? ? A DG 6  D DC 13 1_555 ? ? ? ? ? ? WATSON-CRICK ? ? ? 
hydrog7  hydrog ? ? A DG 6  N2 ? ? ? 1_555 D DC 12 O2 ? ? A DG 6  D DC 13 1_555 ? ? ? ? ? ? WATSON-CRICK ? ? ? 
hydrog8  hydrog ? ? A DG 6  O6 ? ? ? 1_555 D DC 12 N4 ? ? A DG 6  D DC 13 1_555 ? ? ? ? ? ? WATSON-CRICK ? ? ? 
hydrog9  hydrog ? ? A DA 7  N1 ? ? ? 1_555 D DT 11 N3 ? ? A DA 7  D DT 12 1_555 ? ? ? ? ? ? WATSON-CRICK ? ? ? 
hydrog10 hydrog ? ? A DA 7  N6 ? ? ? 1_555 D DT 11 O4 ? ? A DA 7  D DT 12 1_555 ? ? ? ? ? ? WATSON-CRICK ? ? ? 
hydrog11 hydrog ? ? A DC 8  N3 ? ? ? 1_555 D DG 10 N1 ? ? A DC 8  D DG 11 1_555 ? ? ? ? ? ? WATSON-CRICK ? ? ? 
hydrog12 hydrog ? ? A DC 8  N4 ? ? ? 1_555 D DG 10 O6 ? ? A DC 8  D DG 11 1_555 ? ? ? ? ? ? WATSON-CRICK ? ? ? 
hydrog13 hydrog ? ? A DC 8  O2 ? ? ? 1_555 D DG 10 N2 ? ? A DC 8  D DG 11 1_555 ? ? ? ? ? ? WATSON-CRICK ? ? ? 
hydrog14 hydrog ? ? A DC 9  N3 ? ? ? 1_555 D DG 9  N1 ? ? A DC 9  D DG 10 1_555 ? ? ? ? ? ? WATSON-CRICK ? ? ? 
hydrog15 hydrog ? ? A DC 9  N4 ? ? ? 1_555 D DG 9  O6 ? ? A DC 9  D DG 10 1_555 ? ? ? ? ? ? WATSON-CRICK ? ? ? 
hydrog16 hydrog ? ? A DC 9  O2 ? ? ? 1_555 D DG 9  N2 ? ? A DC 9  D DG 10 1_555 ? ? ? ? ? ? WATSON-CRICK ? ? ? 
hydrog17 hydrog ? ? A DA 10 N1 ? ? ? 1_555 C DT 3  N3 ? ? A DA 10 C DT 2  1_555 ? ? ? ? ? ? WATSON-CRICK ? ? ? 
hydrog18 hydrog ? ? A DA 10 N6 ? ? ? 1_555 C DT 3  O4 ? ? A DA 10 C DT 2  1_555 ? ? ? ? ? ? WATSON-CRICK ? ? ? 
hydrog19 hydrog ? ? A DG 11 N1 ? ? ? 1_555 C DC 2  N3 ? ? A DG 11 C DC 1  1_555 ? ? ? ? ? ? WATSON-CRICK ? ? ? 
hydrog20 hydrog ? ? A DG 11 N2 ? ? ? 1_555 C DC 2  O2 ? ? A DG 11 C DC 1  1_555 ? ? ? ? ? ? WATSON-CRICK ? ? ? 
hydrog21 hydrog ? ? A DG 11 O6 ? ? ? 1_555 C DC 2  N4 ? ? A DG 11 C DC 1  1_555 ? ? ? ? ? ? WATSON-CRICK ? ? ? 
hydrog22 hydrog ? ? A DA 12 N1 ? ? ? 1_555 C DT 1  N3 ? ? A DA 12 C DT 0  1_555 ? ? ? ? ? ? WATSON-CRICK ? ? ? 
hydrog23 hydrog ? ? A DA 12 N6 ? ? ? 1_555 C DT 1  O4 ? ? A DA 12 C DT 0  1_555 ? ? ? ? ? ? WATSON-CRICK ? ? ? 
hydrog24 hydrog ? ? B DC 1  N3 ? ? ? 1_555 C DG 6  N1 ? ? B DC 12 C DG 5  1_555 ? ? ? ? ? ? WATSON-CRICK ? ? ? 
hydrog25 hydrog ? ? B DC 1  N4 ? ? ? 1_555 C DG 6  O6 ? ? B DC 12 C DG 5  1_555 ? ? ? ? ? ? WATSON-CRICK ? ? ? 
hydrog26 hydrog ? ? B DC 1  O2 ? ? ? 1_555 C DG 6  N2 ? ? B DC 12 C DG 5  1_555 ? ? ? ? ? ? WATSON-CRICK ? ? ? 
hydrog27 hydrog ? ? B DG 2  N1 ? ? ? 1_555 C DC 5  N3 ? ? B DG 13 C DC 4  1_555 ? ? ? ? ? ? WATSON-CRICK ? ? ? 
hydrog28 hydrog ? ? B DG 2  N2 ? ? ? 1_555 C DC 5  O2 ? ? B DG 13 C DC 4  1_555 ? ? ? ? ? ? WATSON-CRICK ? ? ? 
hydrog29 hydrog ? ? B DG 2  O6 ? ? ? 1_555 C DC 5  N4 ? ? B DG 13 C DC 4  1_555 ? ? ? ? ? ? WATSON-CRICK ? ? ? 
hydrog30 hydrog ? ? B DG 3  N1 ? ? ? 1_555 C DC 4  N3 ? ? B DG 14 C DC 3  1_555 ? ? ? ? ? ? WATSON-CRICK ? ? ? 
hydrog31 hydrog ? ? B DG 3  N2 ? ? ? 1_555 C DC 4  O2 ? ? B DG 14 C DC 3  1_555 ? ? ? ? ? ? WATSON-CRICK ? ? ? 
hydrog32 hydrog ? ? B DG 3  O6 ? ? ? 1_555 C DC 4  N4 ? ? B DG 14 C DC 3  1_555 ? ? ? ? ? ? WATSON-CRICK ? ? ? 
hydrog33 hydrog ? ? B DC 4  N3 ? ? ? 1_555 D DG 8  N1 ? ? B DC 15 D DG 9  1_555 ? ? ? ? ? ? WATSON-CRICK ? ? ? 
hydrog34 hydrog ? ? B DC 4  N4 ? ? ? 1_555 D DG 8  O6 ? ? B DC 15 D DG 9  1_555 ? ? ? ? ? ? WATSON-CRICK ? ? ? 
hydrog35 hydrog ? ? B DC 4  O2 ? ? ? 1_555 D DG 8  N2 ? ? B DC 15 D DG 9  1_555 ? ? ? ? ? ? WATSON-CRICK ? ? ? 
hydrog36 hydrog ? ? B DA 5  N1 ? ? ? 1_555 D DT 7  N3 ? ? B DA 16 D DT 8  1_555 ? ? ? ? ? ? WATSON-CRICK ? ? ? 
hydrog37 hydrog ? ? B DA 5  N6 ? ? ? 1_555 D DT 7  O4 ? ? B DA 16 D DT 8  1_555 ? ? ? ? ? ? WATSON-CRICK ? ? ? 
hydrog38 hydrog ? ? B DC 6  N3 ? ? ? 1_555 D DG 6  N1 ? ? B DC 17 D DG 7  1_555 ? ? ? ? ? ? WATSON-CRICK ? ? ? 
hydrog39 hydrog ? ? B DC 6  N4 ? ? ? 1_555 D DG 6  O6 ? ? B DC 17 D DG 7  1_555 ? ? ? ? ? ? WATSON-CRICK ? ? ? 
hydrog40 hydrog ? ? B DC 6  O2 ? ? ? 1_555 D DG 6  N2 ? ? B DC 17 D DG 7  1_555 ? ? ? ? ? ? WATSON-CRICK ? ? ? 
hydrog41 hydrog ? ? B DT 7  N3 ? ? ? 1_555 D DA 5  N1 ? ? B DT 18 D DA 6  1_555 ? ? ? ? ? ? WATSON-CRICK ? ? ? 
hydrog42 hydrog ? ? B DT 7  O4 ? ? ? 1_555 D DA 5  N6 ? ? B DT 18 D DA 6  1_555 ? ? ? ? ? ? WATSON-CRICK ? ? ? 
hydrog43 hydrog ? ? B DC 8  N3 ? ? ? 1_555 D DG 4  N1 ? ? B DC 19 D DG 5  1_555 ? ? ? ? ? ? WATSON-CRICK ? ? ? 
hydrog44 hydrog ? ? B DC 8  N4 ? ? ? 1_555 D DG 4  O6 ? ? B DC 19 D DG 5  1_555 ? ? ? ? ? ? WATSON-CRICK ? ? ? 
hydrog45 hydrog ? ? B DC 8  O2 ? ? ? 1_555 D DG 4  N2 ? ? B DC 19 D DG 5  1_555 ? ? ? ? ? ? WATSON-CRICK ? ? ? 
# 
_struct_conn_type.id          hydrog 
_struct_conn_type.criteria    ? 
_struct_conn_type.reference   ? 
# 
_atom_sites.entry_id                    7JHT 
_atom_sites.Cartn_transf_matrix[1][1]   ? 
_atom_sites.Cartn_transf_matrix[1][2]   ? 
_atom_sites.Cartn_transf_matrix[1][3]   ? 
_atom_sites.Cartn_transf_matrix[2][1]   ? 
_atom_sites.Cartn_transf_matrix[2][2]   ? 
_atom_sites.Cartn_transf_matrix[2][3]   ? 
_atom_sites.Cartn_transf_matrix[3][1]   ? 
_atom_sites.Cartn_transf_matrix[3][2]   ? 
_atom_sites.Cartn_transf_matrix[3][3]   ? 
_atom_sites.Cartn_transf_vector[1]      ? 
_atom_sites.Cartn_transf_vector[2]      ? 
_atom_sites.Cartn_transf_vector[3]      ? 
_atom_sites.fract_transf_matrix[1][1]   0.00912976 
_atom_sites.fract_transf_matrix[1][2]   0.00249634 
_atom_sites.fract_transf_matrix[1][3]   -0.00306181 
_atom_sites.fract_transf_matrix[2][1]   0.00232656 
_atom_sites.fract_transf_matrix[2][2]   -0.00053235 
_atom_sites.fract_transf_matrix[2][3]   -0.00965745 
_atom_sites.fract_transf_matrix[3][1]   -0.00607583 
_atom_sites.fract_transf_matrix[3][2]   0.01913206 
_atom_sites.fract_transf_matrix[3][3]   -0.00251834 
_atom_sites.fract_transf_vector[1]      0.169362 
_atom_sites.fract_transf_vector[2]      0.342576 
_atom_sites.fract_transf_vector[3]      -0.005691 
_atom_sites.solution_primary            ? 
_atom_sites.solution_secondary          ? 
_atom_sites.solution_hydrogens          ? 
_atom_sites.special_details             ? 
# 
loop_
_atom_type.symbol 
AS 
C  
N  
O  
P  
# 
loop_
_atom_site.group_PDB 
_atom_site.id 
_atom_site.type_symbol 
_atom_site.label_atom_id 
_atom_site.label_alt_id 
_atom_site.label_comp_id 
_atom_site.label_asym_id 
_atom_site.label_entity_id 
_atom_site.label_seq_id 
_atom_site.pdbx_PDB_ins_code 
_atom_site.Cartn_x 
_atom_site.Cartn_y 
_atom_site.Cartn_z 
_atom_site.occupancy 
_atom_site.B_iso_or_equiv 
_atom_site.pdbx_formal_charge 
_atom_site.auth_seq_id 
_atom_site.auth_comp_id 
_atom_site.auth_asym_id 
_atom_site.auth_atom_id 
_atom_site.pdbx_PDB_model_num 
ATOM   1   O  "O5'" . DG  A 1 1  ? 11.896  24.752  -14.170 1.00 189.94 ? 1   DG  A "O5'" 1 
ATOM   2   C  "C5'" . DG  A 1 1  ? 10.516  24.524  -14.418 1.00 195.00 ? 1   DG  A "C5'" 1 
ATOM   3   C  "C4'" . DG  A 1 1  ? 10.213  23.040  -14.468 1.00 196.81 ? 1   DG  A "C4'" 1 
ATOM   4   O  "O4'" . DG  A 1 1  ? 10.740  22.402  -13.278 1.00 191.05 ? 1   DG  A "O4'" 1 
ATOM   5   C  "C3'" . DG  A 1 1  ? 8.735   22.690  -14.470 1.00 195.62 ? 1   DG  A "C3'" 1 
ATOM   6   O  "O3'" . DG  A 1 1  ? 8.553   21.386  -15.033 1.00 206.11 ? 1   DG  A "O3'" 1 
ATOM   7   C  "C2'" . DG  A 1 1  ? 8.417   22.721  -12.983 1.00 181.74 ? 1   DG  A "C2'" 1 
ATOM   8   C  "C1'" . DG  A 1 1  ? 9.679   22.102  -12.389 1.00 180.35 ? 1   DG  A "C1'" 1 
ATOM   9   N  N9    . DG  A 1 1  ? 10.010  22.629  -11.074 1.00 176.34 ? 1   DG  A N9    1 
ATOM   10  C  C8    . DG  A 1 1  ? 9.517   23.774  -10.494 1.00 175.03 ? 1   DG  A C8    1 
ATOM   11  N  N7    . DG  A 1 1  ? 9.984   23.993  -9.299  1.00 171.35 ? 1   DG  A N7    1 
ATOM   12  C  C5    . DG  A 1 1  ? 10.840  22.925  -9.068  1.00 173.73 ? 1   DG  A C5    1 
ATOM   13  C  C6    . DG  A 1 1  ? 11.632  22.626  -7.939  1.00 178.39 ? 1   DG  A C6    1 
ATOM   14  O  O6    . DG  A 1 1  ? 11.739  23.269  -6.884  1.00 183.13 ? 1   DG  A O6    1 
ATOM   15  N  N1    . DG  A 1 1  ? 12.357  21.448  -8.115  1.00 181.66 ? 1   DG  A N1    1 
ATOM   16  C  C2    . DG  A 1 1  ? 12.311  20.658  -9.239  1.00 177.92 ? 1   DG  A C2    1 
ATOM   17  N  N2    . DG  A 1 1  ? 13.082  19.559  -9.224  1.00 171.80 ? 1   DG  A N2    1 
ATOM   18  N  N3    . DG  A 1 1  ? 11.576  20.930  -10.310 1.00 175.37 ? 1   DG  A N3    1 
ATOM   19  C  C4    . DG  A 1 1  ? 10.867  22.076  -10.153 1.00 175.98 ? 1   DG  A C4    1 
ATOM   20  P  P     . DA  A 1 2  ? 7.228   20.522  -14.739 1.00 199.90 ? 2   DA  A P     1 
ATOM   21  O  OP1   . DA  A 1 2  ? 7.060   19.611  -15.893 1.00 185.33 ? 2   DA  A OP1   1 
ATOM   22  O  OP2   . DA  A 1 2  ? 6.105   21.402  -14.347 1.00 183.45 ? 2   DA  A OP2   1 
ATOM   23  O  "O5'" . DA  A 1 2  ? 7.638   19.624  -13.489 1.00 180.37 ? 2   DA  A "O5'" 1 
ATOM   24  C  "C5'" . DA  A 1 2  ? 7.541   18.223  -13.593 1.00 185.76 ? 2   DA  A "C5'" 1 
ATOM   25  C  "C4'" . DA  A 1 2  ? 8.752   17.545  -12.991 1.00 185.97 ? 2   DA  A "C4'" 1 
ATOM   26  O  "O4'" . DA  A 1 2  ? 9.366   18.428  -12.016 1.00 181.17 ? 2   DA  A "O4'" 1 
ATOM   27  C  "C3'" . DA  A 1 2  ? 8.426   16.273  -12.228 1.00 192.39 ? 2   DA  A "C3'" 1 
ATOM   28  O  "O3'" . DA  A 1 2  ? 9.530   15.391  -12.228 1.00 185.42 ? 2   DA  A "O3'" 1 
ATOM   29  C  "C2'" . DA  A 1 2  ? 8.146   16.807  -10.835 1.00 186.69 ? 2   DA  A "C2'" 1 
ATOM   30  C  "C1'" . DA  A 1 2  ? 9.210   17.886  -10.719 1.00 176.71 ? 2   DA  A "C1'" 1 
ATOM   31  N  N9    . DA  A 1 2  ? 8.841   18.959  -9.808  1.00 177.47 ? 2   DA  A N9    1 
ATOM   32  C  C8    . DA  A 1 2  ? 7.966   19.983  -10.047 1.00 182.50 ? 2   DA  A C8    1 
ATOM   33  N  N7    . DA  A 1 2  ? 7.828   20.807  -9.035  1.00 181.70 ? 2   DA  A N7    1 
ATOM   34  C  C5    . DA  A 1 2  ? 8.670   20.286  -8.066  1.00 174.09 ? 2   DA  A C5    1 
ATOM   35  C  C6    . DA  A 1 2  ? 8.980   20.698  -6.754  1.00 173.23 ? 2   DA  A C6    1 
ATOM   36  N  N6    . DA  A 1 2  ? 8.448   21.780  -6.176  1.00 172.77 ? 2   DA  A N6    1 
ATOM   37  N  N1    . DA  A 1 2  ? 9.860   19.951  -6.057  1.00 177.74 ? 2   DA  A N1    1 
ATOM   38  C  C2    . DA  A 1 2  ? 10.394  18.869  -6.640  1.00 177.03 ? 2   DA  A C2    1 
ATOM   39  N  N3    . DA  A 1 2  ? 10.179  18.383  -7.860  1.00 172.19 ? 2   DA  A N3    1 
ATOM   40  C  C4    . DA  A 1 2  ? 9.300   19.146  -8.527  1.00 173.83 ? 2   DA  A C4    1 
ATOM   41  P  P     . DG  A 1 3  ? 9.280   13.825  -11.981 1.00 179.75 ? 3   DG  A P     1 
ATOM   42  O  OP1   . DG  A 1 3  ? 9.621   13.104  -13.227 1.00 179.74 ? 3   DG  A OP1   1 
ATOM   43  O  OP2   . DG  A 1 3  ? 7.922   13.687  -11.409 1.00 177.20 ? 3   DG  A OP2   1 
ATOM   44  O  "O5'" . DG  A 1 3  ? 10.324  13.444  -10.837 1.00 166.77 ? 3   DG  A "O5'" 1 
ATOM   45  C  "C5'" . DG  A 1 3  ? 10.438  12.098  -10.413 1.00 166.51 ? 3   DG  A "C5'" 1 
ATOM   46  C  "C4'" . DG  A 1 3  ? 10.708  12.028  -8.924  1.00 173.70 ? 3   DG  A "C4'" 1 
ATOM   47  O  "O4'" . DG  A 1 3  ? 10.506  13.341  -8.335  1.00 173.21 ? 3   DG  A "O4'" 1 
ATOM   48  C  "C3'" . DG  A 1 3  ? 9.794   11.078  -8.148  1.00 172.65 ? 3   DG  A "C3'" 1 
ATOM   49  O  "O3'" . DG  A 1 3  ? 10.512  10.473  -7.090  1.00 171.61 ? 3   DG  A "O3'" 1 
ATOM   50  C  "C2'" . DG  A 1 3  ? 8.731   12.019  -7.610  1.00 175.95 ? 3   DG  A "C2'" 1 
ATOM   51  C  "C1'" . DG  A 1 3  ? 9.583   13.231  -7.278  1.00 171.99 ? 3   DG  A "C1'" 1 
ATOM   52  N  N9    . DG  A 1 3  ? 8.821   14.468  -7.180  1.00 173.16 ? 3   DG  A N9    1 
ATOM   53  C  C8    . DG  A 1 3  ? 7.961   14.991  -8.114  1.00 166.68 ? 3   DG  A C8    1 
ATOM   54  N  N7    . DG  A 1 3  ? 7.413   16.116  -7.742  1.00 165.48 ? 3   DG  A N7    1 
ATOM   55  C  C5    . DG  A 1 3  ? 7.942   16.349  -6.480  1.00 170.15 ? 3   DG  A C5    1 
ATOM   56  C  C6    . DG  A 1 3  ? 7.717   17.415  -5.576  1.00 168.29 ? 3   DG  A C6    1 
ATOM   57  O  O6    . DG  A 1 3  ? 6.984   18.404  -5.719  1.00 166.10 ? 3   DG  A O6    1 
ATOM   58  N  N1    . DG  A 1 3  ? 8.458   17.261  -4.407  1.00 166.38 ? 3   DG  A N1    1 
ATOM   59  C  C2    . DG  A 1 3  ? 9.304   16.206  -4.144  1.00 166.23 ? 3   DG  A C2    1 
ATOM   60  N  N2    . DG  A 1 3  ? 9.931   16.225  -2.960  1.00 166.08 ? 3   DG  A N2    1 
ATOM   61  N  N3    . DG  A 1 3  ? 9.520   15.204  -4.981  1.00 164.06 ? 3   DG  A N3    1 
ATOM   62  C  C4    . DG  A 1 3  ? 8.809   15.341  -6.123  1.00 170.78 ? 3   DG  A C4    1 
ATOM   63  P  P     . DC  A 1 4  ? 10.677  8.877   -7.044  1.00 177.88 ? 4   DC  A P     1 
ATOM   64  O  OP1   . DC  A 1 4  ? 12.126  8.578   -6.991  1.00 189.78 ? 4   DC  A OP1   1 
ATOM   65  O  OP2   . DC  A 1 4  ? 9.851   8.326   -8.142  1.00 178.74 ? 4   DC  A OP2   1 
ATOM   66  O  "O5'" . DC  A 1 4  ? 10.018  8.461   -5.648  1.00 178.09 ? 4   DC  A "O5'" 1 
ATOM   67  C  "C5'" . DC  A 1 4  ? 8.887   9.168   -5.156  1.00 173.53 ? 4   DC  A "C5'" 1 
ATOM   68  C  "C4'" . DC  A 1 4  ? 9.237   9.920   -3.883  1.00 176.33 ? 4   DC  A "C4'" 1 
ATOM   69  O  "O4'" . DC  A 1 4  ? 9.080   11.331  -4.113  1.00 173.58 ? 4   DC  A "O4'" 1 
ATOM   70  C  "C3'" . DC  A 1 4  ? 8.381   9.559   -2.672  1.00 170.79 ? 4   DC  A "C3'" 1 
ATOM   71  O  "O3'" . DC  A 1 4  ? 9.172   8.874   -1.709  1.00 166.95 ? 4   DC  A "O3'" 1 
ATOM   72  C  "C2'" . DC  A 1 4  ? 7.861   10.890  -2.119  1.00 166.62 ? 4   DC  A "C2'" 1 
ATOM   73  C  "C1'" . DC  A 1 4  ? 8.467   11.961  -3.014  1.00 172.61 ? 4   DC  A "C1'" 1 
ATOM   74  N  N1    . DC  A 1 4  ? 7.465   12.914  -3.552  1.00 172.44 ? 4   DC  A N1    1 
ATOM   75  C  C2    . DC  A 1 4  ? 7.117   14.053  -2.819  1.00 171.35 ? 4   DC  A C2    1 
ATOM   76  O  O2    . DC  A 1 4  ? 7.644   14.247  -1.715  1.00 168.66 ? 4   DC  A O2    1 
ATOM   77  N  N3    . DC  A 1 4  ? 6.207   14.915  -3.343  1.00 170.91 ? 4   DC  A N3    1 
ATOM   78  C  C4    . DC  A 1 4  ? 5.663   14.669  -4.538  1.00 169.45 ? 4   DC  A C4    1 
ATOM   79  N  N4    . DC  A 1 4  ? 4.772   15.546  -5.015  1.00 166.29 ? 4   DC  A N4    1 
ATOM   80  C  C5    . DC  A 1 4  ? 6.009   13.514  -5.298  1.00 166.76 ? 4   DC  A C5    1 
ATOM   81  C  C6    . DC  A 1 4  ? 6.904   12.673  -4.771  1.00 169.59 ? 4   DC  A C6    1 
ATOM   82  P  P     . DA  A 1 5  ? 8.645   7.499   -1.067  1.00 176.07 ? 5   DA  A P     1 
ATOM   83  O  OP1   . DA  A 1 5  ? 9.818   6.607   -0.911  1.00 179.85 ? 5   DA  A OP1   1 
ATOM   84  O  OP2   . DA  A 1 5  ? 7.486   7.054   -1.876  1.00 169.90 ? 5   DA  A OP2   1 
ATOM   85  O  "O5'" . DA  A 1 5  ? 8.124   7.929   0.387   1.00 172.98 ? 5   DA  A "O5'" 1 
ATOM   86  C  "C5'" . DA  A 1 5  ? 9.061   8.253   1.419   1.00 166.54 ? 5   DA  A "C5'" 1 
ATOM   87  C  "C4'" . DA  A 1 5  ? 8.439   9.173   2.455   1.00 167.03 ? 5   DA  A "C4'" 1 
ATOM   88  O  "O4'" . DA  A 1 5  ? 7.721   10.241  1.788   1.00 169.52 ? 5   DA  A "O4'" 1 
ATOM   89  C  "C3'" . DA  A 1 5  ? 7.424   8.523   3.385   1.00 164.94 ? 5   DA  A "C3'" 1 
ATOM   90  O  "O3'" . DA  A 1 5  ? 7.448   9.180   4.641   1.00 162.20 ? 5   DA  A "O3'" 1 
ATOM   91  C  "C2'" . DA  A 1 5  ? 6.106   8.763   2.658   1.00 167.26 ? 5   DA  A "C2'" 1 
ATOM   92  C  "C1'" . DA  A 1 5  ? 6.334   10.142  2.054   1.00 159.64 ? 5   DA  A "C1'" 1 
ATOM   93  N  N9    . DA  A 1 5  ? 5.627   10.346  0.798   1.00 153.65 ? 5   DA  A N9    1 
ATOM   94  C  C8    . DA  A 1 5  ? 5.589   9.493   -0.268  1.00 157.24 ? 5   DA  A C8    1 
ATOM   95  N  N7    . DA  A 1 5  ? 4.884   9.941   -1.280  1.00 157.85 ? 5   DA  A N7    1 
ATOM   96  C  C5    . DA  A 1 5  ? 4.426   11.173  -0.845  1.00 158.21 ? 5   DA  A C5    1 
ATOM   97  C  C6    . DA  A 1 5  ? 3.621   12.154  -1.453  1.00 152.63 ? 5   DA  A C6    1 
ATOM   98  N  N6    . DA  A 1 5  ? 3.116   12.029  -2.685  1.00 146.28 ? 5   DA  A N6    1 
ATOM   99  N  N1    . DA  A 1 5  ? 3.349   13.270  -0.741  1.00 152.97 ? 5   DA  A N1    1 
ATOM   100 C  C2    . DA  A 1 5  ? 3.855   13.389  0.494   1.00 159.06 ? 5   DA  A C2    1 
ATOM   101 N  N3    . DA  A 1 5  ? 4.625   12.536  1.171   1.00 158.71 ? 5   DA  A N3    1 
ATOM   102 C  C4    . DA  A 1 5  ? 4.876   11.438  0.437   1.00 160.42 ? 5   DA  A C4    1 
ATOM   103 P  P     . DG  A 1 6  ? 6.527   8.656   5.848   1.00 178.60 ? 6   DG  A P     1 
ATOM   104 O  OP1   . DG  A 1 6  ? 7.229   8.978   7.112   1.00 181.86 ? 6   DG  A OP1   1 
ATOM   105 O  OP2   . DG  A 1 6  ? 6.142   7.260   5.543   1.00 175.91 ? 6   DG  A OP2   1 
ATOM   106 O  "O5'" . DG  A 1 6  ? 5.210   9.553   5.744   1.00 161.75 ? 6   DG  A "O5'" 1 
ATOM   107 C  "C5'" . DG  A 1 6  ? 5.302   10.965  5.860   1.00 166.40 ? 6   DG  A "C5'" 1 
ATOM   108 C  "C4'" . DG  A 1 6  ? 3.947   11.607  5.644   1.00 174.60 ? 6   DG  A "C4'" 1 
ATOM   109 O  "O4'" . DG  A 1 6  ? 3.631   11.610  4.226   1.00 175.05 ? 6   DG  A "O4'" 1 
ATOM   110 C  "C3'" . DG  A 1 6  ? 2.776   10.901  6.342   1.00 176.10 ? 6   DG  A "C3'" 1 
ATOM   111 O  "O3'" . DG  A 1 6  ? 1.988   11.855  7.046   1.00 182.69 ? 6   DG  A "O3'" 1 
ATOM   112 C  "C2'" . DG  A 1 6  ? 1.998   10.270  5.185   1.00 166.09 ? 6   DG  A "C2'" 1 
ATOM   113 C  "C1'" . DG  A 1 6  ? 2.282   11.252  4.065   1.00 164.82 ? 6   DG  A "C1'" 1 
ATOM   114 N  N9    . DG  A 1 6  ? 2.097   10.690  2.730   1.00 161.84 ? 6   DG  A N9    1 
ATOM   115 C  C8    . DG  A 1 6  ? 2.539   9.473   2.269   1.00 160.15 ? 6   DG  A C8    1 
ATOM   116 N  N7    . DG  A 1 6  ? 2.220   9.241   1.023   1.00 153.27 ? 6   DG  A N7    1 
ATOM   117 C  C5    . DG  A 1 6  ? 1.521   10.379  0.634   1.00 151.58 ? 6   DG  A C5    1 
ATOM   118 C  C6    . DG  A 1 6  ? 0.927   10.706  -0.607  1.00 151.44 ? 6   DG  A C6    1 
ATOM   119 O  O6    . DG  A 1 6  ? 0.904   10.034  -1.651  1.00 145.91 ? 6   DG  A O6    1 
ATOM   120 N  N1    . DG  A 1 6  ? 0.319   11.960  -0.570  1.00 150.80 ? 6   DG  A N1    1 
ATOM   121 C  C2    . DG  A 1 6  ? 0.287   12.790  0.527   1.00 148.11 ? 6   DG  A C2    1 
ATOM   122 N  N2    . DG  A 1 6  ? -0.350  13.961  0.370   1.00 151.79 ? 6   DG  A N2    1 
ATOM   123 N  N3    . DG  A 1 6  ? 0.839   12.495  1.694   1.00 147.49 ? 6   DG  A N3    1 
ATOM   124 C  C4    . DG  A 1 6  ? 1.436   11.278  1.676   1.00 154.07 ? 6   DG  A C4    1 
ATOM   125 P  P     . DA  A 1 7  ? 0.775   11.387  7.994   1.00 189.61 ? 7   DA  A P     1 
ATOM   126 O  OP1   . DA  A 1 7  ? 0.996   12.000  9.322   1.00 187.88 ? 7   DA  A OP1   1 
ATOM   127 O  OP2   . DA  A 1 7  ? 0.590   9.921   7.885   1.00 175.91 ? 7   DA  A OP2   1 
ATOM   128 O  "O5'" . DA  A 1 7  ? -0.498  12.090  7.342   1.00 166.14 ? 7   DA  A "O5'" 1 
ATOM   129 C  "C5'" . DA  A 1 7  ? -0.476  13.487  7.112   1.00 165.91 ? 7   DA  A "C5'" 1 
ATOM   130 C  "C4'" . DA  A 1 7  ? -1.564  13.882  6.143   1.00 158.77 ? 7   DA  A "C4'" 1 
ATOM   131 O  "O4'" . DA  A 1 7  ? -1.312  13.262  4.858   1.00 159.20 ? 7   DA  A "O4'" 1 
ATOM   132 C  "C3'" . DA  A 1 7  ? -2.970  13.458  6.561   1.00 162.73 ? 7   DA  A "C3'" 1 
ATOM   133 O  "O3'" . DA  A 1 7  ? -3.848  14.562  6.442   1.00 172.44 ? 7   DA  A "O3'" 1 
ATOM   134 C  "C2'" . DA  A 1 7  ? -3.323  12.339  5.577   1.00 159.43 ? 7   DA  A "C2'" 1 
ATOM   135 C  "C1'" . DA  A 1 7  ? -2.513  12.734  4.356   1.00 153.81 ? 7   DA  A "C1'" 1 
ATOM   136 N  N9    . DA  A 1 7  ? -2.194  11.617  3.468   1.00 148.27 ? 7   DA  A N9    1 
ATOM   137 C  C8    . DA  A 1 7  ? -1.478  10.492  3.775   1.00 147.54 ? 7   DA  A C8    1 
ATOM   138 N  N7    . DA  A 1 7  ? -1.344  9.658   2.769   1.00 135.59 ? 7   DA  A N7    1 
ATOM   139 C  C5    . DA  A 1 7  ? -2.014  10.283  1.730   1.00 145.37 ? 7   DA  A C5    1 
ATOM   140 C  C6    . DA  A 1 7  ? -2.245  9.916   0.383   1.00 143.92 ? 7   DA  A C6    1 
ATOM   141 N  N6    . DA  A 1 7  ? -1.796  8.778   -0.161  1.00 136.67 ? 7   DA  A N6    1 
ATOM   142 N  N1    . DA  A 1 7  ? -2.959  10.771  -0.385  1.00 136.44 ? 7   DA  A N1    1 
ATOM   143 C  C2    . DA  A 1 7  ? -3.403  11.911  0.159   1.00 144.02 ? 7   DA  A C2    1 
ATOM   144 N  N3    . DA  A 1 7  ? -3.254  12.359  1.406   1.00 149.75 ? 7   DA  A N3    1 
ATOM   145 C  C4    . DA  A 1 7  ? -2.543  11.492  2.146   1.00 148.02 ? 7   DA  A C4    1 
ATOM   146 P  P     . DC  A 1 8  ? -5.342  14.487  7.027   1.00 187.87 ? 8   DC  A P     1 
ATOM   147 O  OP1   . DC  A 1 8  ? -5.601  15.743  7.761   1.00 177.17 ? 8   DC  A OP1   1 
ATOM   148 O  OP2   . DC  A 1 8  ? -5.523  13.189  7.714   1.00 175.92 ? 8   DC  A OP2   1 
ATOM   149 O  "O5'" . DC  A 1 8  ? -6.244  14.464  5.715   1.00 168.21 ? 8   DC  A "O5'" 1 
ATOM   150 C  "C5'" . DC  A 1 8  ? -5.683  14.870  4.474   1.00 160.92 ? 8   DC  A "C5'" 1 
ATOM   151 C  "C4'" . DC  A 1 8  ? -6.478  14.287  3.332   1.00 158.95 ? 8   DC  A "C4'" 1 
ATOM   152 O  "O4'" . DC  A 1 8  ? -5.749  13.181  2.741   1.00 152.87 ? 8   DC  A "O4'" 1 
ATOM   153 C  "C3'" . DC  A 1 8  ? -7.839  13.720  3.749   1.00 157.85 ? 8   DC  A "C3'" 1 
ATOM   154 O  "O3'" . DC  A 1 8  ? -8.859  14.259  2.942   1.00 167.05 ? 8   DC  A "O3'" 1 
ATOM   155 C  "C2'" . DC  A 1 8  ? -7.690  12.217  3.528   1.00 151.38 ? 8   DC  A "C2'" 1 
ATOM   156 C  "C1'" . DC  A 1 8  ? -6.676  12.186  2.406   1.00 143.57 ? 8   DC  A "C1'" 1 
ATOM   157 N  N1    . DC  A 1 8  ? -5.984  10.884  2.282   1.00 137.08 ? 8   DC  A N1    1 
ATOM   158 C  C2    . DC  A 1 8  ? -5.980  10.219  1.051   1.00 133.02 ? 8   DC  A C2    1 
ATOM   159 O  O2    . DC  A 1 8  ? -6.528  10.749  0.077   1.00 130.71 ? 8   DC  A O2    1 
ATOM   160 N  N3    . DC  A 1 8  ? -5.356  9.022   0.955   1.00 129.67 ? 8   DC  A N3    1 
ATOM   161 C  C4    . DC  A 1 8  ? -4.773  8.481   2.026   1.00 138.20 ? 8   DC  A C4    1 
ATOM   162 N  N4    . DC  A 1 8  ? -4.171  7.293   1.878   1.00 130.55 ? 8   DC  A N4    1 
ATOM   163 C  C5    . DC  A 1 8  ? -4.778  9.137   3.296   1.00 142.76 ? 8   DC  A C5    1 
ATOM   164 C  C6    . DC  A 1 8  ? -5.396  10.323  3.378   1.00 141.33 ? 8   DC  A C6    1 
ATOM   165 P  P     . DC  A 1 9  ? -10.272 14.639  3.601   1.00 186.74 ? 9   DC  A P     1 
ATOM   166 O  OP1   . DC  A 1 9  ? -10.154 16.015  4.137   1.00 176.76 ? 9   DC  A OP1   1 
ATOM   167 O  OP2   . DC  A 1 9  ? -10.648 13.532  4.508   1.00 177.57 ? 9   DC  A OP2   1 
ATOM   168 O  "O5'" . DC  A 1 9  ? -11.291 14.614  2.366   1.00 168.48 ? 9   DC  A "O5'" 1 
ATOM   169 C  "C5'" . DC  A 1 9  ? -11.909 13.391  1.982   1.00 156.25 ? 9   DC  A "C5'" 1 
ATOM   170 C  "C4'" . DC  A 1 9  ? -11.525 13.003  0.567   1.00 145.22 ? 9   DC  A "C4'" 1 
ATOM   171 O  "O4'" . DC  A 1 9  ? -10.367 12.124  0.608   1.00 134.74 ? 9   DC  A "O4'" 1 
ATOM   172 C  "C3'" . DC  A 1 9  ? -12.610 12.239  -0.197  1.00 158.07 ? 9   DC  A "C3'" 1 
ATOM   173 O  "O3'" . DC  A 1 9  ? -12.654 12.660  -1.556  1.00 165.59 ? 9   DC  A "O3'" 1 
ATOM   174 C  "C2'" . DC  A 1 9  ? -12.160 10.789  -0.078  1.00 159.80 ? 9   DC  A "C2'" 1 
ATOM   175 C  "C1'" . DC  A 1 9  ? -10.650 10.937  -0.102  1.00 145.42 ? 9   DC  A "C1'" 1 
ATOM   176 N  N1    . DC  A 1 9  ? -9.943  9.804   0.553   1.00 142.60 ? 9   DC  A N1    1 
ATOM   177 C  C2    . DC  A 1 9  ? -9.617  8.662   -0.195  1.00 130.29 ? 9   DC  A C2    1 
ATOM   178 O  O2    . DC  A 1 9  ? -9.917  8.621   -1.395  1.00 125.28 ? 9   DC  A O2    1 
ATOM   179 N  N3    . DC  A 1 9  ? -8.978  7.634   0.421   1.00 123.50 ? 9   DC  A N3    1 
ATOM   180 C  C4    . DC  A 1 9  ? -8.672  7.720   1.721   1.00 132.75 ? 9   DC  A C4    1 
ATOM   181 N  N4    . DC  A 1 9  ? -8.037  6.684   2.286   1.00 124.74 ? 9   DC  A N4    1 
ATOM   182 C  C5    . DC  A 1 9  ? -8.999  8.875   2.496   1.00 133.88 ? 9   DC  A C5    1 
ATOM   183 C  C6    . DC  A 1 9  ? -9.631  9.879   1.877   1.00 139.49 ? 9   DC  A C6    1 
ATOM   184 P  P     . DA  A 1 10 ? -13.727 12.015  -2.568  1.00 179.98 ? 10  DA  A P     1 
ATOM   185 O  OP1   . DA  A 1 10 ? -14.132 13.065  -3.530  1.00 183.99 ? 10  DA  A OP1   1 
ATOM   186 O  OP2   . DA  A 1 10 ? -14.756 11.339  -1.746  1.00 157.57 ? 10  DA  A OP2   1 
ATOM   187 O  "O5'" . DA  A 1 10 ? -12.895 10.886  -3.348  1.00 166.54 ? 10  DA  A "O5'" 1 
ATOM   188 C  "C5'" . DA  A 1 10 ? -13.317 10.442  -4.646  1.00 173.76 ? 10  DA  A "C5'" 1 
ATOM   189 C  "C4'" . DA  A 1 10 ? -13.958 9.063   -4.574  1.00 164.80 ? 10  DA  A "C4'" 1 
ATOM   190 O  "O4'" . DA  A 1 10 ? -13.168 8.214   -3.722  1.00 162.13 ? 10  DA  A "O4'" 1 
ATOM   191 C  "C3'" . DA  A 1 10 ? -15.373 9.042   -3.999  1.00 160.88 ? 10  DA  A "C3'" 1 
ATOM   192 O  "O3'" . DA  A 1 10 ? -16.342 8.829   -5.066  1.00 176.91 ? 10  DA  A "O3'" 1 
ATOM   193 C  "C2'" . DA  A 1 10 ? -15.359 7.922   -2.938  1.00 163.18 ? 10  DA  A "C2'" 1 
ATOM   194 C  "C1'" . DA  A 1 10 ? -14.001 7.256   -3.123  1.00 158.05 ? 10  DA  A "C1'" 1 
ATOM   195 N  N9    . DA  A 1 10 ? -13.381 6.852   -1.865  1.00 147.26 ? 10  DA  A N9    1 
ATOM   196 C  C8    . DA  A 1 10 ? -13.392 7.543   -0.683  1.00 141.88 ? 10  DA  A C8    1 
ATOM   197 N  N7    . DA  A 1 10 ? -12.744 6.944   0.288   1.00 136.18 ? 10  DA  A N7    1 
ATOM   198 C  C5    . DA  A 1 10 ? -12.270 5.780   -0.296  1.00 136.70 ? 10  DA  A C5    1 
ATOM   199 C  C6    . DA  A 1 10 ? -11.502 4.709   0.207   1.00 125.81 ? 10  DA  A C6    1 
ATOM   200 N  N6    . DA  A 1 10 ? -11.064 4.652   1.474   1.00 109.82 ? 10  DA  A N6    1 
ATOM   201 N  N1    . DA  A 1 10 ? -11.202 3.698   -0.644  1.00 116.39 ? 10  DA  A N1    1 
ATOM   202 C  C2    . DA  A 1 10 ? -11.649 3.761   -1.910  1.00 118.40 ? 10  DA  A C2    1 
ATOM   203 N  N3    . DA  A 1 10 ? -12.373 4.717   -2.496  1.00 126.76 ? 10  DA  A N3    1 
ATOM   204 C  C4    . DA  A 1 10 ? -12.654 5.705   -1.628  1.00 137.04 ? 10  DA  A C4    1 
ATOM   205 P  P     . DG  A 1 11 ? -17.120 7.432   -5.282  1.00 197.46 ? 11  DG  A P     1 
ATOM   206 O  OP1   . DG  A 1 11 ? -17.863 7.574   -6.555  1.00 188.30 ? 11  DG  A OP1   1 
ATOM   207 O  OP2   . DG  A 1 11 ? -17.895 7.080   -4.066  1.00 155.37 ? 11  DG  A OP2   1 
ATOM   208 O  "O5'" . DG  A 1 11 ? -15.951 6.364   -5.538  1.00 183.55 ? 11  DG  A "O5'" 1 
ATOM   209 C  "C5'" . DG  A 1 11 ? -15.957 5.546   -6.716  1.00 171.00 ? 11  DG  A "C5'" 1 
ATOM   210 C  "C4'" . DG  A 1 11 ? -16.358 4.119   -6.381  1.00 159.54 ? 11  DG  A "C4'" 1 
ATOM   211 O  "O4'" . DG  A 1 11 ? -15.715 3.715   -5.139  1.00 165.10 ? 11  DG  A "O4'" 1 
ATOM   212 C  "C3'" . DG  A 1 11 ? -17.857 3.909   -6.166  1.00 160.48 ? 11  DG  A "C3'" 1 
ATOM   213 O  "O3'" . DG  A 1 11 ? -18.264 2.666   -6.702  1.00 160.12 ? 11  DG  A "O3'" 1 
ATOM   214 C  "C2'" . DG  A 1 11 ? -17.993 3.923   -4.650  1.00 158.41 ? 11  DG  A "C2'" 1 
ATOM   215 C  "C1'" . DG  A 1 11 ? -16.690 3.266   -4.224  1.00 154.12 ? 11  DG  A "C1'" 1 
ATOM   216 N  N9    . DG  A 1 11 ? -16.282 3.639   -2.873  1.00 139.19 ? 11  DG  A N9    1 
ATOM   217 C  C8    . DG  A 1 11 ? -16.631 4.781   -2.195  1.00 142.50 ? 11  DG  A C8    1 
ATOM   218 N  N7    . DG  A 1 11 ? -16.129 4.848   -0.995  1.00 138.90 ? 11  DG  A N7    1 
ATOM   219 C  C5    . DG  A 1 11 ? -15.403 3.672   -0.864  1.00 132.05 ? 11  DG  A C5    1 
ATOM   220 C  C6    . DG  A 1 11 ? -14.640 3.194   0.223   1.00 130.63 ? 11  DG  A C6    1 
ATOM   221 O  O6    . DG  A 1 11 ? -14.450 3.735   1.321   1.00 135.47 ? 11  DG  A O6    1 
ATOM   222 N  N1    . DG  A 1 11 ? -14.061 1.959   -0.056  1.00 127.87 ? 11  DG  A N1    1 
ATOM   223 C  C2    . DG  A 1 11 ? -14.204 1.274   -1.240  1.00 125.48 ? 11  DG  A C2    1 
ATOM   224 N  N2    . DG  A 1 11 ? -13.569 0.097   -1.322  1.00 121.56 ? 11  DG  A N2    1 
ATOM   225 N  N3    . DG  A 1 11 ? -14.919 1.712   -2.270  1.00 128.04 ? 11  DG  A N3    1 
ATOM   226 C  C4    . DG  A 1 11 ? -15.488 2.914   -2.011  1.00 130.82 ? 11  DG  A C4    1 
ATOM   227 P  P     . DA  A 1 12 ? -19.829 2.316   -6.811  1.00 161.18 ? 12  DA  A P     1 
ATOM   228 O  OP1   . DA  A 1 12 ? -20.472 3.420   -7.549  1.00 165.82 ? 12  DA  A OP1   1 
ATOM   229 O  OP2   . DA  A 1 12 ? -20.334 1.968   -5.463  1.00 147.91 ? 12  DA  A OP2   1 
ATOM   230 O  "O5'" . DA  A 1 12 ? -19.864 1.016   -7.739  1.00 156.05 ? 12  DA  A "O5'" 1 
ATOM   231 C  "C5'" . DA  A 1 12 ? -18.768 0.111   -7.738  1.00 152.24 ? 12  DA  A "C5'" 1 
ATOM   232 C  "C4'" . DA  A 1 12 ? -18.945 -0.951  -6.666  1.00 154.91 ? 12  DA  A "C4'" 1 
ATOM   233 O  "O4'" . DA  A 1 12 ? -18.284 -0.534  -5.456  1.00 150.69 ? 12  DA  A "O4'" 1 
ATOM   234 C  "C3'" . DA  A 1 12 ? -20.394 -1.225  -6.274  1.00 151.80 ? 12  DA  A "C3'" 1 
ATOM   235 O  "O3'" . DA  A 1 12 ? -20.819 -2.454  -6.827  1.00 148.34 ? 12  DA  A "O3'" 1 
ATOM   236 C  "C2'" . DA  A 1 12 ? -20.386 -1.267  -4.732  1.00 143.95 ? 12  DA  A "C2'" 1 
ATOM   237 C  "C1'" . DA  A 1 12 ? -18.906 -1.164  -4.369  1.00 135.37 ? 12  DA  A "C1'" 1 
ATOM   238 N  N9    . DA  A 1 12 ? -18.660 -0.358  -3.180  1.00 137.76 ? 12  DA  A N9    1 
ATOM   239 C  C8    . DA  A 1 12 ? -19.153 0.887   -2.924  1.00 143.81 ? 12  DA  A C8    1 
ATOM   240 N  N7    . DA  A 1 12 ? -18.768 1.386   -1.774  1.00 143.12 ? 12  DA  A N7    1 
ATOM   241 C  C5    . DA  A 1 12 ? -17.953 0.404   -1.239  1.00 141.38 ? 12  DA  A C5    1 
ATOM   242 C  C6    . DA  A 1 12 ? -17.235 0.323   -0.027  1.00 131.34 ? 12  DA  A C6    1 
ATOM   243 N  N6    . DA  A 1 12 ? -17.223 1.299   0.890   1.00 117.96 ? 12  DA  A N6    1 
ATOM   244 N  N1    . DA  A 1 12 ? -16.526 -0.803  0.203   1.00 135.98 ? 12  DA  A N1    1 
ATOM   245 C  C2    . DA  A 1 12 ? -16.540 -1.779  -0.723  1.00 141.38 ? 12  DA  A C2    1 
ATOM   246 N  N3    . DA  A 1 12 ? -17.178 -1.817  -1.894  1.00 142.07 ? 12  DA  A N3    1 
ATOM   247 C  C4    . DA  A 1 12 ? -17.876 -0.685  -2.094  1.00 143.93 ? 12  DA  A C4    1 
ATOM   248 P  P     . DC  B 2 1  ? -14.301 -19.684 1.716   1.00 152.66 ? 12  DC  B P     1 
ATOM   249 O  OP1   . DC  B 2 1  ? -15.047 -19.221 2.906   1.00 141.16 ? 12  DC  B OP1   1 
ATOM   250 O  OP2   . DC  B 2 1  ? -14.821 -19.448 0.352   1.00 145.60 ? 12  DC  B OP2   1 
ATOM   251 O  "O5'" . DC  B 2 1  ? -12.823 -19.092 1.787   1.00 145.11 ? 12  DC  B "O5'" 1 
ATOM   252 C  "C5'" . DC  B 2 1  ? -12.349 -18.257 0.752   1.00 140.34 ? 12  DC  B "C5'" 1 
ATOM   253 C  "C4'" . DC  B 2 1  ? -11.543 -19.051 -0.262  1.00 147.03 ? 12  DC  B "C4'" 1 
ATOM   254 O  "O4'" . DC  B 2 1  ? -11.560 -18.353 -1.524  1.00 145.32 ? 12  DC  B "O4'" 1 
ATOM   255 C  "C3'" . DC  B 2 1  ? -10.066 -19.253 0.103   1.00 157.25 ? 12  DC  B "C3'" 1 
ATOM   256 O  "O3'" . DC  B 2 1  ? -9.771  -20.637 0.259   1.00 159.55 ? 12  DC  B "O3'" 1 
ATOM   257 C  "C2'" . DC  B 2 1  ? -9.279  -18.637 -1.062  1.00 146.15 ? 12  DC  B "C2'" 1 
ATOM   258 C  "C1'" . DC  B 2 1  ? -10.318 -18.505 -2.164  1.00 138.74 ? 12  DC  B "C1'" 1 
ATOM   259 N  N1    . DC  B 2 1  ? -10.104 -17.320 -3.030  1.00 135.61 ? 12  DC  B N1    1 
ATOM   260 C  C2    . DC  B 2 1  ? -9.267  -17.415 -4.148  1.00 148.15 ? 12  DC  B C2    1 
ATOM   261 O  O2    . DC  B 2 1  ? -8.714  -18.493 -4.398  1.00 154.90 ? 12  DC  B O2    1 
ATOM   262 N  N3    . DC  B 2 1  ? -9.083  -16.319 -4.929  1.00 150.26 ? 12  DC  B N3    1 
ATOM   263 C  C4    . DC  B 2 1  ? -9.699  -15.174 -4.627  1.00 152.35 ? 12  DC  B C4    1 
ATOM   264 N  N4    . DC  B 2 1  ? -9.491  -14.120 -5.428  1.00 149.99 ? 12  DC  B N4    1 
ATOM   265 C  C5    . DC  B 2 1  ? -10.555 -15.060 -3.489  1.00 149.49 ? 12  DC  B C5    1 
ATOM   266 C  C6    . DC  B 2 1  ? -10.727 -16.147 -2.729  1.00 137.60 ? 12  DC  B C6    1 
ATOM   267 P  P     . DG  B 2 2  ? -8.528  -21.083 1.173   1.00 158.12 ? 13  DG  B P     1 
ATOM   268 O  OP1   . DG  B 2 2  ? -8.612  -22.546 1.370   1.00 152.13 ? 13  DG  B OP1   1 
ATOM   269 O  OP2   . DG  B 2 2  ? -8.469  -20.161 2.332   1.00 141.05 ? 13  DG  B OP2   1 
ATOM   270 O  "O5'" . DG  B 2 2  ? -7.260  -20.787 0.259   1.00 140.88 ? 13  DG  B "O5'" 1 
ATOM   271 C  "C5'" . DG  B 2 2  ? -6.992  -21.614 -0.849  1.00 150.59 ? 13  DG  B "C5'" 1 
ATOM   272 C  "C4'" . DG  B 2 2  ? -5.823  -21.070 -1.637  1.00 159.49 ? 13  DG  B "C4'" 1 
ATOM   273 O  "O4'" . DG  B 2 2  ? -6.186  -19.786 -2.217  1.00 157.99 ? 13  DG  B "O4'" 1 
ATOM   274 C  "C3'" . DG  B 2 2  ? -4.559  -20.805 -0.809  1.00 157.66 ? 13  DG  B "C3'" 1 
ATOM   275 O  "O3'" . DG  B 2 2  ? -3.414  -21.173 -1.557  1.00 153.66 ? 13  DG  B "O3'" 1 
ATOM   276 C  "C2'" . DG  B 2 2  ? -4.612  -19.298 -0.602  1.00 146.09 ? 13  DG  B "C2'" 1 
ATOM   277 C  "C1'" . DG  B 2 2  ? -5.145  -18.884 -1.955  1.00 154.50 ? 13  DG  B "C1'" 1 
ATOM   278 N  N9    . DG  B 2 2  ? -5.647  -17.519 -2.016  1.00 155.95 ? 13  DG  B N9    1 
ATOM   279 C  C8    . DG  B 2 2  ? -6.485  -16.889 -1.128  1.00 153.78 ? 13  DG  B C8    1 
ATOM   280 N  N7    . DG  B 2 2  ? -6.746  -15.651 -1.455  1.00 159.32 ? 13  DG  B N7    1 
ATOM   281 C  C5    . DG  B 2 2  ? -6.028  -15.452 -2.631  1.00 157.06 ? 13  DG  B C5    1 
ATOM   282 C  C6    . DG  B 2 2  ? -5.917  -14.305 -3.458  1.00 154.85 ? 13  DG  B C6    1 
ATOM   283 O  O6    . DG  B 2 2  ? -6.440  -13.194 -3.307  1.00 153.88 ? 13  DG  B O6    1 
ATOM   284 N  N1    . DG  B 2 2  ? -5.081  -14.538 -4.551  1.00 157.45 ? 13  DG  B N1    1 
ATOM   285 C  C2    . DG  B 2 2  ? -4.441  -15.726 -4.815  1.00 155.72 ? 13  DG  B C2    1 
ATOM   286 N  N2    . DG  B 2 2  ? -3.680  -15.764 -5.919  1.00 145.86 ? 13  DG  B N2    1 
ATOM   287 N  N3    . DG  B 2 2  ? -4.541  -16.804 -4.053  1.00 154.48 ? 13  DG  B N3    1 
ATOM   288 C  C4    . DG  B 2 2  ? -5.350  -16.594 -2.986  1.00 155.76 ? 13  DG  B C4    1 
ATOM   289 P  P     . DG  B 2 3  ? -2.272  -22.081 -0.890  1.00 157.49 ? 14  DG  B P     1 
ATOM   290 O  OP1   . DG  B 2 3  ? -2.722  -23.493 -0.923  1.00 167.05 ? 14  DG  B OP1   1 
ATOM   291 O  OP2   . DG  B 2 3  ? -1.920  -21.446 0.399   1.00 159.42 ? 14  DG  B OP2   1 
ATOM   292 O  "O5'" . DG  B 2 3  ? -1.024  -21.894 -1.863  1.00 146.23 ? 14  DG  B "O5'" 1 
ATOM   293 C  "C5'" . DG  B 2 3  ? -0.206  -20.749 -1.731  1.00 155.94 ? 14  DG  B "C5'" 1 
ATOM   294 C  "C4'" . DG  B 2 3  ? 0.089   -20.136 -3.084  1.00 163.53 ? 14  DG  B "C4'" 1 
ATOM   295 O  "O4'" . DG  B 2 3  ? -0.971  -19.206 -3.439  1.00 163.50 ? 14  DG  B "O4'" 1 
ATOM   296 C  "C3'" . DG  B 2 3  ? 1.377   -19.335 -3.144  1.00 155.49 ? 14  DG  B "C3'" 1 
ATOM   297 O  "O3'" . DG  B 2 3  ? 1.938   -19.416 -4.435  1.00 165.61 ? 14  DG  B "O3'" 1 
ATOM   298 C  "C2'" . DG  B 2 3  ? 0.909   -17.922 -2.824  1.00 157.51 ? 14  DG  B "C2'" 1 
ATOM   299 C  "C1'" . DG  B 2 3  ? -0.466  -17.883 -3.479  1.00 155.63 ? 14  DG  B "C1'" 1 
ATOM   300 N  N9    . DG  B 2 3  ? -1.398  -17.009 -2.774  1.00 159.46 ? 14  DG  B N9    1 
ATOM   301 C  C8    . DG  B 2 3  ? -2.142  -17.323 -1.665  1.00 159.42 ? 14  DG  B C8    1 
ATOM   302 N  N7    . DG  B 2 3  ? -2.883  -16.339 -1.236  1.00 156.77 ? 14  DG  B N7    1 
ATOM   303 C  C5    . DG  B 2 3  ? -2.603  -15.298 -2.110  1.00 154.49 ? 14  DG  B C5    1 
ATOM   304 C  C6    . DG  B 2 3  ? -3.110  -13.976 -2.145  1.00 152.90 ? 14  DG  B C6    1 
ATOM   305 O  O6    . DG  B 2 3  ? -3.932  -13.446 -1.383  1.00 152.99 ? 14  DG  B O6    1 
ATOM   306 N  N1    . DG  B 2 3  ? -2.568  -13.247 -3.200  1.00 153.62 ? 14  DG  B N1    1 
ATOM   307 C  C2    . DG  B 2 3  ? -1.652  -13.733 -4.106  1.00 157.73 ? 14  DG  B C2    1 
ATOM   308 N  N2    . DG  B 2 3  ? -1.240  -12.878 -5.053  1.00 157.98 ? 14  DG  B N2    1 
ATOM   309 N  N3    . DG  B 2 3  ? -1.171  -14.969 -4.084  1.00 160.56 ? 14  DG  B N3    1 
ATOM   310 C  C4    . DG  B 2 3  ? -1.693  -15.695 -3.067  1.00 158.94 ? 14  DG  B C4    1 
ATOM   311 P  P     . DC  B 2 4  ? 3.479   -19.032 -4.661  1.00 172.69 ? 15  DC  B P     1 
ATOM   312 O  OP1   . DC  B 2 4  ? 4.179   -20.245 -5.144  1.00 171.06 ? 15  DC  B OP1   1 
ATOM   313 O  OP2   . DC  B 2 4  ? 3.957   -18.337 -3.445  1.00 162.96 ? 15  DC  B OP2   1 
ATOM   314 O  "O5'" . DC  B 2 4  ? 3.421   -17.962 -5.847  1.00 180.27 ? 15  DC  B "O5'" 1 
ATOM   315 C  "C5'" . DC  B 2 4  ? 2.467   -16.907 -5.802  1.00 175.31 ? 15  DC  B "C5'" 1 
ATOM   316 C  "C4'" . DC  B 2 4  ? 3.140   -15.576 -6.051  1.00 173.68 ? 15  DC  B "C4'" 1 
ATOM   317 O  "O4'" . DC  B 2 4  ? 2.292   -14.503 -5.555  1.00 170.20 ? 15  DC  B "O4'" 1 
ATOM   318 C  "C3'" . DC  B 2 4  ? 4.470   -15.398 -5.338  1.00 172.03 ? 15  DC  B "C3'" 1 
ATOM   319 O  "O3'" . DC  B 2 4  ? 5.277   -14.495 -6.071  1.00 175.64 ? 15  DC  B "O3'" 1 
ATOM   320 C  "C2'" . DC  B 2 4  ? 4.028   -14.799 -4.010  1.00 167.36 ? 15  DC  B "C2'" 1 
ATOM   321 C  "C1'" . DC  B 2 4  ? 2.940   -13.846 -4.483  1.00 164.32 ? 15  DC  B "C1'" 1 
ATOM   322 N  N1    . DC  B 2 4  ? 1.925   -13.523 -3.442  1.00 157.93 ? 15  DC  B N1    1 
ATOM   323 C  C2    . DC  B 2 4  ? 1.394   -12.227 -3.368  1.00 155.19 ? 15  DC  B C2    1 
ATOM   324 O  O2    . DC  B 2 4  ? 1.779   -11.369 -4.174  1.00 152.35 ? 15  DC  B O2    1 
ATOM   325 N  N3    . DC  B 2 4  ? 0.467   -11.950 -2.415  1.00 155.99 ? 15  DC  B N3    1 
ATOM   326 C  C4    . DC  B 2 4  ? 0.077   -12.902 -1.565  1.00 156.24 ? 15  DC  B C4    1 
ATOM   327 N  N4    . DC  B 2 4  ? -0.840  -12.582 -0.643  1.00 149.05 ? 15  DC  B N4    1 
ATOM   328 C  C5    . DC  B 2 4  ? 0.613   -14.225 -1.619  1.00 159.95 ? 15  DC  B C5    1 
ATOM   329 C  C6    . DC  B 2 4  ? 1.521   -14.489 -2.568  1.00 160.43 ? 15  DC  B C6    1 
ATOM   330 P  P     . DA  B 2 5  ? 6.872   -14.488 -5.886  1.00 185.07 ? 16  DA  B P     1 
ATOM   331 O  OP1   . DA  B 2 5  ? 7.469   -14.894 -7.179  1.00 170.67 ? 16  DA  B OP1   1 
ATOM   332 O  OP2   . DA  B 2 5  ? 7.195   -15.242 -4.653  1.00 179.59 ? 16  DA  B OP2   1 
ATOM   333 O  "O5'" . DA  B 2 5  ? 7.211   -12.943 -5.638  1.00 173.80 ? 16  DA  B "O5'" 1 
ATOM   334 C  "C5'" . DA  B 2 5  ? 6.831   -11.969 -6.610  1.00 168.28 ? 16  DA  B "C5'" 1 
ATOM   335 C  "C4'" . DA  B 2 5  ? 6.919   -10.557 -6.052  1.00 164.32 ? 16  DA  B "C4'" 1 
ATOM   336 O  "O4'" . DA  B 2 5  ? 5.877   -10.342 -5.065  1.00 164.11 ? 16  DA  B "O4'" 1 
ATOM   337 C  "C3'" . DA  B 2 5  ? 8.223   -10.204 -5.357  1.00 161.76 ? 16  DA  B "C3'" 1 
ATOM   338 O  "O3'" . DA  B 2 5  ? 8.503   -8.831  -5.555  1.00 163.67 ? 16  DA  B "O3'" 1 
ATOM   339 C  "C2'" . DA  B 2 5  ? 7.919   -10.509 -3.887  1.00 159.61 ? 16  DA  B "C2'" 1 
ATOM   340 C  "C1'" . DA  B 2 5  ? 6.446   -10.129 -3.783  1.00 160.71 ? 16  DA  B "C1'" 1 
ATOM   341 N  N9    . DA  B 2 5  ? 5.689   -10.934 -2.829  1.00 155.75 ? 16  DA  B N9    1 
ATOM   342 C  C8    . DA  B 2 5  ? 5.805   -12.279 -2.612  1.00 158.38 ? 16  DA  B C8    1 
ATOM   343 N  N7    . DA  B 2 5  ? 4.969   -12.741 -1.709  1.00 160.92 ? 16  DA  B N7    1 
ATOM   344 C  C5    . DA  B 2 5  ? 4.249   -11.623 -1.316  1.00 158.06 ? 16  DA  B C5    1 
ATOM   345 C  C6    . DA  B 2 5  ? 3.206   -11.439 -0.377  1.00 153.27 ? 16  DA  B C6    1 
ATOM   346 N  N6    . DA  B 2 5  ? 2.688   -12.430 0.357   1.00 152.67 ? 16  DA  B N6    1 
ATOM   347 N  N1    . DA  B 2 5  ? 2.716   -10.190 -0.225  1.00 143.80 ? 16  DA  B N1    1 
ATOM   348 C  C2    . DA  B 2 5  ? 3.237   -9.199  -0.963  1.00 151.36 ? 16  DA  B C2    1 
ATOM   349 N  N3    . DA  B 2 5  ? 4.214   -9.251  -1.871  1.00 149.90 ? 16  DA  B N3    1 
ATOM   350 C  C4    . DA  B 2 5  ? 4.682   -10.502 -2.000  1.00 153.65 ? 16  DA  B C4    1 
ATOM   351 P  P     . DC  B 2 6  ? 9.905   -8.215  -5.079  1.00 170.93 ? 17  DC  B P     1 
ATOM   352 O  OP1   . DC  B 2 6  ? 10.273  -7.172  -6.061  1.00 160.89 ? 17  DC  B OP1   1 
ATOM   353 O  OP2   . DC  B 2 6  ? 10.832  -9.342  -4.838  1.00 164.15 ? 17  DC  B OP2   1 
ATOM   354 O  "O5'" . DC  B 2 6  ? 9.554   -7.502  -3.688  1.00 157.06 ? 17  DC  B "O5'" 1 
ATOM   355 C  "C5'" . DC  B 2 6  ? 8.861   -6.260  -3.704  1.00 156.16 ? 17  DC  B "C5'" 1 
ATOM   356 C  "C4'" . DC  B 2 6  ? 8.306   -5.903  -2.335  1.00 151.69 ? 17  DC  B "C4'" 1 
ATOM   357 O  "O4'" . DC  B 2 6  ? 7.481   -6.978  -1.829  1.00 143.01 ? 17  DC  B "O4'" 1 
ATOM   358 C  "C3'" . DC  B 2 6  ? 9.350   -5.623  -1.251  1.00 157.01 ? 17  DC  B "C3'" 1 
ATOM   359 O  "O3'" . DC  B 2 6  ? 9.116   -4.346  -0.695  1.00 162.52 ? 17  DC  B "O3'" 1 
ATOM   360 C  "C2'" . DC  B 2 6  ? 9.112   -6.730  -0.218  1.00 154.88 ? 17  DC  B "C2'" 1 
ATOM   361 C  "C1'" . DC  B 2 6  ? 7.647   -7.036  -0.437  1.00 142.30 ? 17  DC  B "C1'" 1 
ATOM   362 N  N1    . DC  B 2 6  ? 7.233   -8.385  0.023   1.00 145.86 ? 17  DC  B N1    1 
ATOM   363 C  C2    . DC  B 2 6  ? 6.069   -8.528  0.785   1.00 149.40 ? 17  DC  B C2    1 
ATOM   364 O  O2    . DC  B 2 6  ? 5.409   -7.522  1.073   1.00 151.11 ? 17  DC  B O2    1 
ATOM   365 N  N3    . DC  B 2 6  ? 5.696   -9.769  1.188   1.00 145.15 ? 17  DC  B N3    1 
ATOM   366 C  C4    . DC  B 2 6  ? 6.437   -10.826 0.858   1.00 148.08 ? 17  DC  B C4    1 
ATOM   367 N  N4    . DC  B 2 6  ? 6.029   -12.028 1.278   1.00 148.59 ? 17  DC  B N4    1 
ATOM   368 C  C5    . DC  B 2 6  ? 7.625   -10.700 0.079   1.00 151.85 ? 17  DC  B C5    1 
ATOM   369 C  C6    . DC  B 2 6  ? 7.980   -9.473  -0.314  1.00 147.57 ? 17  DC  B C6    1 
ATOM   370 P  P     . DT  B 2 7  ? 10.323  -3.298  -0.563  1.00 176.84 ? 18  DT  B P     1 
ATOM   371 O  OP1   . DT  B 2 7  ? 9.745   -1.935  -0.594  1.00 165.20 ? 18  DT  B OP1   1 
ATOM   372 O  OP2   . DT  B 2 7  ? 11.340  -3.683  -1.567  1.00 172.04 ? 18  DT  B OP2   1 
ATOM   373 O  "O5'" . DT  B 2 7  ? 10.941  -3.622  0.874   1.00 169.34 ? 18  DT  B "O5'" 1 
ATOM   374 C  "C5'" . DT  B 2 7  ? 11.010  -2.614  1.869   1.00 171.15 ? 18  DT  B "C5'" 1 
ATOM   375 C  "C4'" . DT  B 2 7  ? 9.639   -2.341  2.458   1.00 169.82 ? 18  DT  B "C4'" 1 
ATOM   376 O  "O4'" . DT  B 2 7  ? 8.812   -3.530  2.341   1.00 162.84 ? 18  DT  B "O4'" 1 
ATOM   377 C  "C3'" . DT  B 2 7  ? 9.638   -1.965  3.939   1.00 176.31 ? 18  DT  B "C3'" 1 
ATOM   378 O  "O3'" . DT  B 2 7  ? 8.715   -0.910  4.168   1.00 176.10 ? 18  DT  B "O3'" 1 
ATOM   379 C  "C2'" . DT  B 2 7  ? 9.208   -3.258  4.631   1.00 175.00 ? 18  DT  B "C2'" 1 
ATOM   380 C  "C1'" . DT  B 2 7  ? 8.262   -3.849  3.601   1.00 165.54 ? 18  DT  B "C1'" 1 
ATOM   381 N  N1    . DT  B 2 7  ? 8.115   -5.335  3.698   1.00 154.30 ? 18  DT  B N1    1 
ATOM   382 C  C2    . DT  B 2 7  ? 6.989   -5.856  4.285   1.00 159.50 ? 18  DT  B C2    1 
ATOM   383 O  O2    . DT  B 2 7  ? 6.092   -5.166  4.734   1.00 175.96 ? 18  DT  B O2    1 
ATOM   384 N  N3    . DT  B 2 7  ? 6.947   -7.224  4.330   1.00 151.70 ? 18  DT  B N3    1 
ATOM   385 C  C4    . DT  B 2 7  ? 7.898   -8.105  3.855   1.00 146.05 ? 18  DT  B C4    1 
ATOM   386 O  O4    . DT  B 2 7  ? 7.766   -9.321  3.942   1.00 143.05 ? 18  DT  B O4    1 
ATOM   387 C  C5    . DT  B 2 7  ? 9.056   -7.495  3.247   1.00 144.58 ? 18  DT  B C5    1 
ATOM   388 C  C7    . DT  B 2 7  ? 10.156  -8.353  2.698   1.00 145.84 ? 18  DT  B C7    1 
ATOM   389 C  C6    . DT  B 2 7  ? 9.110   -6.153  3.198   1.00 148.82 ? 18  DT  B C6    1 
ATOM   390 P  P     . DC  B 2 8  ? 9.001   0.173   5.319   1.00 187.20 ? 19  DC  B P     1 
ATOM   391 O  OP1   . DC  B 2 8  ? 8.058   1.300   5.140   1.00 190.09 ? 19  DC  B OP1   1 
ATOM   392 O  OP2   . DC  B 2 8  ? 10.456  0.436   5.323   1.00 191.74 ? 19  DC  B OP2   1 
ATOM   393 O  "O5'" . DC  B 2 8  ? 8.630   -0.605  6.666   1.00 183.11 ? 19  DC  B "O5'" 1 
ATOM   394 C  "C5'" . DC  B 2 8  ? 7.340   -1.186  6.818   1.00 181.11 ? 19  DC  B "C5'" 1 
ATOM   395 C  "C4'" . DC  B 2 8  ? 7.283   -2.057  8.060   1.00 184.86 ? 19  DC  B "C4'" 1 
ATOM   396 O  "O4'" . DC  B 2 8  ? 7.573   -3.437  7.714   1.00 178.12 ? 19  DC  B "O4'" 1 
ATOM   397 C  "C3'" . DC  B 2 8  ? 8.276   -1.676  9.170   1.00 192.94 ? 19  DC  B "C3'" 1 
ATOM   398 O  "O3'" . DC  B 2 8  ? 7.596   -1.570  10.413  1.00 197.44 ? 19  DC  B "O3'" 1 
ATOM   399 C  "C2'" . DC  B 2 8  ? 9.271   -2.841  9.175   1.00 187.93 ? 19  DC  B "C2'" 1 
ATOM   400 C  "C1'" . DC  B 2 8  ? 8.379   -3.985  8.728   1.00 185.34 ? 19  DC  B "C1'" 1 
ATOM   401 N  N1    . DC  B 2 8  ? 9.126   -5.161  8.183   1.00 181.43 ? 19  DC  B N1    1 
ATOM   402 C  C2    . DC  B 2 8  ? 8.577   -6.448  8.303   1.00 173.99 ? 19  DC  B C2    1 
ATOM   403 O  O2    . DC  B 2 8  ? 7.471   -6.588  8.847   1.00 169.40 ? 19  DC  B O2    1 
ATOM   404 N  N3    . DC  B 2 8  ? 9.271   -7.505  7.811   1.00 163.53 ? 19  DC  B N3    1 
ATOM   405 C  C4    . DC  B 2 8  ? 10.458  -7.314  7.231   1.00 157.63 ? 19  DC  B C4    1 
ATOM   406 N  N4    . DC  B 2 8  ? 11.103  -8.387  6.761   1.00 146.47 ? 19  DC  B N4    1 
ATOM   407 C  C5    . DC  B 2 8  ? 11.037  -6.014  7.107   1.00 155.99 ? 19  DC  B C5    1 
ATOM   408 C  C6    . DC  B 2 8  ? 10.346  -4.978  7.595   1.00 167.50 ? 19  DC  B C6    1 
ATOM   409 P  P     . DA  B 2 9  ? 8.146   -0.590  11.562  1.00 189.95 ? 20  DA  B P     1 
ATOM   410 O  OP1   . DA  B 2 9  ? 7.497   0.726   11.361  1.00 197.28 ? 20  DA  B OP1   1 
ATOM   411 O  OP2   . DA  B 2 9  ? 9.623   -0.696  11.582  1.00 175.54 ? 20  DA  B OP2   1 
ATOM   412 O  "O5'" . DA  B 2 9  ? 7.586   -1.240  12.914  1.00 186.06 ? 20  DA  B "O5'" 1 
ATOM   413 C  "C5'" . DA  B 2 9  ? 6.216   -1.624  13.005  1.00 192.20 ? 20  DA  B "C5'" 1 
ATOM   414 C  "C4'" . DA  B 2 9  ? 6.086   -3.089  13.390  1.00 189.66 ? 20  DA  B "C4'" 1 
ATOM   415 O  "O4'" . DA  B 2 9  ? 6.968   -3.892  12.558  1.00 187.68 ? 20  DA  B "O4'" 1 
ATOM   416 C  "C3'" . DA  B 2 9  ? 6.463   -3.417  14.833  1.00 186.95 ? 20  DA  B "C3'" 1 
ATOM   417 O  "O3'" . DA  B 2 9  ? 5.612   -4.442  15.337  1.00 184.61 ? 20  DA  B "O3'" 1 
ATOM   418 C  "C2'" . DA  B 2 9  ? 7.901   -3.906  14.697  1.00 179.75 ? 20  DA  B "C2'" 1 
ATOM   419 C  "C1'" . DA  B 2 9  ? 7.817   -4.661  13.382  1.00 179.45 ? 20  DA  B "C1'" 1 
ATOM   420 N  N9    . DA  B 2 9  ? 9.104   -4.822  12.712  1.00 180.55 ? 20  DA  B N9    1 
ATOM   421 C  C8    . DA  B 2 9  ? 9.998   -3.837  12.396  1.00 179.51 ? 20  DA  B C8    1 
ATOM   422 N  N7    . DA  B 2 9  ? 11.078  -4.275  11.791  1.00 174.92 ? 20  DA  B N7    1 
ATOM   423 C  C5    . DA  B 2 9  ? 10.878  -5.644  11.705  1.00 175.12 ? 20  DA  B C5    1 
ATOM   424 C  C6    . DA  B 2 9  ? 11.657  -6.685  11.166  1.00 168.91 ? 20  DA  B C6    1 
ATOM   425 N  N6    . DA  B 2 9  ? 12.848  -6.491  10.592  1.00 161.88 ? 20  DA  B N6    1 
ATOM   426 N  N1    . DA  B 2 9  ? 11.160  -7.941  11.242  1.00 166.76 ? 20  DA  B N1    1 
ATOM   427 C  C2    . DA  B 2 9  ? 9.969   -8.132  11.822  1.00 164.37 ? 20  DA  B C2    1 
ATOM   428 N  N3    . DA  B 2 9  ? 9.147   -7.235  12.360  1.00 170.62 ? 20  DA  B N3    1 
ATOM   429 C  C4    . DA  B 2 9  ? 9.665   -5.998  12.268  1.00 178.51 ? 20  DA  B C4    1 
ATOM   430 P  P     . DT  C 3 1  ? -11.746 -1.033  11.497  1.00 161.00 ? 0   DT  C P     1 
ATOM   431 O  OP1   . DT  C 3 1  ? -11.320 0.381   11.613  1.00 152.06 ? 0   DT  C OP1   1 
ATOM   432 O  OP2   . DT  C 3 1  ? -10.818 -2.126  11.858  1.00 174.51 ? 0   DT  C OP2   1 
ATOM   433 O  "O5'" . DT  C 3 1  ? -12.326 -1.311  10.030  1.00 137.61 ? 0   DT  C "O5'" 1 
ATOM   434 C  "C5'" . DT  C 3 1  ? -13.484 -2.117  9.880   1.00 148.19 ? 0   DT  C "C5'" 1 
ATOM   435 C  "C4'" . DT  C 3 1  ? -13.356 -3.052  8.691   1.00 147.55 ? 0   DT  C "C4'" 1 
ATOM   436 O  "O4'" . DT  C 3 1  ? -14.233 -2.603  7.624   1.00 143.84 ? 0   DT  C "O4'" 1 
ATOM   437 C  "C3'" . DT  C 3 1  ? -11.959 -3.161  8.074   1.00 133.30 ? 0   DT  C "C3'" 1 
ATOM   438 O  "O3'" . DT  C 3 1  ? -11.732 -4.519  7.692   1.00 137.47 ? 0   DT  C "O3'" 1 
ATOM   439 C  "C2'" . DT  C 3 1  ? -12.062 -2.238  6.860   1.00 136.81 ? 0   DT  C "C2'" 1 
ATOM   440 C  "C1'" . DT  C 3 1  ? -13.493 -2.503  6.430   1.00 129.82 ? 0   DT  C "C1'" 1 
ATOM   441 N  N1    . DT  C 3 1  ? -14.105 -1.437  5.571   1.00 134.28 ? 0   DT  C N1    1 
ATOM   442 C  C2    . DT  C 3 1  ? -14.471 -1.749  4.279   1.00 145.28 ? 0   DT  C C2    1 
ATOM   443 O  O2    . DT  C 3 1  ? -14.306 -2.852  3.783   1.00 145.29 ? 0   DT  C O2    1 
ATOM   444 N  N3    . DT  C 3 1  ? -15.039 -0.716  3.574   1.00 138.61 ? 0   DT  C N3    1 
ATOM   445 C  C4    . DT  C 3 1  ? -15.279 0.568   4.019   1.00 137.77 ? 0   DT  C C4    1 
ATOM   446 O  O4    . DT  C 3 1  ? -15.797 1.427   3.305   1.00 137.21 ? 0   DT  C O4    1 
ATOM   447 C  C5    . DT  C 3 1  ? -14.878 0.830   5.383   1.00 140.75 ? 0   DT  C C5    1 
ATOM   448 C  C7    . DT  C 3 1  ? -15.081 2.192   5.973   1.00 147.82 ? 0   DT  C C7    1 
ATOM   449 C  C6    . DT  C 3 1  ? -14.316 -0.174  6.088   1.00 131.29 ? 0   DT  C C6    1 
ATOM   450 P  P     . DC  C 3 2  ? -10.369 -4.982  6.975   1.00 152.28 ? 1   DC  C P     1 
ATOM   451 O  OP1   . DC  C 3 2  ? -10.183 -6.410  7.306   1.00 154.10 ? 1   DC  C OP1   1 
ATOM   452 O  OP2   . DC  C 3 2  ? -9.293  -4.018  7.291   1.00 151.43 ? 1   DC  C OP2   1 
ATOM   453 O  "O5'" . DC  C 3 2  ? -10.698 -4.870  5.416   1.00 127.98 ? 1   DC  C "O5'" 1 
ATOM   454 C  "C5'" . DC  C 3 2  ? -10.359 -5.932  4.539   1.00 118.73 ? 1   DC  C "C5'" 1 
ATOM   455 C  "C4'" . DC  C 3 2  ? -10.424 -5.461  3.102   1.00 125.25 ? 1   DC  C "C4'" 1 
ATOM   456 O  "O4'" . DC  C 3 2  ? -11.300 -4.325  3.021   1.00 127.05 ? 1   DC  C "O4'" 1 
ATOM   457 C  "C3'" . DC  C 3 2  ? -9.095  -4.997  2.516   1.00 120.17 ? 1   DC  C "C3'" 1 
ATOM   458 O  "O3'" . DC  C 3 2  ? -8.525  -6.030  1.686   1.00 118.42 ? 1   DC  C "O3'" 1 
ATOM   459 C  "C2'" . DC  C 3 2  ? -9.419  -3.711  1.729   1.00 113.41 ? 1   DC  C "C2'" 1 
ATOM   460 C  "C1'" . DC  C 3 2  ? -10.918 -3.511  1.938   1.00 118.86 ? 1   DC  C "C1'" 1 
ATOM   461 N  N1    . DC  C 3 2  ? -11.319 -2.106  2.268   1.00 122.34 ? 1   DC  C N1    1 
ATOM   462 C  C2    . DC  C 3 2  ? -11.946 -1.312  1.300   1.00 122.41 ? 1   DC  C C2    1 
ATOM   463 O  O2    . DC  C 3 2  ? -12.132 -1.775  0.169   1.00 121.69 ? 1   DC  C O2    1 
ATOM   464 N  N3    . DC  C 3 2  ? -12.324 -0.049  1.628   1.00 120.30 ? 1   DC  C N3    1 
ATOM   465 C  C4    . DC  C 3 2  ? -12.107 0.416   2.860   1.00 124.70 ? 1   DC  C C4    1 
ATOM   466 N  N4    . DC  C 3 2  ? -12.498 1.665   3.138   1.00 122.50 ? 1   DC  C N4    1 
ATOM   467 C  C5    . DC  C 3 2  ? -11.478 -0.380  3.862   1.00 126.58 ? 1   DC  C C5    1 
ATOM   468 C  C6    . DC  C 3 2  ? -11.109 -1.623  3.528   1.00 125.15 ? 1   DC  C C6    1 
ATOM   469 P  P     . DT  C 3 3  ? -9.135  -6.405  0.242   1.00 113.39 ? 2   DT  C P     1 
ATOM   470 O  OP1   . DT  C 3 3  ? -10.594 -6.194  0.211   1.00 121.19 ? 2   DT  C OP1   1 
ATOM   471 O  OP2   . DT  C 3 3  ? -8.584  -7.738  -0.096  1.00 122.82 ? 2   DT  C OP2   1 
ATOM   472 O  "O5'" . DT  C 3 3  ? -8.482  -5.348  -0.760  1.00 121.82 ? 2   DT  C "O5'" 1 
ATOM   473 C  "C5'" . DT  C 3 3  ? -8.600  -5.552  -2.154  1.00 117.25 ? 2   DT  C "C5'" 1 
ATOM   474 C  "C4'" . DT  C 3 3  ? -8.647  -4.233  -2.895  1.00 115.54 ? 2   DT  C "C4'" 1 
ATOM   475 O  "O4'" . DT  C 3 3  ? -9.136  -3.189  -2.021  1.00 119.28 ? 2   DT  C "O4'" 1 
ATOM   476 C  "C3'" . DT  C 3 3  ? -7.295  -3.743  -3.420  1.00 110.90 ? 2   DT  C "C3'" 1 
ATOM   477 O  "O3'" . DT  C 3 3  ? -7.360  -3.579  -4.830  1.00 118.49 ? 2   DT  C "O3'" 1 
ATOM   478 C  "C2'" . DT  C 3 3  ? -7.089  -2.402  -2.702  1.00 112.17 ? 2   DT  C "C2'" 1 
ATOM   479 C  "C1'" . DT  C 3 3  ? -8.515  -1.999  -2.409  1.00 103.97 ? 2   DT  C "C1'" 1 
ATOM   480 N  N1    . DT  C 3 3  ? -8.651  -0.997  -1.325  1.00 103.42 ? 2   DT  C N1    1 
ATOM   481 C  C2    . DT  C 3 3  ? -9.357  0.159   -1.568  1.00 111.36 ? 2   DT  C C2    1 
ATOM   482 O  O2    . DT  C 3 3  ? -9.890  0.406   -2.637  1.00 112.91 ? 2   DT  C O2    1 
ATOM   483 N  N3    . DT  C 3 3  ? -9.426  1.021   -0.507  1.00 105.16 ? 2   DT  C N3    1 
ATOM   484 C  C4    . DT  C 3 3  ? -8.868  0.851   0.745   1.00 111.08 ? 2   DT  C C4    1 
ATOM   485 O  O4    . DT  C 3 3  ? -8.985  1.686   1.638   1.00 116.67 ? 2   DT  C O4    1 
ATOM   486 C  C5    . DT  C 3 3  ? -8.138  -0.379  0.930   1.00 107.65 ? 2   DT  C C5    1 
ATOM   487 C  C7    . DT  C 3 3  ? -7.487  -0.674  2.249   1.00 117.54 ? 2   DT  C C7    1 
ATOM   488 C  C6    . DT  C 3 3  ? -8.062  -1.231  -0.106  1.00 99.54  ? 2   DT  C C6    1 
ATOM   489 P  P     . DC  C 3 4  ? -7.205  -4.853  -5.801  1.00 146.84 ? 3   DC  C P     1 
ATOM   490 O  OP1   . DC  C 3 4  ? -8.192  -4.700  -6.895  1.00 138.68 ? 3   DC  C OP1   1 
ATOM   491 O  OP2   . DC  C 3 4  ? -7.198  -6.068  -4.955  1.00 135.83 ? 3   DC  C OP2   1 
ATOM   492 O  "O5'" . DC  C 3 4  ? -5.735  -4.702  -6.417  1.00 143.09 ? 3   DC  C "O5'" 1 
ATOM   493 C  "C5'" . DC  C 3 4  ? -4.606  -4.727  -5.554  1.00 141.16 ? 3   DC  C "C5'" 1 
ATOM   494 C  "C4'" . DC  C 3 4  ? -3.528  -5.653  -6.082  1.00 141.59 ? 3   DC  C "C4'" 1 
ATOM   495 O  "O4'" . DC  C 3 4  ? -2.851  -6.273  -4.970  1.00 145.56 ? 3   DC  C "O4'" 1 
ATOM   496 C  "C3'" . DC  C 3 4  ? -4.039  -6.782  -6.962  1.00 144.17 ? 3   DC  C "C3'" 1 
ATOM   497 O  "O3'" . DC  C 3 4  ? -3.887  -6.403  -8.319  1.00 145.33 ? 3   DC  C "O3'" 1 
ATOM   498 C  "C2'" . DC  C 3 4  ? -3.128  -7.961  -6.620  1.00 143.25 ? 3   DC  C "C2'" 1 
ATOM   499 C  "C1'" . DC  C 3 4  ? -2.649  -7.649  -5.209  1.00 138.44 ? 3   DC  C "C1'" 1 
ATOM   500 N  N1    . DC  C 3 4  ? -3.331  -8.419  -4.124  1.00 134.57 ? 3   DC  C N1    1 
ATOM   501 C  C2    . DC  C 3 4  ? -2.919  -9.723  -3.835  1.00 141.06 ? 3   DC  C C2    1 
ATOM   502 O  O2    . DC  C 3 4  ? -2.015  -10.230 -4.505  1.00 151.35 ? 3   DC  C O2    1 
ATOM   503 N  N3    . DC  C 3 4  ? -3.526  -10.399 -2.828  1.00 147.95 ? 3   DC  C N3    1 
ATOM   504 C  C4    . DC  C 3 4  ? -4.499  -9.816  -2.126  1.00 153.38 ? 3   DC  C C4    1 
ATOM   505 N  N4    . DC  C 3 4  ? -5.070  -10.520 -1.138  1.00 148.33 ? 3   DC  C N4    1 
ATOM   506 C  C5    . DC  C 3 4  ? -4.924  -8.480  -2.400  1.00 150.71 ? 3   DC  C C5    1 
ATOM   507 C  C6    . DC  C 3 4  ? -4.314  -7.825  -3.395  1.00 139.85 ? 3   DC  C C6    1 
ATOM   508 P  P     . DC  C 3 5  ? -5.147  -6.369  -9.313  1.00 149.85 ? 4   DC  C P     1 
ATOM   509 O  OP1   . DC  C 3 5  ? -5.200  -5.019  -9.919  1.00 150.63 ? 4   DC  C OP1   1 
ATOM   510 O  OP2   . DC  C 3 5  ? -6.333  -6.887  -8.596  1.00 145.47 ? 4   DC  C OP2   1 
ATOM   511 O  "O5'" . DC  C 3 5  ? -4.739  -7.417  -10.442 1.00 149.38 ? 4   DC  C "O5'" 1 
ATOM   512 C  "C5'" . DC  C 3 5  ? -3.424  -7.397  -10.974 1.00 137.56 ? 4   DC  C "C5'" 1 
ATOM   513 C  "C4'" . DC  C 3 5  ? -2.855  -8.802  -11.057 1.00 148.19 ? 4   DC  C "C4'" 1 
ATOM   514 O  "O4'" . DC  C 3 5  ? -2.915  -9.431  -9.745  1.00 143.49 ? 4   DC  C "O4'" 1 
ATOM   515 C  "C3'" . DC  C 3 5  ? -3.603  -9.749  -12.003 1.00 160.54 ? 4   DC  C "C3'" 1 
ATOM   516 O  "O3'" . DC  C 3 5  ? -2.681  -10.623 -12.636 1.00 168.80 ? 4   DC  C "O3'" 1 
ATOM   517 C  "C2'" . DC  C 3 5  ? -4.505  -10.512 -11.049 1.00 154.77 ? 4   DC  C "C2'" 1 
ATOM   518 C  "C1'" . DC  C 3 5  ? -3.582  -10.671 -9.863  1.00 153.01 ? 4   DC  C "C1'" 1 
ATOM   519 N  N1    . DC  C 3 5  ? -4.317  -10.956 -8.611  1.00 143.79 ? 4   DC  C N1    1 
ATOM   520 C  C2    . DC  C 3 5  ? -4.057  -12.138 -7.912  1.00 140.40 ? 4   DC  C C2    1 
ATOM   521 O  O2    . DC  C 3 5  ? -3.191  -12.915 -8.338  1.00 137.98 ? 4   DC  C O2    1 
ATOM   522 N  N3    . DC  C 3 5  ? -4.753  -12.392 -6.778  1.00 144.76 ? 4   DC  C N3    1 
ATOM   523 C  C4    . DC  C 3 5  ? -5.676  -11.524 -6.354  1.00 146.21 ? 4   DC  C C4    1 
ATOM   524 N  N4    . DC  C 3 5  ? -6.337  -11.812 -5.230  1.00 143.26 ? 4   DC  C N4    1 
ATOM   525 C  C5    . DC  C 3 5  ? -5.963  -10.324 -7.064  1.00 143.65 ? 4   DC  C C5    1 
ATOM   526 C  C6    . DC  C 3 5  ? -5.274  -10.087 -8.181  1.00 138.26 ? 4   DC  C C6    1 
ATOM   527 P  P     . DG  C 3 6  ? -3.176  -11.716 -13.708 1.00 166.01 ? 5   DG  C P     1 
ATOM   528 O  OP1   . DG  C 3 6  ? -2.704  -11.247 -15.031 1.00 166.61 ? 5   DG  C OP1   1 
ATOM   529 O  OP2   . DG  C 3 6  ? -4.611  -12.033 -13.521 1.00 146.97 ? 5   DG  C OP2   1 
ATOM   530 O  "O5'" . DG  C 3 6  ? -2.350  -13.021 -13.303 1.00 157.97 ? 5   DG  C "O5'" 1 
ATOM   531 C  "C5'" . DG  C 3 6  ? -2.665  -13.725 -12.109 1.00 154.20 ? 5   DG  C "C5'" 1 
ATOM   532 C  "C4'" . DG  C 3 6  ? -2.760  -15.204 -12.402 1.00 158.23 ? 5   DG  C "C4'" 1 
ATOM   533 O  "O4'" . DG  C 3 6  ? -3.350  -15.887 -11.281 1.00 158.08 ? 5   DG  C "O4'" 1 
ATOM   534 C  "C3'" . DG  C 3 6  ? -3.652  -15.548 -13.572 1.00 156.60 ? 5   DG  C "C3'" 1 
ATOM   535 O  "O3'" . DG  C 3 6  ? -3.272  -16.795 -14.101 1.00 159.80 ? 5   DG  C "O3'" 1 
ATOM   536 C  "C2'" . DG  C 3 6  ? -5.040  -15.599 -12.930 1.00 149.44 ? 5   DG  C "C2'" 1 
ATOM   537 C  "C1'" . DG  C 3 6  ? -4.739  -16.050 -11.496 1.00 143.49 ? 5   DG  C "C1'" 1 
ATOM   538 N  N9    . DG  C 3 6  ? -5.440  -15.277 -10.482 1.00 140.86 ? 5   DG  C N9    1 
ATOM   539 C  C8    . DG  C 3 6  ? -5.790  -13.950 -10.545 1.00 143.23 ? 5   DG  C C8    1 
ATOM   540 N  N7    . DG  C 3 6  ? -6.408  -13.529 -9.476  1.00 145.41 ? 5   DG  C N7    1 
ATOM   541 C  C5    . DG  C 3 6  ? -6.458  -14.643 -8.649  1.00 140.71 ? 5   DG  C C5    1 
ATOM   542 C  C6    . DG  C 3 6  ? -7.008  -14.795 -7.355  1.00 141.96 ? 5   DG  C C6    1 
ATOM   543 O  O6    . DG  C 3 6  ? -7.576  -13.945 -6.661  1.00 146.69 ? 5   DG  C O6    1 
ATOM   544 N  N1    . DG  C 3 6  ? -6.852  -16.092 -6.875  1.00 139.84 ? 5   DG  C N1    1 
ATOM   545 C  C2    . DG  C 3 6  ? -6.238  -17.113 -7.559  1.00 143.61 ? 5   DG  C C2    1 
ATOM   546 N  N2    . DG  C 3 6  ? -6.181  -18.297 -6.935  1.00 140.61 ? 5   DG  C N2    1 
ATOM   547 N  N3    . DG  C 3 6  ? -5.718  -16.983 -8.772  1.00 145.71 ? 5   DG  C N3    1 
ATOM   548 C  C4    . DG  C 3 6  ? -5.864  -15.726 -9.253  1.00 143.15 ? 5   DG  C C4    1 
ATOM   549 O  "O5'" . DT  D 4 1  ? 21.754  -11.188 6.651   1.00 173.13 ? 2   DT  D "O5'" 1 
ATOM   550 C  "C5'" . DT  D 4 1  ? 22.482  -12.382 6.917   1.00 175.81 ? 2   DT  D "C5'" 1 
ATOM   551 C  "C4'" . DT  D 4 1  ? 22.044  -13.002 8.232   1.00 174.00 ? 2   DT  D "C4'" 1 
ATOM   552 O  "O4'" . DT  D 4 1  ? 22.226  -12.051 9.296   1.00 179.14 ? 2   DT  D "O4'" 1 
ATOM   553 C  "C3'" . DT  D 4 1  ? 20.575  -13.360 8.316   1.00 175.25 ? 2   DT  D "C3'" 1 
ATOM   554 O  "O3'" . DT  D 4 1  ? 20.345  -14.635 7.728   1.00 180.30 ? 2   DT  D "O3'" 1 
ATOM   555 C  "C2'" . DT  D 4 1  ? 20.331  -13.387 9.826   1.00 170.84 ? 2   DT  D "C2'" 1 
ATOM   556 C  "C1'" . DT  D 4 1  ? 21.354  -12.380 10.359  1.00 181.41 ? 2   DT  D "C1'" 1 
ATOM   557 N  N1    . DT  D 4 1  ? 20.762  -11.120 10.922  1.00 185.81 ? 2   DT  D N1    1 
ATOM   558 C  C2    . DT  D 4 1  ? 19.980  -11.182 12.054  1.00 182.30 ? 2   DT  D C2    1 
ATOM   559 O  O2    . DT  D 4 1  ? 19.710  -12.227 12.622  1.00 178.16 ? 2   DT  D O2    1 
ATOM   560 N  N3    . DT  D 4 1  ? 19.510  -9.976  12.501  1.00 179.49 ? 2   DT  D N3    1 
ATOM   561 C  C4    . DT  D 4 1  ? 19.745  -8.731  11.944  1.00 181.21 ? 2   DT  D C4    1 
ATOM   562 O  O4    . DT  D 4 1  ? 19.279  -7.701  12.424  1.00 175.19 ? 2   DT  D O4    1 
ATOM   563 C  C5    . DT  D 4 1  ? 20.580  -8.732  10.765  1.00 186.98 ? 2   DT  D C5    1 
ATOM   564 C  C7    . DT  D 4 1  ? 20.905  -7.442  10.074  1.00 192.35 ? 2   DT  D C7    1 
ATOM   565 C  C6    . DT  D 4 1  ? 21.047  -9.910  10.318  1.00 185.41 ? 2   DT  D C6    1 
ATOM   566 P  P     . DC  D 4 2  ? 19.627  -14.741 6.293   1.00 186.73 ? 3   DC  D P     1 
ATOM   567 O  OP1   . DC  D 4 2  ? 20.656  -15.134 5.306   1.00 186.14 ? 3   DC  D OP1   1 
ATOM   568 O  OP2   . DC  D 4 2  ? 18.856  -13.496 6.077   1.00 174.30 ? 3   DC  D OP2   1 
ATOM   569 O  "O5'" . DC  D 4 2  ? 18.598  -15.955 6.454   1.00 169.68 ? 3   DC  D "O5'" 1 
ATOM   570 C  "C5'" . DC  D 4 2  ? 17.297  -15.720 6.975   1.00 169.58 ? 3   DC  D "C5'" 1 
ATOM   571 C  "C4'" . DC  D 4 2  ? 17.318  -15.718 8.490   1.00 168.58 ? 3   DC  D "C4'" 1 
ATOM   572 O  "O4'" . DC  D 4 2  ? 17.640  -14.392 8.972   1.00 169.79 ? 3   DC  D "O4'" 1 
ATOM   573 C  "C3'" . DC  D 4 2  ? 15.991  -16.090 9.148   1.00 172.01 ? 3   DC  D "C3'" 1 
ATOM   574 O  "O3'" . DC  D 4 2  ? 16.202  -17.099 10.114  1.00 174.82 ? 3   DC  D "O3'" 1 
ATOM   575 C  "C2'" . DC  D 4 2  ? 15.521  -14.784 9.791   1.00 169.69 ? 3   DC  D "C2'" 1 
ATOM   576 C  "C1'" . DC  D 4 2  ? 16.840  -14.111 10.089  1.00 170.86 ? 3   DC  D "C1'" 1 
ATOM   577 N  N1    . DC  D 4 2  ? 16.744  -12.632 10.246  1.00 178.47 ? 3   DC  D N1    1 
ATOM   578 C  C2    . DC  D 4 2  ? 16.078  -12.089 11.354  1.00 178.54 ? 3   DC  D C2    1 
ATOM   579 O  O2    . DC  D 4 2  ? 15.567  -12.850 12.190  1.00 172.03 ? 3   DC  D O2    1 
ATOM   580 N  N3    . DC  D 4 2  ? 16.010  -10.741 11.480  1.00 180.92 ? 3   DC  D N3    1 
ATOM   581 C  C4    . DC  D 4 2  ? 16.571  -9.953  10.561  1.00 179.18 ? 3   DC  D C4    1 
ATOM   582 N  N4    . DC  D 4 2  ? 16.477  -8.631  10.729  1.00 178.34 ? 3   DC  D N4    1 
ATOM   583 C  C5    . DC  D 4 2  ? 17.255  -10.486 9.429   1.00 175.21 ? 3   DC  D C5    1 
ATOM   584 C  C6    . DC  D 4 2  ? 17.317  -11.817 9.313   1.00 175.56 ? 3   DC  D C6    1 
ATOM   585 P  P     . DT  D 4 3  ? 15.308  -18.428 10.066  1.00 190.91 ? 4   DT  D P     1 
ATOM   586 O  OP1   . DT  D 4 3  ? 15.025  -18.854 11.457  1.00 190.96 ? 4   DT  D OP1   1 
ATOM   587 O  OP2   . DT  D 4 3  ? 15.956  -19.357 9.114   1.00 178.36 ? 4   DT  D OP2   1 
ATOM   588 O  "O5'" . DT  D 4 3  ? 13.955  -17.929 9.380   1.00 181.43 ? 4   DT  D "O5'" 1 
ATOM   589 C  "C5'" . DT  D 4 3  ? 12.808  -18.754 9.371   1.00 179.84 ? 4   DT  D "C5'" 1 
ATOM   590 C  "C4'" . DT  D 4 3  ? 11.930  -18.473 10.580  1.00 178.70 ? 4   DT  D "C4'" 1 
ATOM   591 O  "O4'" . DT  D 4 3  ? 12.165  -17.118 11.064  1.00 175.13 ? 4   DT  D "O4'" 1 
ATOM   592 C  "C3'" . DT  D 4 3  ? 10.434  -18.550 10.314  1.00 177.20 ? 4   DT  D "C3'" 1 
ATOM   593 O  "O3'" . DT  D 4 3  ? 9.768   -18.981 11.485  1.00 185.08 ? 4   DT  D "O3'" 1 
ATOM   594 C  "C2'" . DT  D 4 3  ? 10.099  -17.100 9.992   1.00 165.68 ? 4   DT  D "C2'" 1 
ATOM   595 C  "C1'" . DT  D 4 3  ? 10.946  -16.399 11.033  1.00 160.06 ? 4   DT  D "C1'" 1 
ATOM   596 N  N1    . DT  D 4 3  ? 11.230  -14.953 10.739  1.00 155.93 ? 4   DT  D N1    1 
ATOM   597 C  C2    . DT  D 4 3  ? 12.113  -14.616 9.734   1.00 157.75 ? 4   DT  D C2    1 
ATOM   598 O  O2    . DT  D 4 3  ? 12.681  -15.437 9.036   1.00 166.40 ? 4   DT  D O2    1 
ATOM   599 N  N3    . DT  D 4 3  ? 12.303  -13.267 9.565   1.00 152.99 ? 4   DT  D N3    1 
ATOM   600 C  C4    . DT  D 4 3  ? 11.715  -12.242 10.284  1.00 153.53 ? 4   DT  D C4    1 
ATOM   601 O  O4    . DT  D 4 3  ? 11.949  -11.057 10.056  1.00 149.00 ? 4   DT  D O4    1 
ATOM   602 C  C5    . DT  D 4 3  ? 10.803  -12.667 11.323  1.00 152.85 ? 4   DT  D C5    1 
ATOM   603 C  C7    . DT  D 4 3  ? 10.097  -11.651 12.169  1.00 153.57 ? 4   DT  D C7    1 
ATOM   604 C  C6    . DT  D 4 3  ? 10.611  -13.983 11.497  1.00 152.48 ? 4   DT  D C6    1 
ATOM   605 P  P     . DG  D 4 4  ? 8.174   -19.170 11.477  1.00 203.45 ? 5   DG  D P     1 
ATOM   606 O  OP1   . DG  D 4 4  ? 7.818   -20.031 12.629  1.00 190.90 ? 5   DG  D OP1   1 
ATOM   607 O  OP2   . DG  D 4 4  ? 7.790   -19.569 10.102  1.00 204.84 ? 5   DG  D OP2   1 
ATOM   608 O  "O5'" . DG  D 4 4  ? 7.613   -17.694 11.717  1.00 178.49 ? 5   DG  D "O5'" 1 
ATOM   609 C  "C5'" . DG  D 4 4  ? 6.916   -17.382 12.907  1.00 173.38 ? 5   DG  D "C5'" 1 
ATOM   610 C  "C4'" . DG  D 4 4  ? 6.087   -16.131 12.715  1.00 167.13 ? 5   DG  D "C4'" 1 
ATOM   611 O  "O4'" . DG  D 4 4  ? 6.908   -15.096 12.099  1.00 164.15 ? 5   DG  D "O4'" 1 
ATOM   612 C  "C3'" . DG  D 4 4  ? 4.877   -16.299 11.792  1.00 166.20 ? 5   DG  D "C3'" 1 
ATOM   613 O  "O3'" . DG  D 4 4  ? 3.813   -15.500 12.271  1.00 171.06 ? 5   DG  D "O3'" 1 
ATOM   614 C  "C2'" . DG  D 4 4  ? 5.407   -15.761 10.471  1.00 156.44 ? 5   DG  D "C2'" 1 
ATOM   615 C  "C1'" . DG  D 4 4  ? 6.223   -14.592 10.981  1.00 152.45 ? 5   DG  D "C1'" 1 
ATOM   616 N  N9    . DG  D 4 4  ? 7.177   -14.073 10.009  1.00 149.43 ? 5   DG  D N9    1 
ATOM   617 C  C8    . DG  D 4 4  ? 7.910   -14.792 9.100   1.00 146.16 ? 5   DG  D C8    1 
ATOM   618 N  N7    . DG  D 4 4  ? 8.671   -14.050 8.342   1.00 143.32 ? 5   DG  D N7    1 
ATOM   619 C  C5    . DG  D 4 4  ? 8.415   -12.754 8.771   1.00 142.59 ? 5   DG  D C5    1 
ATOM   620 C  C6    . DG  D 4 4  ? 8.945   -11.522 8.322   1.00 139.55 ? 5   DG  D C6    1 
ATOM   621 O  O6    . DG  D 4 4  ? 9.773   -11.325 7.427   1.00 134.27 ? 5   DG  D O6    1 
ATOM   622 N  N1    . DG  D 4 4  ? 8.416   -10.444 9.031   1.00 143.46 ? 5   DG  D N1    1 
ATOM   623 C  C2    . DG  D 4 4  ? 7.490   -10.545 10.043  1.00 142.38 ? 5   DG  D C2    1 
ATOM   624 N  N2    . DG  D 4 4  ? 7.095   -9.393  10.607  1.00 145.07 ? 5   DG  D N2    1 
ATOM   625 N  N3    . DG  D 4 4  ? 6.986   -11.694 10.473  1.00 141.83 ? 5   DG  D N3    1 
ATOM   626 C  C4    . DG  D 4 4  ? 7.492   -12.753 9.793   1.00 147.39 ? 5   DG  D C4    1 
ATOM   627 P  P     . DA  D 4 5  ? 2.334   -15.629 11.654  1.00 174.93 ? 6   DA  D P     1 
ATOM   628 O  OP1   . DA  D 4 5  ? 1.741   -16.866 12.208  1.00 173.08 ? 6   DA  D OP1   1 
ATOM   629 O  OP2   . DA  D 4 5  ? 2.390   -15.418 10.189  1.00 155.23 ? 6   DA  D OP2   1 
ATOM   630 O  "O5'" . DA  D 4 5  ? 1.572   -14.373 12.280  1.00 167.19 ? 6   DA  D "O5'" 1 
ATOM   631 C  "C5'" . DA  D 4 5  ? 2.323   -13.339 12.915  1.00 170.63 ? 6   DA  D "C5'" 1 
ATOM   632 C  "C4'" . DA  D 4 5  ? 2.173   -12.028 12.168  1.00 163.22 ? 6   DA  D "C4'" 1 
ATOM   633 O  "O4'" . DA  D 4 5  ? 3.281   -11.860 11.243  1.00 161.69 ? 6   DA  D "O4'" 1 
ATOM   634 C  "C3'" . DA  D 4 5  ? 0.899   -11.912 11.334  1.00 156.84 ? 6   DA  D "C3'" 1 
ATOM   635 O  "O3'" . DA  D 4 5  ? 0.316   -10.636 11.519  1.00 157.27 ? 6   DA  D "O3'" 1 
ATOM   636 C  "C2'" . DA  D 4 5  ? 1.398   -12.100 9.902   1.00 149.87 ? 6   DA  D "C2'" 1 
ATOM   637 C  "C1'" . DA  D 4 5  ? 2.780   -11.483 9.983   1.00 142.94 ? 6   DA  D "C1'" 1 
ATOM   638 N  N9    . DA  D 4 5  ? 3.698   -11.961 8.953   1.00 140.72 ? 6   DA  D N9    1 
ATOM   639 C  C8    . DA  D 4 5  ? 3.967   -13.261 8.625   1.00 141.51 ? 6   DA  D C8    1 
ATOM   640 N  N7    . DA  D 4 5  ? 4.842   -13.393 7.655   1.00 132.38 ? 6   DA  D N7    1 
ATOM   641 C  C5    . DA  D 4 5  ? 5.168   -12.089 7.324   1.00 131.36 ? 6   DA  D C5    1 
ATOM   642 C  C6    . DA  D 4 5  ? 6.047   -11.542 6.368   1.00 132.92 ? 6   DA  D C6    1 
ATOM   643 N  N6    . DA  D 4 5  ? 6.782   -12.285 5.537   1.00 141.69 ? 6   DA  D N6    1 
ATOM   644 N  N1    . DA  D 4 5  ? 6.139   -10.197 6.299   1.00 132.79 ? 6   DA  D N1    1 
ATOM   645 C  C2    . DA  D 4 5  ? 5.399   -9.455  7.133   1.00 139.09 ? 6   DA  D C2    1 
ATOM   646 N  N3    . DA  D 4 5  ? 4.541   -9.854  8.072   1.00 136.71 ? 6   DA  D N3    1 
ATOM   647 C  C4    . DA  D 4 5  ? 4.471   -11.194 8.114   1.00 135.37 ? 6   DA  D C4    1 
ATOM   648 P  P     . DG  D 4 6  ? -1.229  -10.395 11.151  1.00 167.88 ? 7   DG  D P     1 
ATOM   649 O  OP1   . DG  D 4 6  ? -1.928  -10.019 12.397  1.00 168.31 ? 7   DG  D OP1   1 
ATOM   650 O  OP2   . DG  D 4 6  ? -1.707  -11.552 10.360  1.00 145.99 ? 7   DG  D OP2   1 
ATOM   651 O  "O5'" . DG  D 4 6  ? -1.190  -9.126  10.187  1.00 146.55 ? 7   DG  D "O5'" 1 
ATOM   652 C  "C5'" . DG  D 4 6  ? -0.395  -8.010  10.542  1.00 154.67 ? 7   DG  D "C5'" 1 
ATOM   653 C  "C4'" . DG  D 4 6  ? -0.086  -7.166  9.322   1.00 156.98 ? 7   DG  D "C4'" 1 
ATOM   654 O  "O4'" . DG  D 4 6  ? 0.949   -7.806  8.533   1.00 144.92 ? 7   DG  D "O4'" 1 
ATOM   655 C  "C3'" . DG  D 4 6  ? -1.268  -6.942  8.386   1.00 148.96 ? 7   DG  D "C3'" 1 
ATOM   656 O  "O3'" . DG  D 4 6  ? -1.335  -5.579  8.033   1.00 149.25 ? 7   DG  D "O3'" 1 
ATOM   657 C  "C2'" . DG  D 4 6  ? -0.953  -7.826  7.176   1.00 146.51 ? 7   DG  D "C2'" 1 
ATOM   658 C  "C1'" . DG  D 4 6  ? 0.566   -7.839  7.179   1.00 129.34 ? 7   DG  D "C1'" 1 
ATOM   659 N  N9    . DG  D 4 6  ? 1.148   -9.040  6.587   1.00 134.13 ? 7   DG  D N9    1 
ATOM   660 C  C8    . DG  D 4 6  ? 0.920   -10.340 6.966   1.00 135.88 ? 7   DG  D C8    1 
ATOM   661 N  N7    . DG  D 4 6  ? 1.594   -11.213 6.267   1.00 132.10 ? 7   DG  D N7    1 
ATOM   662 C  C5    . DG  D 4 6  ? 2.324   -10.442 5.375   1.00 133.09 ? 7   DG  D C5    1 
ATOM   663 C  C6    . DG  D 4 6  ? 3.241   -10.832 4.366   1.00 138.16 ? 7   DG  D C6    1 
ATOM   664 O  O6    . DG  D 4 6  ? 3.599   -11.978 4.052   1.00 135.79 ? 7   DG  D O6    1 
ATOM   665 N  N1    . DG  D 4 6  ? 3.756   -9.730  3.687   1.00 136.91 ? 7   DG  D N1    1 
ATOM   666 C  C2    . DG  D 4 6  ? 3.433   -8.419  3.949   1.00 135.54 ? 7   DG  D C2    1 
ATOM   667 N  N2    . DG  D 4 6  ? 4.036   -7.494  3.188   1.00 138.66 ? 7   DG  D N2    1 
ATOM   668 N  N3    . DG  D 4 6  ? 2.577   -8.039  4.890   1.00 137.40 ? 7   DG  D N3    1 
ATOM   669 C  C4    . DG  D 4 6  ? 2.064   -9.099  5.561   1.00 134.19 ? 7   DG  D C4    1 
ATOM   670 P  P     . DT  D 4 7  ? -2.732  -4.926  7.593   1.00 161.39 ? 8   DT  D P     1 
ATOM   671 O  OP1   . DT  D 4 7  ? -2.979  -3.765  8.475   1.00 155.56 ? 8   DT  D OP1   1 
ATOM   672 O  OP2   . DT  D 4 7  ? -3.737  -6.012  7.498   1.00 139.16 ? 8   DT  D OP2   1 
ATOM   673 O  "O5'" . DT  D 4 7  ? -2.429  -4.384  6.126   1.00 142.88 ? 8   DT  D "O5'" 1 
ATOM   674 C  "C5'" . DT  D 4 7  ? -1.153  -3.841  5.838   1.00 142.50 ? 8   DT  D "C5'" 1 
ATOM   675 C  "C4'" . DT  D 4 7  ? -0.882  -3.884  4.350   1.00 142.61 ? 8   DT  D "C4'" 1 
ATOM   676 O  "O4'" . DT  D 4 7  ? -0.161  -5.099  4.010   1.00 146.19 ? 8   DT  D "O4'" 1 
ATOM   677 C  "C3'" . DT  D 4 7  ? -2.134  -3.885  3.472   1.00 137.35 ? 8   DT  D "C3'" 1 
ATOM   678 O  "O3'" . DT  D 4 7  ? -1.935  -3.024  2.377   1.00 137.82 ? 8   DT  D "O3'" 1 
ATOM   679 C  "C2'" . DT  D 4 7  ? -2.222  -5.336  3.014   1.00 143.28 ? 8   DT  D "C2'" 1 
ATOM   680 C  "C1'" . DT  D 4 7  ? -0.751  -5.642  2.856   1.00 137.82 ? 8   DT  D "C1'" 1 
ATOM   681 N  N1    . DT  D 4 7  ? -0.432  -7.087  2.775   1.00 133.44 ? 8   DT  D N1    1 
ATOM   682 C  C2    . DT  D 4 7  ? 0.532   -7.507  1.891   1.00 133.10 ? 8   DT  D C2    1 
ATOM   683 O  O2    . DT  D 4 7  ? 1.151   -6.747  1.168   1.00 130.86 ? 8   DT  D O2    1 
ATOM   684 N  N3    . DT  D 4 7  ? 0.752   -8.858  1.883   1.00 132.78 ? 8   DT  D N3    1 
ATOM   685 C  C4    . DT  D 4 7  ? 0.115   -9.813  2.654   1.00 138.02 ? 8   DT  D C4    1 
ATOM   686 O  O4    . DT  D 4 7  ? 0.385   -11.009 2.573   1.00 141.35 ? 8   DT  D O4    1 
ATOM   687 C  C5    . DT  D 4 7  ? -0.890  -9.303  3.560   1.00 130.68 ? 8   DT  D C5    1 
ATOM   688 C  C7    . DT  D 4 7  ? -1.652  -10.242 4.447   1.00 132.98 ? 8   DT  D C7    1 
ATOM   689 C  C6    . DT  D 4 7  ? -1.113  -7.981  3.575   1.00 130.34 ? 8   DT  D C6    1 
ATOM   690 P  P     . DG  D 4 8  ? -3.058  -1.948  1.989   1.00 130.17 ? 9   DG  D P     1 
ATOM   691 O  OP1   . DG  D 4 8  ? -3.314  -1.119  3.187   1.00 115.04 ? 9   DG  D OP1   1 
ATOM   692 O  OP2   . DG  D 4 8  ? -4.161  -2.689  1.339   1.00 133.75 ? 9   DG  D OP2   1 
ATOM   693 O  "O5'" . DG  D 4 8  ? -2.354  -1.048  0.866   1.00 137.18 ? 9   DG  D "O5'" 1 
ATOM   694 C  "C5'" . DG  D 4 8  ? -2.904  -0.987  -0.445  1.00 135.49 ? 9   DG  D "C5'" 1 
ATOM   695 C  "C4'" . DG  D 4 8  ? -2.119  -1.847  -1.417  1.00 125.69 ? 9   DG  D "C4'" 1 
ATOM   696 O  "O4'" . DG  D 4 8  ? -1.820  -3.134  -0.817  1.00 137.89 ? 9   DG  D "O4'" 1 
ATOM   697 C  "C3'" . DG  D 4 8  ? -2.861  -2.146  -2.720  1.00 124.38 ? 9   DG  D "C3'" 1 
ATOM   698 O  "O3'" . DG  D 4 8  ? -2.073  -1.781  -3.845  1.00 134.73 ? 9   DG  D "O3'" 1 
ATOM   699 C  "C2'" . DG  D 4 8  ? -3.105  -3.652  -2.674  1.00 127.83 ? 9   DG  D "C2'" 1 
ATOM   700 C  "C1'" . DG  D 4 8  ? -1.972  -4.133  -1.797  1.00 133.28 ? 9   DG  D "C1'" 1 
ATOM   701 N  N9    . DG  D 4 8  ? -2.262  -5.405  -1.146  1.00 130.84 ? 9   DG  D N9    1 
ATOM   702 C  C8    . DG  D 4 8  ? -3.175  -5.632  -0.151  1.00 131.24 ? 9   DG  D C8    1 
ATOM   703 N  N7    . DG  D 4 8  ? -3.228  -6.878  0.233   1.00 138.87 ? 9   DG  D N7    1 
ATOM   704 C  C5    . DG  D 4 8  ? -2.299  -7.523  -0.572  1.00 137.77 ? 9   DG  D C5    1 
ATOM   705 C  C6    . DG  D 4 8  ? -1.915  -8.887  -0.613  1.00 136.77 ? 9   DG  D C6    1 
ATOM   706 O  O6    . DG  D 4 8  ? -2.341  -9.828  0.074   1.00 132.78 ? 9   DG  D O6    1 
ATOM   707 N  N1    . DG  D 4 8  ? -0.939  -9.117  -1.579  1.00 137.08 ? 9   DG  D N1    1 
ATOM   708 C  C2    . DG  D 4 8  ? -0.401  -8.152  -2.398  1.00 138.07 ? 9   DG  D C2    1 
ATOM   709 N  N2    . DG  D 4 8  ? 0.531   -8.565  -3.270  1.00 138.41 ? 9   DG  D N2    1 
ATOM   710 N  N3    . DG  D 4 8  ? -0.750  -6.873  -2.367  1.00 140.14 ? 9   DG  D N3    1 
ATOM   711 C  C4    . DG  D 4 8  ? -1.701  -6.631  -1.433  1.00 136.68 ? 9   DG  D C4    1 
ATOM   712 P  P     . DG  D 4 9  ? -2.455  -0.485  -4.724  1.00 160.34 ? 10  DG  D P     1 
ATOM   713 O  OP1   . DG  D 4 9  ? -1.282  -0.190  -5.581  1.00 129.55 ? 10  DG  D OP1   1 
ATOM   714 O  OP2   . DG  D 4 9  ? -2.961  0.540   -3.784  1.00 140.78 ? 10  DG  D OP2   1 
ATOM   715 O  "O5'" . DG  D 4 9  ? -3.674  -0.957  -5.669  1.00 141.38 ? 10  DG  D "O5'" 1 
ATOM   716 C  "C5'" . DG  D 4 9  ? -4.982  -1.181  -5.118  1.00 125.16 ? 10  DG  D "C5'" 1 
ATOM   717 C  "C4'" . DG  D 4 9  ? -5.989  -0.145  -5.586  1.00 122.74 ? 10  DG  D "C4'" 1 
ATOM   718 O  "O4'" . DG  D 4 9  ? -6.905  0.140   -4.509  1.00 116.14 ? 10  DG  D "O4'" 1 
ATOM   719 C  "C3'" . DG  D 4 9  ? -5.411  1.202   -5.964  1.00 126.40 ? 10  DG  D "C3'" 1 
ATOM   720 O  "O3'" . DG  D 4 9  ? -5.008  1.173   -7.324  1.00 122.42 ? 10  DG  D "O3'" 1 
ATOM   721 C  "C2'" . DG  D 4 9  ? -6.598  2.145   -5.745  1.00 112.25 ? 10  DG  D "C2'" 1 
ATOM   722 C  "C1'" . DG  D 4 9  ? -7.349  1.481   -4.590  1.00 105.28 ? 10  DG  D "C1'" 1 
ATOM   723 N  N9    . DG  D 4 9  ? -7.154  2.119   -3.286  1.00 102.83 ? 10  DG  D N9    1 
ATOM   724 C  C8    . DG  D 4 9  ? -6.406  1.641   -2.236  1.00 101.78 ? 10  DG  D C8    1 
ATOM   725 N  N7    . DG  D 4 9  ? -6.434  2.412   -1.181  1.00 93.81  ? 10  DG  D N7    1 
ATOM   726 C  C5    . DG  D 4 9  ? -7.258  3.467   -1.552  1.00 97.52  ? 10  DG  D C5    1 
ATOM   727 C  C6    . DG  D 4 9  ? -7.658  4.606   -0.817  1.00 100.15 ? 10  DG  D C6    1 
ATOM   728 O  O6    . DG  D 4 9  ? -7.350  4.921   0.338   1.00 102.75 ? 10  DG  D O6    1 
ATOM   729 N  N1    . DG  D 4 9  ? -8.503  5.427   -1.561  1.00 103.18 ? 10  DG  D N1    1 
ATOM   730 C  C2    . DG  D 4 9  ? -8.904  5.174   -2.853  1.00 116.27 ? 10  DG  D C2    1 
ATOM   731 N  N2    . DG  D 4 9  ? -9.722  6.078   -3.410  1.00 125.29 ? 10  DG  D N2    1 
ATOM   732 N  N3    . DG  D 4 9  ? -8.536  4.107   -3.551  1.00 114.88 ? 10  DG  D N3    1 
ATOM   733 C  C4    . DG  D 4 9  ? -7.713  3.298   -2.840  1.00 105.62 ? 10  DG  D C4    1 
ATOM   734 P  P     . DG  D 4 10 ? -4.406  2.488   -8.016  1.00 116.53 ? 11  DG  D P     1 
ATOM   735 O  OP1   . DG  D 4 10 ? -3.370  2.039   -8.975  1.00 134.91 ? 11  DG  D OP1   1 
ATOM   736 O  OP2   . DG  D 4 10 ? -4.062  3.454   -6.947  1.00 108.61 ? 11  DG  D OP2   1 
ATOM   737 O  "O5'" . DG  D 4 10 ? -5.640  3.094   -8.832  1.00 128.43 ? 11  DG  D "O5'" 1 
ATOM   738 C  "C5'" . DG  D 4 10 ? -5.557  4.408   -9.359  1.00 129.42 ? 11  DG  D "C5'" 1 
ATOM   739 C  "C4'" . DG  D 4 10 ? -6.369  5.388   -8.527  1.00 131.61 ? 11  DG  D "C4'" 1 
ATOM   740 O  "O4'" . DG  D 4 10 ? -6.423  4.969   -7.151  1.00 110.81 ? 11  DG  D "O4'" 1 
ATOM   741 C  "C3'" . DG  D 4 10 ? -5.783  6.779   -8.442  1.00 141.69 ? 11  DG  D "C3'" 1 
ATOM   742 O  "O3'" . DG  D 4 10 ? -6.120  7.514   -9.603  1.00 149.44 ? 11  DG  D "O3'" 1 
ATOM   743 C  "C2'" . DG  D 4 10 ? -6.454  7.350   -7.182  1.00 129.28 ? 11  DG  D "C2'" 1 
ATOM   744 C  "C1'" . DG  D 4 10 ? -6.811  6.091   -6.376  1.00 115.46 ? 11  DG  D "C1'" 1 
ATOM   745 N  N9    . DG  D 4 10 ? -6.176  6.028   -5.056  1.00 107.77 ? 11  DG  D N9    1 
ATOM   746 C  C8    . DG  D 4 10 ? -5.294  5.079   -4.599  1.00 107.87 ? 11  DG  D C8    1 
ATOM   747 N  N7    . DG  D 4 10 ? -4.902  5.279   -3.369  1.00 100.98 ? 11  DG  D N7    1 
ATOM   748 C  C5    . DG  D 4 10 ? -5.565  6.435   -2.985  1.00 104.20 ? 11  DG  D C5    1 
ATOM   749 C  C6    . DG  D 4 10 ? -5.532  7.138   -1.757  1.00 112.47 ? 11  DG  D C6    1 
ATOM   750 O  O6    . DG  D 4 10 ? -4.887  6.864   -0.732  1.00 112.73 ? 11  DG  D O6    1 
ATOM   751 N  N1    . DG  D 4 10 ? -6.354  8.263   -1.788  1.00 111.86 ? 11  DG  D N1    1 
ATOM   752 C  C2    . DG  D 4 10 ? -7.111  8.659   -2.869  1.00 118.69 ? 11  DG  D C2    1 
ATOM   753 N  N2    . DG  D 4 10 ? -7.842  9.772   -2.705  1.00 124.39 ? 11  DG  D N2    1 
ATOM   754 N  N3    . DG  D 4 10 ? -7.150  8.009   -4.027  1.00 110.26 ? 11  DG  D N3    1 
ATOM   755 C  C4    . DG  D 4 10 ? -6.354  6.911   -4.013  1.00 106.67 ? 11  DG  D C4    1 
ATOM   756 P  P     . DT  D 4 11 ? -5.567  9.007   -9.788  1.00 150.85 ? 12  DT  D P     1 
ATOM   757 O  OP1   . DT  D 4 11 ? -5.265  9.188   -11.227 1.00 148.00 ? 12  DT  D OP1   1 
ATOM   758 O  OP2   . DT  D 4 11 ? -4.516  9.220   -8.764  1.00 138.83 ? 12  DT  D OP2   1 
ATOM   759 O  "O5'" . DT  D 4 11 ? -6.809  9.928   -9.381  1.00 139.21 ? 12  DT  D "O5'" 1 
ATOM   760 C  "C5'" . DT  D 4 11 ? -6.684  11.336  -9.435  1.00 140.24 ? 12  DT  D "C5'" 1 
ATOM   761 C  "C4'" . DT  D 4 11 ? -6.830  11.950  -8.058  1.00 136.90 ? 12  DT  D "C4'" 1 
ATOM   762 O  "O4'" . DT  D 4 11 ? -6.365  11.026  -7.055  1.00 122.20 ? 12  DT  D "O4'" 1 
ATOM   763 C  "C3'" . DT  D 4 11 ? -6.023  13.237  -7.842  1.00 148.68 ? 12  DT  D "C3'" 1 
ATOM   764 O  "O3'" . DT  D 4 11 ? -6.898  14.332  -7.644  1.00 159.09 ? 12  DT  D "O3'" 1 
ATOM   765 C  "C2'" . DT  D 4 11 ? -5.179  12.957  -6.592  1.00 148.30 ? 12  DT  D "C2'" 1 
ATOM   766 C  "C1'" . DT  D 4 11 ? -5.906  11.783  -5.969  1.00 132.31 ? 12  DT  D "C1'" 1 
ATOM   767 N  N1    . DT  D 4 11 ? -5.046  10.923  -5.106  1.00 129.58 ? 12  DT  D N1    1 
ATOM   768 C  C2    . DT  D 4 11 ? -4.904  11.233  -3.772  1.00 130.28 ? 12  DT  D C2    1 
ATOM   769 O  O2    . DT  D 4 11 ? -5.440  12.194  -3.246  1.00 134.37 ? 12  DT  D O2    1 
ATOM   770 N  N3    . DT  D 4 11 ? -4.104  10.374  -3.065  1.00 126.90 ? 12  DT  D N3    1 
ATOM   771 C  C4    . DT  D 4 11 ? -3.445  9.258   -3.545  1.00 119.33 ? 12  DT  D C4    1 
ATOM   772 O  O4    . DT  D 4 11 ? -2.747  8.546   -2.828  1.00 121.63 ? 12  DT  D O4    1 
ATOM   773 C  C5    . DT  D 4 11 ? -3.638  8.989   -4.951  1.00 112.79 ? 12  DT  D C5    1 
ATOM   774 C  C7    . DT  D 4 11 ? -2.973  7.807   -5.586  1.00 114.23 ? 12  DT  D C7    1 
ATOM   775 C  C6    . DT  D 4 11 ? -4.419  9.824   -5.655  1.00 122.66 ? 12  DT  D C6    1 
ATOM   776 P  P     . DC  D 4 12 ? -6.365  15.832  -7.857  1.00 177.39 ? 13  DC  D P     1 
ATOM   777 O  OP1   . DC  D 4 12 ? -7.554  16.701  -8.018  1.00 168.47 ? 13  DC  D OP1   1 
ATOM   778 O  OP2   . DC  D 4 12 ? -5.335  15.785  -8.919  1.00 166.84 ? 13  DC  D OP2   1 
ATOM   779 O  "O5'" . DC  D 4 12 ? -5.643  16.183  -6.469  1.00 162.01 ? 13  DC  D "O5'" 1 
ATOM   780 C  "C5'" . DC  D 4 12 ? -6.403  16.209  -5.263  1.00 162.96 ? 13  DC  D "C5'" 1 
ATOM   781 C  "C4'" . DC  D 4 12 ? -5.570  16.711  -4.093  1.00 169.98 ? 13  DC  D "C4'" 1 
ATOM   782 O  "O4'" . DC  D 4 12 ? -4.862  15.604  -3.476  1.00 164.13 ? 13  DC  D "O4'" 1 
ATOM   783 C  "C3'" . DC  D 4 12 ? -4.507  17.753  -4.440  1.00 177.48 ? 13  DC  D "C3'" 1 
ATOM   784 O  "O3'" . DC  D 4 12 ? -4.470  18.751  -3.424  1.00 192.57 ? 13  DC  D "O3'" 1 
ATOM   785 C  "C2'" . DC  D 4 12 ? -3.218  16.932  -4.466  1.00 173.02 ? 13  DC  D "C2'" 1 
ATOM   786 C  "C1'" . DC  D 4 12 ? -3.491  15.921  -3.364  1.00 167.55 ? 13  DC  D "C1'" 1 
ATOM   787 N  N1    . DC  D 4 12 ? -2.713  14.653  -3.490  1.00 155.31 ? 13  DC  D N1    1 
ATOM   788 C  C2    . DC  D 4 12 ? -2.105  14.094  -2.358  1.00 152.96 ? 13  DC  D C2    1 
ATOM   789 O  O2    . DC  D 4 12 ? -2.209  14.671  -1.267  1.00 153.26 ? 13  DC  D O2    1 
ATOM   790 N  N3    . DC  D 4 12 ? -1.414  12.933  -2.490  1.00 145.84 ? 13  DC  D N3    1 
ATOM   791 C  C4    . DC  D 4 12 ? -1.326  12.340  -3.683  1.00 141.30 ? 13  DC  D C4    1 
ATOM   792 N  N4    . DC  D 4 12 ? -0.635  11.197  -3.765  1.00 133.36 ? 13  DC  D N4    1 
ATOM   793 C  C5    . DC  D 4 12 ? -1.941  12.894  -4.845  1.00 138.81 ? 13  DC  D C5    1 
ATOM   794 C  C6    . DC  D 4 12 ? -2.617  14.039  -4.703  1.00 146.39 ? 13  DC  D C6    1 
ATOM   795 P  P     . DT  D 4 13 ? -3.965  20.241  -3.754  1.00 200.72 ? 14  DT  D P     1 
ATOM   796 O  OP1   . DT  D 4 13 ? -5.045  21.177  -3.370  1.00 197.16 ? 14  DT  D OP1   1 
ATOM   797 O  OP2   . DT  D 4 13 ? -3.447  20.249  -5.140  1.00 190.18 ? 14  DT  D OP2   1 
ATOM   798 O  "O5'" . DT  D 4 13 ? -2.721  20.442  -2.769  1.00 195.52 ? 14  DT  D "O5'" 1 
ATOM   799 C  "C5'" . DT  D 4 13 ? -2.837  20.081  -1.397  1.00 190.94 ? 14  DT  D "C5'" 1 
ATOM   800 C  "C4'" . DT  D 4 13 ? -1.473  19.764  -0.814  1.00 195.78 ? 14  DT  D "C4'" 1 
ATOM   801 O  "O4'" . DT  D 4 13 ? -1.061  18.436  -1.234  1.00 187.24 ? 14  DT  D "O4'" 1 
ATOM   802 C  "C3'" . DT  D 4 13 ? -0.352  20.721  -1.246  1.00 207.27 ? 14  DT  D "C3'" 1 
ATOM   803 O  "O3'" . DT  D 4 13 ? 0.352   21.213  -0.102  1.00 216.79 ? 14  DT  D "O3'" 1 
ATOM   804 C  "C2'" . DT  D 4 13 ? 0.547   19.854  -2.133  1.00 199.20 ? 14  DT  D "C2'" 1 
ATOM   805 C  "C1'" . DT  D 4 13 ? 0.307   18.470  -1.554  1.00 192.16 ? 14  DT  D "C1'" 1 
ATOM   806 N  N1    . DT  D 4 13 ? 0.619   17.355  -2.505  1.00 184.50 ? 14  DT  D N1    1 
ATOM   807 C  C2    . DT  D 4 13 ? 1.321   16.261  -2.048  1.00 180.38 ? 14  DT  D C2    1 
ATOM   808 O  O2    . DT  D 4 13 ? 1.697   16.141  -0.894  1.00 182.86 ? 14  DT  D O2    1 
ATOM   809 N  N3    . DT  D 4 13 ? 1.564   15.299  -2.995  1.00 169.10 ? 14  DT  D N3    1 
ATOM   810 C  C4    . DT  D 4 13 ? 1.187   15.323  -4.325  1.00 168.61 ? 14  DT  D C4    1 
ATOM   811 O  O4    . DT  D 4 13 ? 1.451   14.406  -5.099  1.00 170.97 ? 14  DT  D O4    1 
ATOM   812 C  C5    . DT  D 4 13 ? 0.461   16.500  -4.742  1.00 166.86 ? 14  DT  D C5    1 
ATOM   813 C  C7    . DT  D 4 13 ? 0.002   16.636  -6.162  1.00 161.52 ? 14  DT  D C7    1 
ATOM   814 C  C6    . DT  D 4 13 ? 0.218   17.452  -3.824  1.00 175.16 ? 14  DT  D C6    1 
ATOM   815 P  P     . DG  D 4 14 ? 0.620   22.789  0.070   1.00 216.67 ? 15  DG  D P     1 
ATOM   816 O  OP1   . DG  D 4 14 ? -0.641  23.420  0.517   1.00 219.65 ? 15  DG  D OP1   1 
ATOM   817 O  OP2   . DG  D 4 14 ? 1.292   23.270  -1.157  1.00 217.18 ? 15  DG  D OP2   1 
ATOM   818 O  "O5'" . DG  D 4 14 ? 1.658   22.874  1.281   1.00 211.89 ? 15  DG  D "O5'" 1 
ATOM   819 C  "C5'" . DG  D 4 14 ? 1.450   22.100  2.453   1.00 210.69 ? 15  DG  D "C5'" 1 
ATOM   820 C  "C4'" . DG  D 4 14 ? 2.705   21.322  2.809   1.00 211.38 ? 15  DG  D "C4'" 1 
ATOM   821 O  "O4'" . DG  D 4 14 ? 2.929   20.287  1.815   1.00 209.05 ? 15  DG  D "O4'" 1 
ATOM   822 C  "C3'" . DG  D 4 14 ? 3.989   22.153  2.852   1.00 211.35 ? 15  DG  D "C3'" 1 
ATOM   823 O  "O3'" . DG  D 4 14 ? 4.820   21.716  3.919   1.00 219.08 ? 15  DG  D "O3'" 1 
ATOM   824 C  "C2'" . DG  D 4 14 ? 4.629   21.864  1.498   1.00 207.63 ? 15  DG  D "C2'" 1 
ATOM   825 C  "C1'" . DG  D 4 14 ? 4.231   20.413  1.285   1.00 204.74 ? 15  DG  D "C1'" 1 
ATOM   826 N  N9    . DG  D 4 14 ? 4.207   20.020  -0.120  1.00 197.36 ? 15  DG  D N9    1 
ATOM   827 C  C8    . DG  D 4 14 ? 3.730   20.755  -1.178  1.00 194.73 ? 15  DG  D C8    1 
ATOM   828 N  N7    . DG  D 4 14 ? 3.846   20.148  -2.327  1.00 193.43 ? 15  DG  D N7    1 
ATOM   829 C  C5    . DG  D 4 14 ? 4.439   18.933  -2.010  1.00 192.85 ? 15  DG  D C5    1 
ATOM   830 C  C6    . DG  D 4 14 ? 4.811   17.850  -2.847  1.00 186.75 ? 15  DG  D C6    1 
ATOM   831 O  O6    . DG  D 4 14 ? 4.684   17.750  -4.078  1.00 179.00 ? 15  DG  D O6    1 
ATOM   832 N  N1    . DG  D 4 14 ? 5.383   16.810  -2.119  1.00 183.79 ? 15  DG  D N1    1 
ATOM   833 C  C2    . DG  D 4 14 ? 5.572   16.813  -0.755  1.00 186.63 ? 15  DG  D C2    1 
ATOM   834 N  N2    . DG  D 4 14 ? 6.141   15.718  -0.231  1.00 182.30 ? 15  DG  D N2    1 
ATOM   835 N  N3    . DG  D 4 14 ? 5.227   17.819  0.038   1.00 191.97 ? 15  DG  D N3    1 
ATOM   836 C  C4    . DG  D 4 14 ? 4.669   18.840  -0.655  1.00 194.91 ? 15  DG  D C4    1 
ATOM   837 P  P     . DC  D 4 15 ? 6.003   22.661  4.461   1.00 222.25 ? 16  DC  D P     1 
ATOM   838 O  OP1   . DC  D 4 15 ? 5.380   23.890  5.005   1.00 223.34 ? 16  DC  D OP1   1 
ATOM   839 O  OP2   . DC  D 4 15 ? 7.029   22.765  3.402   1.00 209.70 ? 16  DC  D OP2   1 
ATOM   840 O  "O5'" . DC  D 4 15 ? 6.641   21.826  5.667   1.00 211.53 ? 16  DC  D "O5'" 1 
ATOM   841 C  "C5'" . DC  D 4 15 ? 8.046   21.871  5.894   1.00 208.86 ? 16  DC  D "C5'" 1 
ATOM   842 C  "C4'" . DC  D 4 15 ? 8.682   20.520  5.614   1.00 210.82 ? 16  DC  D "C4'" 1 
ATOM   843 O  "O4'" . DC  D 4 15 ? 8.117   19.956  4.403   1.00 205.60 ? 16  DC  D "O4'" 1 
ATOM   844 C  "C3'" . DC  D 4 15 ? 10.202  20.549  5.412   1.00 216.52 ? 16  DC  D "C3'" 1 
ATOM   845 O  "O3'" . DC  D 4 15 ? 10.830  19.606  6.280   1.00 218.10 ? 16  DC  D "O3'" 1 
ATOM   846 C  "C2'" . DC  D 4 15 ? 10.390  20.177  3.937   1.00 205.99 ? 16  DC  D "C2'" 1 
ATOM   847 C  "C1'" . DC  D 4 15 ? 9.144   19.352  3.656   1.00 205.91 ? 16  DC  D "C1'" 1 
ATOM   848 N  N1    . DC  D 4 15 ? 8.738   19.339  2.217   1.00 203.90 ? 16  DC  D N1    1 
ATOM   849 C  C2    . DC  D 4 15 ? 9.083   18.249  1.408   1.00 201.72 ? 16  DC  D C2    1 
ATOM   850 O  O2    . DC  D 4 15 ? 9.725   17.309  1.898   1.00 201.10 ? 16  DC  D O2    1 
ATOM   851 N  N3    . DC  D 4 15 ? 8.703   18.253  0.103   1.00 196.07 ? 16  DC  D N3    1 
ATOM   852 C  C4    . DC  D 4 15 ? 8.010   19.284  -0.388  1.00 191.40 ? 16  DC  D C4    1 
ATOM   853 N  N4    . DC  D 4 15 ? 7.657   19.244  -1.677  1.00 182.77 ? 16  DC  D N4    1 
ATOM   854 C  C5    . DC  D 4 15 ? 7.649   20.401  0.420   1.00 195.83 ? 16  DC  D C5    1 
ATOM   855 C  C6    . DC  D 4 15 ? 8.028   20.386  1.704   1.00 201.07 ? 16  DC  D C6    1 
HETATM 856 AS AS    . CAC E 5 .  ? -2.224  3.868   -0.541  1.00 217.11 ? 101 CAC D AS    1 
# 
loop_
_pdbx_poly_seq_scheme.asym_id 
_pdbx_poly_seq_scheme.entity_id 
_pdbx_poly_seq_scheme.seq_id 
_pdbx_poly_seq_scheme.mon_id 
_pdbx_poly_seq_scheme.ndb_seq_num 
_pdbx_poly_seq_scheme.pdb_seq_num 
_pdbx_poly_seq_scheme.auth_seq_num 
_pdbx_poly_seq_scheme.pdb_mon_id 
_pdbx_poly_seq_scheme.auth_mon_id 
_pdbx_poly_seq_scheme.pdb_strand_id 
_pdbx_poly_seq_scheme.pdb_ins_code 
_pdbx_poly_seq_scheme.hetero 
A 1 1  DG 1  1  1  DG DG A . n 
A 1 2  DA 2  2  2  DA DA A . n 
A 1 3  DG 3  3  3  DG DG A . n 
A 1 4  DC 4  4  4  DC DC A . n 
A 1 5  DA 5  5  5  DA DA A . n 
A 1 6  DG 6  6  6  DG DG A . n 
A 1 7  DA 7  7  7  DA DA A . n 
A 1 8  DC 8  8  8  DC DC A . n 
A 1 9  DC 9  9  9  DC DC A . n 
A 1 10 DA 10 10 10 DA DA A . n 
A 1 11 DG 11 11 11 DG DG A . n 
A 1 12 DA 12 12 12 DA DA A . n 
B 2 1  DC 1  12 12 DC DC B . n 
B 2 2  DG 2  13 13 DG DG B . n 
B 2 3  DG 3  14 14 DG DG B . n 
B 2 4  DC 4  15 15 DC DC B . n 
B 2 5  DA 5  16 16 DA DA B . n 
B 2 6  DC 6  17 17 DC DC B . n 
B 2 7  DT 7  18 18 DT DT B . n 
B 2 8  DC 8  19 19 DC DC B . n 
B 2 9  DA 9  20 20 DA DA B . n 
C 3 1  DT 1  0  0  DT DT C . n 
C 3 2  DC 2  1  1  DC DC C . n 
C 3 3  DT 3  2  2  DT DT C . n 
C 3 4  DC 4  3  3  DC DC C . n 
C 3 5  DC 5  4  4  DC DC C . n 
C 3 6  DG 6  5  5  DG DG C . n 
D 4 1  DT 1  2  2  DT DT D . n 
D 4 2  DC 2  3  3  DC DC D . n 
D 4 3  DT 3  4  4  DT DT D . n 
D 4 4  DG 4  5  5  DG DG D . n 
D 4 5  DA 5  6  6  DA DA D . n 
D 4 6  DG 6  7  7  DG DG D . n 
D 4 7  DT 7  8  8  DT DT D . n 
D 4 8  DG 8  9  9  DG DG D . n 
D 4 9  DG 9  10 10 DG DG D . n 
D 4 10 DG 10 11 11 DG DG D . n 
D 4 11 DT 11 12 12 DT DT D . n 
D 4 12 DC 12 13 13 DC DC D . n 
D 4 13 DT 13 14 14 DT DT D . n 
D 4 14 DG 14 15 15 DG DG D . n 
D 4 15 DC 15 16 16 DC DC D . n 
# 
_pdbx_nonpoly_scheme.asym_id         E 
_pdbx_nonpoly_scheme.entity_id       5 
_pdbx_nonpoly_scheme.mon_id          CAC 
_pdbx_nonpoly_scheme.ndb_seq_num     1 
_pdbx_nonpoly_scheme.pdb_seq_num     101 
_pdbx_nonpoly_scheme.auth_seq_num    1 
_pdbx_nonpoly_scheme.pdb_mon_id      CAC 
_pdbx_nonpoly_scheme.auth_mon_id     AS 
_pdbx_nonpoly_scheme.pdb_strand_id   D 
_pdbx_nonpoly_scheme.pdb_ins_code    . 
# 
_pdbx_struct_assembly.id                   1 
_pdbx_struct_assembly.details              author_and_software_defined_assembly 
_pdbx_struct_assembly.method_details       PISA 
_pdbx_struct_assembly.oligomeric_details   tetrameric 
_pdbx_struct_assembly.oligomeric_count     4 
# 
_pdbx_struct_assembly_gen.assembly_id       1 
_pdbx_struct_assembly_gen.oper_expression   1 
_pdbx_struct_assembly_gen.asym_id_list      A,B,C,D,E 
# 
loop_
_pdbx_struct_assembly_prop.biol_id 
_pdbx_struct_assembly_prop.type 
_pdbx_struct_assembly_prop.value 
_pdbx_struct_assembly_prop.details 
1 'ABSA (A^2)' 2440 ? 
1 MORE         -11  ? 
1 'SSA (A^2)'  8010 ? 
# 
_pdbx_struct_oper_list.id                   1 
_pdbx_struct_oper_list.type                 'identity operation' 
_pdbx_struct_oper_list.name                 1_555 
_pdbx_struct_oper_list.symmetry_operation   x,y,z 
_pdbx_struct_oper_list.matrix[1][1]         1.0000000000 
_pdbx_struct_oper_list.matrix[1][2]         0.0000000000 
_pdbx_struct_oper_list.matrix[1][3]         0.0000000000 
_pdbx_struct_oper_list.vector[1]            0.0000000000 
_pdbx_struct_oper_list.matrix[2][1]         0.0000000000 
_pdbx_struct_oper_list.matrix[2][2]         1.0000000000 
_pdbx_struct_oper_list.matrix[2][3]         0.0000000000 
_pdbx_struct_oper_list.vector[2]            0.0000000000 
_pdbx_struct_oper_list.matrix[3][1]         0.0000000000 
_pdbx_struct_oper_list.matrix[3][2]         0.0000000000 
_pdbx_struct_oper_list.matrix[3][3]         1.0000000000 
_pdbx_struct_oper_list.vector[3]            0.0000000000 
# 
loop_
_pdbx_audit_revision_history.ordinal 
_pdbx_audit_revision_history.data_content_type 
_pdbx_audit_revision_history.major_revision 
_pdbx_audit_revision_history.minor_revision 
_pdbx_audit_revision_history.revision_date 
1 'Structure model' 1 0 2021-07-14 
2 'Structure model' 1 1 2022-07-06 
3 'Structure model' 1 2 2023-10-18 
# 
_pdbx_audit_revision_details.ordinal             1 
_pdbx_audit_revision_details.revision_ordinal    1 
_pdbx_audit_revision_details.data_content_type   'Structure model' 
_pdbx_audit_revision_details.provider            repository 
_pdbx_audit_revision_details.type                'Initial release' 
_pdbx_audit_revision_details.description         ? 
_pdbx_audit_revision_details.details             ? 
# 
loop_
_pdbx_audit_revision_group.ordinal 
_pdbx_audit_revision_group.revision_ordinal 
_pdbx_audit_revision_group.data_content_type 
_pdbx_audit_revision_group.group 
1 2 'Structure model' 'Database references'    
2 3 'Structure model' 'Data collection'        
3 3 'Structure model' 'Refinement description' 
# 
loop_
_pdbx_audit_revision_category.ordinal 
_pdbx_audit_revision_category.revision_ordinal 
_pdbx_audit_revision_category.data_content_type 
_pdbx_audit_revision_category.category 
1 2 'Structure model' citation                      
2 2 'Structure model' citation_author               
3 2 'Structure model' database_2                    
4 3 'Structure model' chem_comp_atom                
5 3 'Structure model' chem_comp_bond                
6 3 'Structure model' pdbx_initial_refinement_model 
# 
loop_
_pdbx_audit_revision_item.ordinal 
_pdbx_audit_revision_item.revision_ordinal 
_pdbx_audit_revision_item.data_content_type 
_pdbx_audit_revision_item.item 
1  2 'Structure model' '_citation.country'                   
2  2 'Structure model' '_citation.journal_abbrev'            
3  2 'Structure model' '_citation.journal_id_CSD'            
4  2 'Structure model' '_citation.journal_id_ISSN'           
5  2 'Structure model' '_citation.journal_volume'            
6  2 'Structure model' '_citation.page_first'                
7  2 'Structure model' '_citation.page_last'                 
8  2 'Structure model' '_citation.pdbx_database_id_DOI'      
9  2 'Structure model' '_citation.pdbx_database_id_PubMed'   
10 2 'Structure model' '_citation.title'                     
11 2 'Structure model' '_citation.year'                      
12 2 'Structure model' '_database_2.pdbx_DOI'                
13 2 'Structure model' '_database_2.pdbx_database_accession' 
# 
loop_
_software.citation_id 
_software.classification 
_software.compiler_name 
_software.compiler_version 
_software.contact_author 
_software.contact_author_email 
_software.date 
_software.description 
_software.dependencies 
_software.hardware 
_software.language 
_software.location 
_software.mods 
_software.name 
_software.os 
_software.os_version 
_software.type 
_software.version 
_software.pdbx_ordinal 
? 'data reduction'  ? ? ? ? ? ? ? ? ? ? ? HKL-2000    ? ? ? .           1 
? 'data scaling'    ? ? ? ? ? ? ? ? ? ? ? HKL-2000    ? ? ? .           2 
? refinement        ? ? ? ? ? ? ? ? ? ? ? PHENIX      ? ? ? 1.11.1_2575 3 
? 'data extraction' ? ? ? ? ? ? ? ? ? ? ? PDB_EXTRACT ? ? ? 3.25        4 
? phasing           ? ? ? ? ? ? ? ? ? ? ? PHASER      ? ? ? .           5 
# 
_pdbx_entry_details.entry_id                 7JHT 
_pdbx_entry_details.has_ligand_of_interest   N 
_pdbx_entry_details.compound_details         ? 
_pdbx_entry_details.source_details           ? 
_pdbx_entry_details.nonpolymer_details       ? 
_pdbx_entry_details.sequence_details         ? 
# 
loop_
_pdbx_unobs_or_zero_occ_atoms.id 
_pdbx_unobs_or_zero_occ_atoms.PDB_model_num 
_pdbx_unobs_or_zero_occ_atoms.polymer_flag 
_pdbx_unobs_or_zero_occ_atoms.occupancy_flag 
_pdbx_unobs_or_zero_occ_atoms.auth_asym_id 
_pdbx_unobs_or_zero_occ_atoms.auth_comp_id 
_pdbx_unobs_or_zero_occ_atoms.auth_seq_id 
_pdbx_unobs_or_zero_occ_atoms.PDB_ins_code 
_pdbx_unobs_or_zero_occ_atoms.auth_atom_id 
_pdbx_unobs_or_zero_occ_atoms.label_alt_id 
_pdbx_unobs_or_zero_occ_atoms.label_asym_id 
_pdbx_unobs_or_zero_occ_atoms.label_comp_id 
_pdbx_unobs_or_zero_occ_atoms.label_seq_id 
_pdbx_unobs_or_zero_occ_atoms.label_atom_id 
1 1 N 1 D CAC 101 ? O1 ? E CAC 1 O1 
2 1 N 1 D CAC 101 ? O2 ? E CAC 1 O2 
3 1 N 1 D CAC 101 ? C1 ? E CAC 1 C1 
4 1 N 1 D CAC 101 ? C2 ? E CAC 1 C2 
# 
loop_
_chem_comp_atom.comp_id 
_chem_comp_atom.atom_id 
_chem_comp_atom.type_symbol 
_chem_comp_atom.pdbx_aromatic_flag 
_chem_comp_atom.pdbx_stereo_config 
_chem_comp_atom.pdbx_ordinal 
CAC AS     AS N N 1   
CAC O1     O  N N 2   
CAC O2     O  N N 3   
CAC C1     C  N N 4   
CAC C2     C  N N 5   
CAC H11    H  N N 6   
CAC H12    H  N N 7   
CAC H13    H  N N 8   
CAC H21    H  N N 9   
CAC H22    H  N N 10  
CAC H23    H  N N 11  
DA  OP3    O  N N 12  
DA  P      P  N N 13  
DA  OP1    O  N N 14  
DA  OP2    O  N N 15  
DA  "O5'"  O  N N 16  
DA  "C5'"  C  N N 17  
DA  "C4'"  C  N R 18  
DA  "O4'"  O  N N 19  
DA  "C3'"  C  N S 20  
DA  "O3'"  O  N N 21  
DA  "C2'"  C  N N 22  
DA  "C1'"  C  N R 23  
DA  N9     N  Y N 24  
DA  C8     C  Y N 25  
DA  N7     N  Y N 26  
DA  C5     C  Y N 27  
DA  C6     C  Y N 28  
DA  N6     N  N N 29  
DA  N1     N  Y N 30  
DA  C2     C  Y N 31  
DA  N3     N  Y N 32  
DA  C4     C  Y N 33  
DA  HOP3   H  N N 34  
DA  HOP2   H  N N 35  
DA  "H5'"  H  N N 36  
DA  "H5''" H  N N 37  
DA  "H4'"  H  N N 38  
DA  "H3'"  H  N N 39  
DA  "HO3'" H  N N 40  
DA  "H2'"  H  N N 41  
DA  "H2''" H  N N 42  
DA  "H1'"  H  N N 43  
DA  H8     H  N N 44  
DA  H61    H  N N 45  
DA  H62    H  N N 46  
DA  H2     H  N N 47  
DC  OP3    O  N N 48  
DC  P      P  N N 49  
DC  OP1    O  N N 50  
DC  OP2    O  N N 51  
DC  "O5'"  O  N N 52  
DC  "C5'"  C  N N 53  
DC  "C4'"  C  N R 54  
DC  "O4'"  O  N N 55  
DC  "C3'"  C  N S 56  
DC  "O3'"  O  N N 57  
DC  "C2'"  C  N N 58  
DC  "C1'"  C  N R 59  
DC  N1     N  N N 60  
DC  C2     C  N N 61  
DC  O2     O  N N 62  
DC  N3     N  N N 63  
DC  C4     C  N N 64  
DC  N4     N  N N 65  
DC  C5     C  N N 66  
DC  C6     C  N N 67  
DC  HOP3   H  N N 68  
DC  HOP2   H  N N 69  
DC  "H5'"  H  N N 70  
DC  "H5''" H  N N 71  
DC  "H4'"  H  N N 72  
DC  "H3'"  H  N N 73  
DC  "HO3'" H  N N 74  
DC  "H2'"  H  N N 75  
DC  "H2''" H  N N 76  
DC  "H1'"  H  N N 77  
DC  H41    H  N N 78  
DC  H42    H  N N 79  
DC  H5     H  N N 80  
DC  H6     H  N N 81  
DG  OP3    O  N N 82  
DG  P      P  N N 83  
DG  OP1    O  N N 84  
DG  OP2    O  N N 85  
DG  "O5'"  O  N N 86  
DG  "C5'"  C  N N 87  
DG  "C4'"  C  N R 88  
DG  "O4'"  O  N N 89  
DG  "C3'"  C  N S 90  
DG  "O3'"  O  N N 91  
DG  "C2'"  C  N N 92  
DG  "C1'"  C  N R 93  
DG  N9     N  Y N 94  
DG  C8     C  Y N 95  
DG  N7     N  Y N 96  
DG  C5     C  Y N 97  
DG  C6     C  N N 98  
DG  O6     O  N N 99  
DG  N1     N  N N 100 
DG  C2     C  N N 101 
DG  N2     N  N N 102 
DG  N3     N  N N 103 
DG  C4     C  Y N 104 
DG  HOP3   H  N N 105 
DG  HOP2   H  N N 106 
DG  "H5'"  H  N N 107 
DG  "H5''" H  N N 108 
DG  "H4'"  H  N N 109 
DG  "H3'"  H  N N 110 
DG  "HO3'" H  N N 111 
DG  "H2'"  H  N N 112 
DG  "H2''" H  N N 113 
DG  "H1'"  H  N N 114 
DG  H8     H  N N 115 
DG  H1     H  N N 116 
DG  H21    H  N N 117 
DG  H22    H  N N 118 
DT  OP3    O  N N 119 
DT  P      P  N N 120 
DT  OP1    O  N N 121 
DT  OP2    O  N N 122 
DT  "O5'"  O  N N 123 
DT  "C5'"  C  N N 124 
DT  "C4'"  C  N R 125 
DT  "O4'"  O  N N 126 
DT  "C3'"  C  N S 127 
DT  "O3'"  O  N N 128 
DT  "C2'"  C  N N 129 
DT  "C1'"  C  N R 130 
DT  N1     N  N N 131 
DT  C2     C  N N 132 
DT  O2     O  N N 133 
DT  N3     N  N N 134 
DT  C4     C  N N 135 
DT  O4     O  N N 136 
DT  C5     C  N N 137 
DT  C7     C  N N 138 
DT  C6     C  N N 139 
DT  HOP3   H  N N 140 
DT  HOP2   H  N N 141 
DT  "H5'"  H  N N 142 
DT  "H5''" H  N N 143 
DT  "H4'"  H  N N 144 
DT  "H3'"  H  N N 145 
DT  "HO3'" H  N N 146 
DT  "H2'"  H  N N 147 
DT  "H2''" H  N N 148 
DT  "H1'"  H  N N 149 
DT  H3     H  N N 150 
DT  H71    H  N N 151 
DT  H72    H  N N 152 
DT  H73    H  N N 153 
DT  H6     H  N N 154 
# 
loop_
_chem_comp_bond.comp_id 
_chem_comp_bond.atom_id_1 
_chem_comp_bond.atom_id_2 
_chem_comp_bond.value_order 
_chem_comp_bond.pdbx_aromatic_flag 
_chem_comp_bond.pdbx_stereo_config 
_chem_comp_bond.pdbx_ordinal 
CAC AS    O1     doub N N 1   
CAC AS    O2     sing N N 2   
CAC AS    C1     sing N N 3   
CAC AS    C2     sing N N 4   
CAC C1    H11    sing N N 5   
CAC C1    H12    sing N N 6   
CAC C1    H13    sing N N 7   
CAC C2    H21    sing N N 8   
CAC C2    H22    sing N N 9   
CAC C2    H23    sing N N 10  
DA  OP3   P      sing N N 11  
DA  OP3   HOP3   sing N N 12  
DA  P     OP1    doub N N 13  
DA  P     OP2    sing N N 14  
DA  P     "O5'"  sing N N 15  
DA  OP2   HOP2   sing N N 16  
DA  "O5'" "C5'"  sing N N 17  
DA  "C5'" "C4'"  sing N N 18  
DA  "C5'" "H5'"  sing N N 19  
DA  "C5'" "H5''" sing N N 20  
DA  "C4'" "O4'"  sing N N 21  
DA  "C4'" "C3'"  sing N N 22  
DA  "C4'" "H4'"  sing N N 23  
DA  "O4'" "C1'"  sing N N 24  
DA  "C3'" "O3'"  sing N N 25  
DA  "C3'" "C2'"  sing N N 26  
DA  "C3'" "H3'"  sing N N 27  
DA  "O3'" "HO3'" sing N N 28  
DA  "C2'" "C1'"  sing N N 29  
DA  "C2'" "H2'"  sing N N 30  
DA  "C2'" "H2''" sing N N 31  
DA  "C1'" N9     sing N N 32  
DA  "C1'" "H1'"  sing N N 33  
DA  N9    C8     sing Y N 34  
DA  N9    C4     sing Y N 35  
DA  C8    N7     doub Y N 36  
DA  C8    H8     sing N N 37  
DA  N7    C5     sing Y N 38  
DA  C5    C6     sing Y N 39  
DA  C5    C4     doub Y N 40  
DA  C6    N6     sing N N 41  
DA  C6    N1     doub Y N 42  
DA  N6    H61    sing N N 43  
DA  N6    H62    sing N N 44  
DA  N1    C2     sing Y N 45  
DA  C2    N3     doub Y N 46  
DA  C2    H2     sing N N 47  
DA  N3    C4     sing Y N 48  
DC  OP3   P      sing N N 49  
DC  OP3   HOP3   sing N N 50  
DC  P     OP1    doub N N 51  
DC  P     OP2    sing N N 52  
DC  P     "O5'"  sing N N 53  
DC  OP2   HOP2   sing N N 54  
DC  "O5'" "C5'"  sing N N 55  
DC  "C5'" "C4'"  sing N N 56  
DC  "C5'" "H5'"  sing N N 57  
DC  "C5'" "H5''" sing N N 58  
DC  "C4'" "O4'"  sing N N 59  
DC  "C4'" "C3'"  sing N N 60  
DC  "C4'" "H4'"  sing N N 61  
DC  "O4'" "C1'"  sing N N 62  
DC  "C3'" "O3'"  sing N N 63  
DC  "C3'" "C2'"  sing N N 64  
DC  "C3'" "H3'"  sing N N 65  
DC  "O3'" "HO3'" sing N N 66  
DC  "C2'" "C1'"  sing N N 67  
DC  "C2'" "H2'"  sing N N 68  
DC  "C2'" "H2''" sing N N 69  
DC  "C1'" N1     sing N N 70  
DC  "C1'" "H1'"  sing N N 71  
DC  N1    C2     sing N N 72  
DC  N1    C6     sing N N 73  
DC  C2    O2     doub N N 74  
DC  C2    N3     sing N N 75  
DC  N3    C4     doub N N 76  
DC  C4    N4     sing N N 77  
DC  C4    C5     sing N N 78  
DC  N4    H41    sing N N 79  
DC  N4    H42    sing N N 80  
DC  C5    C6     doub N N 81  
DC  C5    H5     sing N N 82  
DC  C6    H6     sing N N 83  
DG  OP3   P      sing N N 84  
DG  OP3   HOP3   sing N N 85  
DG  P     OP1    doub N N 86  
DG  P     OP2    sing N N 87  
DG  P     "O5'"  sing N N 88  
DG  OP2   HOP2   sing N N 89  
DG  "O5'" "C5'"  sing N N 90  
DG  "C5'" "C4'"  sing N N 91  
DG  "C5'" "H5'"  sing N N 92  
DG  "C5'" "H5''" sing N N 93  
DG  "C4'" "O4'"  sing N N 94  
DG  "C4'" "C3'"  sing N N 95  
DG  "C4'" "H4'"  sing N N 96  
DG  "O4'" "C1'"  sing N N 97  
DG  "C3'" "O3'"  sing N N 98  
DG  "C3'" "C2'"  sing N N 99  
DG  "C3'" "H3'"  sing N N 100 
DG  "O3'" "HO3'" sing N N 101 
DG  "C2'" "C1'"  sing N N 102 
DG  "C2'" "H2'"  sing N N 103 
DG  "C2'" "H2''" sing N N 104 
DG  "C1'" N9     sing N N 105 
DG  "C1'" "H1'"  sing N N 106 
DG  N9    C8     sing Y N 107 
DG  N9    C4     sing Y N 108 
DG  C8    N7     doub Y N 109 
DG  C8    H8     sing N N 110 
DG  N7    C5     sing Y N 111 
DG  C5    C6     sing N N 112 
DG  C5    C4     doub Y N 113 
DG  C6    O6     doub N N 114 
DG  C6    N1     sing N N 115 
DG  N1    C2     sing N N 116 
DG  N1    H1     sing N N 117 
DG  C2    N2     sing N N 118 
DG  C2    N3     doub N N 119 
DG  N2    H21    sing N N 120 
DG  N2    H22    sing N N 121 
DG  N3    C4     sing N N 122 
DT  OP3   P      sing N N 123 
DT  OP3   HOP3   sing N N 124 
DT  P     OP1    doub N N 125 
DT  P     OP2    sing N N 126 
DT  P     "O5'"  sing N N 127 
DT  OP2   HOP2   sing N N 128 
DT  "O5'" "C5'"  sing N N 129 
DT  "C5'" "C4'"  sing N N 130 
DT  "C5'" "H5'"  sing N N 131 
DT  "C5'" "H5''" sing N N 132 
DT  "C4'" "O4'"  sing N N 133 
DT  "C4'" "C3'"  sing N N 134 
DT  "C4'" "H4'"  sing N N 135 
DT  "O4'" "C1'"  sing N N 136 
DT  "C3'" "O3'"  sing N N 137 
DT  "C3'" "C2'"  sing N N 138 
DT  "C3'" "H3'"  sing N N 139 
DT  "O3'" "HO3'" sing N N 140 
DT  "C2'" "C1'"  sing N N 141 
DT  "C2'" "H2'"  sing N N 142 
DT  "C2'" "H2''" sing N N 143 
DT  "C1'" N1     sing N N 144 
DT  "C1'" "H1'"  sing N N 145 
DT  N1    C2     sing N N 146 
DT  N1    C6     sing N N 147 
DT  C2    O2     doub N N 148 
DT  C2    N3     sing N N 149 
DT  N3    C4     sing N N 150 
DT  N3    H3     sing N N 151 
DT  C4    O4     doub N N 152 
DT  C4    C5     sing N N 153 
DT  C5    C7     sing N N 154 
DT  C5    C6     doub N N 155 
DT  C7    H71    sing N N 156 
DT  C7    H72    sing N N 157 
DT  C7    H73    sing N N 158 
DT  C6    H6     sing N N 159 
# 
loop_
_ndb_struct_conf_na.entry_id 
_ndb_struct_conf_na.feature 
7JHT 'double helix'        
7JHT 'b-form double helix' 
# 
loop_
_ndb_struct_na_base_pair.model_number 
_ndb_struct_na_base_pair.i_label_asym_id 
_ndb_struct_na_base_pair.i_label_comp_id 
_ndb_struct_na_base_pair.i_label_seq_id 
_ndb_struct_na_base_pair.i_symmetry 
_ndb_struct_na_base_pair.j_label_asym_id 
_ndb_struct_na_base_pair.j_label_comp_id 
_ndb_struct_na_base_pair.j_label_seq_id 
_ndb_struct_na_base_pair.j_symmetry 
_ndb_struct_na_base_pair.shear 
_ndb_struct_na_base_pair.stretch 
_ndb_struct_na_base_pair.stagger 
_ndb_struct_na_base_pair.buckle 
_ndb_struct_na_base_pair.propeller 
_ndb_struct_na_base_pair.opening 
_ndb_struct_na_base_pair.pair_number 
_ndb_struct_na_base_pair.pair_name 
_ndb_struct_na_base_pair.i_auth_asym_id 
_ndb_struct_na_base_pair.i_auth_seq_id 
_ndb_struct_na_base_pair.i_PDB_ins_code 
_ndb_struct_na_base_pair.j_auth_asym_id 
_ndb_struct_na_base_pair.j_auth_seq_id 
_ndb_struct_na_base_pair.j_PDB_ins_code 
_ndb_struct_na_base_pair.hbond_type_28 
_ndb_struct_na_base_pair.hbond_type_12 
1 A DC 4  1_555 D DG 14 1_555 -0.071 -0.626 0.049  -1.078  -21.335 -2.714  1  A_DC4:DG15_D A 4  ? D 15 ? 19 1 
1 A DA 5  1_555 D DT 13 1_555 -1.310 0.210  0.119  -2.674  -8.159  3.087   2  A_DA5:DT14_D A 5  ? D 14 ? 20 1 
1 A DG 6  1_555 D DC 12 1_555 0.182  -0.239 -0.472 -1.274  -7.913  3.464   3  A_DG6:DC13_D A 6  ? D 13 ? 19 1 
1 A DA 7  1_555 D DT 11 1_555 0.626  -0.080 -0.496 -2.894  -6.496  -4.966  4  A_DA7:DT12_D A 7  ? D 12 ? 20 1 
1 A DC 8  1_555 D DG 10 1_555 1.222  -0.540 -0.348 0.708   -9.302  -7.000  5  A_DC8:DG11_D A 8  ? D 11 ? 19 1 
1 A DC 9  1_555 D DG 9  1_555 0.685  -0.261 0.094  -4.149  -8.816  -8.539  6  A_DC9:DG10_D A 9  ? D 10 ? 19 1 
1 A DA 10 1_555 C DT 3  1_555 0.411  0.329  0.253  0.895   -2.730  6.570   7  A_DA10:DT2_C A 10 ? C 2  ? 20 1 
1 A DG 11 1_555 C DC 2  1_555 0.470  0.213  0.276  9.153   -1.622  5.451   8  A_DG11:DC1_C A 11 ? C 1  ? 19 1 
1 A DA 12 1_555 C DT 1  1_555 0.374  0.596  0.163  9.825   -7.132  -25.706 9  A_DA12:DT0_C A 12 ? C 0  ? 20 1 
1 B DC 1  1_555 C DG 6  1_555 0.038  -0.379 -0.849 -10.292 3.093   -19.931 10 B_DC12:DG5_C B 12 ? C 5  ? 19 1 
1 B DG 2  1_555 C DC 5  1_555 0.843  -0.023 0.047  -7.015  -9.066  -20.314 11 B_DG13:DC4_C B 13 ? C 4  ? 19 1 
1 B DG 3  1_555 C DC 4  1_555 -0.852 -0.166 -0.460 -2.733  -5.000  3.611   12 B_DG14:DC3_C B 14 ? C 3  ? 19 1 
1 B DC 4  1_555 D DG 8  1_555 -0.495 0.272  -0.167 3.496   -4.787  -1.337  13 B_DC15:DG9_D B 15 ? D 9  ? 19 1 
1 B DA 5  1_555 D DT 7  1_555 0.375  0.268  -0.278 2.647   -3.276  5.384   14 B_DA16:DT8_D B 16 ? D 8  ? 20 1 
1 B DC 6  1_555 D DG 6  1_555 0.223  0.281  -0.804 15.498  -4.961  13.957  15 B_DC17:DG7_D B 17 ? D 7  ? 19 1 
1 B DT 7  1_555 D DA 5  1_555 -1.965 0.193  -1.246 16.482  -12.469 -5.348  16 B_DT18:DA6_D B 18 ? D 6  ? 20 1 
1 B DC 8  1_555 D DG 4  1_555 0.385  0.192  -0.645 7.551   -19.725 1.742   17 B_DC19:DG5_D B 19 ? D 5  ? 19 1 
# 
loop_
_ndb_struct_na_base_pair_step.model_number 
_ndb_struct_na_base_pair_step.i_label_asym_id_1 
_ndb_struct_na_base_pair_step.i_label_comp_id_1 
_ndb_struct_na_base_pair_step.i_label_seq_id_1 
_ndb_struct_na_base_pair_step.i_symmetry_1 
_ndb_struct_na_base_pair_step.j_label_asym_id_1 
_ndb_struct_na_base_pair_step.j_label_comp_id_1 
_ndb_struct_na_base_pair_step.j_label_seq_id_1 
_ndb_struct_na_base_pair_step.j_symmetry_1 
_ndb_struct_na_base_pair_step.i_label_asym_id_2 
_ndb_struct_na_base_pair_step.i_label_comp_id_2 
_ndb_struct_na_base_pair_step.i_label_seq_id_2 
_ndb_struct_na_base_pair_step.i_symmetry_2 
_ndb_struct_na_base_pair_step.j_label_asym_id_2 
_ndb_struct_na_base_pair_step.j_label_comp_id_2 
_ndb_struct_na_base_pair_step.j_label_seq_id_2 
_ndb_struct_na_base_pair_step.j_symmetry_2 
_ndb_struct_na_base_pair_step.shift 
_ndb_struct_na_base_pair_step.slide 
_ndb_struct_na_base_pair_step.rise 
_ndb_struct_na_base_pair_step.tilt 
_ndb_struct_na_base_pair_step.roll 
_ndb_struct_na_base_pair_step.twist 
_ndb_struct_na_base_pair_step.x_displacement 
_ndb_struct_na_base_pair_step.y_displacement 
_ndb_struct_na_base_pair_step.helical_rise 
_ndb_struct_na_base_pair_step.inclination 
_ndb_struct_na_base_pair_step.tip 
_ndb_struct_na_base_pair_step.helical_twist 
_ndb_struct_na_base_pair_step.step_number 
_ndb_struct_na_base_pair_step.step_name 
_ndb_struct_na_base_pair_step.i_auth_asym_id_1 
_ndb_struct_na_base_pair_step.i_auth_seq_id_1 
_ndb_struct_na_base_pair_step.i_PDB_ins_code_1 
_ndb_struct_na_base_pair_step.j_auth_asym_id_1 
_ndb_struct_na_base_pair_step.j_auth_seq_id_1 
_ndb_struct_na_base_pair_step.j_PDB_ins_code_1 
_ndb_struct_na_base_pair_step.i_auth_asym_id_2 
_ndb_struct_na_base_pair_step.i_auth_seq_id_2 
_ndb_struct_na_base_pair_step.i_PDB_ins_code_2 
_ndb_struct_na_base_pair_step.j_auth_asym_id_2 
_ndb_struct_na_base_pair_step.j_auth_seq_id_2 
_ndb_struct_na_base_pair_step.j_PDB_ins_code_2 
1 A DC 4  1_555 D DG 14 1_555 A DA 5  1_555 D DT 13 1_555 0.281  1.840  3.845 1.411  -0.970 38.102 2.959  -0.222 3.806 -1.485 
-2.160 38.139 1  AA_DC4DA5:DT14DG15_DD A 4  ? D 15 ? A 5  ? D 14 ? 
1 A DA 5  1_555 D DT 13 1_555 A DG 6  1_555 D DC 12 1_555 0.157  0.072  3.432 0.857  3.657  35.976 -0.425 -0.127 3.426 5.901  
-1.383 36.165 2  AA_DA5DG6:DC13DT14_DD A 5  ? D 14 ? A 6  ? D 13 ? 
1 A DG 6  1_555 D DC 12 1_555 A DA 7  1_555 D DT 11 1_555 -0.284 -0.538 3.357 -0.807 2.658  39.055 -1.129 0.325  3.320 3.970  
1.205  39.149 3  AA_DG6DA7:DT12DC13_DD A 6  ? D 13 ? A 7  ? D 12 ? 
1 A DA 7  1_555 D DT 11 1_555 A DC 8  1_555 D DG 10 1_555 0.527  -1.070 3.148 -2.434 0.644  37.113 -1.759 -1.135 3.090 1.010  
3.819  37.196 4  AA_DA7DC8:DG11DT12_DD A 7  ? D 12 ? A 8  ? D 11 ? 
1 A DC 8  1_555 D DG 10 1_555 A DC 9  1_555 D DG 9  1_555 -0.248 -0.775 3.476 -2.730 -1.790 31.770 -1.061 -0.080 3.521 -3.259 
4.970  31.933 5  AA_DC8DC9:DG10DG11_DD A 8  ? D 11 ? A 9  ? D 10 ? 
1 A DC 9  1_555 D DG 9  1_555 A DA 10 1_555 C DT 3  1_555 -0.480 -1.036 3.190 0.382  0.076  28.484 -2.122 1.061  3.180 0.155  
-0.776 28.487 6  AA_DC9DA10:DT2DG10_CD A 9  ? D 10 ? A 10 ? C 2  ? 
1 A DA 10 1_555 C DT 3  1_555 A DG 11 1_555 C DC 2  1_555 -0.158 0.173  3.291 -2.267 3.313  32.439 -0.272 -0.116 3.296 5.901  
4.038  32.680 7  AA_DA10DG11:DC1DT2_CC A 10 ? C 2  ? A 11 ? C 1  ? 
1 A DG 11 1_555 C DC 2  1_555 A DA 12 1_555 C DT 1  1_555 -1.458 0.018  3.251 1.514  4.483  35.082 -0.620 2.619  3.166 7.395  
-2.498 35.390 8  AA_DG11DA12:DT0DC1_CC A 11 ? C 1  ? A 12 ? C 0  ? 
1 B DC 1  1_555 C DG 6  1_555 B DG 2  1_555 C DC 5  1_555 0.634  -0.439 3.419 -0.098 9.537  40.310 -1.675 -0.909 3.236 13.610 
0.140  41.378 9  BB_DC12DG13:DC4DG5_CC B 12 ? C 5  ? B 13 ? C 4  ? 
1 B DG 2  1_555 C DC 5  1_555 B DG 3  1_555 C DC 4  1_555 0.879  0.196  3.311 -5.596 3.023  29.671 -0.228 -2.797 3.102 5.819  
10.772 30.330 10 BB_DG13DG14:DC3DC4_CC B 13 ? C 4  ? B 14 ? C 3  ? 
1 B DG 3  1_555 C DC 4  1_555 B DC 4  1_555 D DG 8  1_555 -1.238 -1.630 2.900 -5.865 2.447  29.210 -3.621 1.300  2.943 4.781  
11.459 29.879 11 BB_DG14DC15:DG9DC3_DC B 14 ? C 3  ? B 15 ? D 9  ? 
1 B DC 4  1_555 D DG 8  1_555 B DA 5  1_555 D DT 7  1_555 0.161  1.331  3.513 -0.308 5.963  41.136 1.179  -0.262 3.661 8.432  
0.436  41.549 12 BB_DC15DA16:DT8DG9_DD B 15 ? D 9  ? B 16 ? D 8  ? 
1 B DA 5  1_555 D DT 7  1_555 B DC 6  1_555 D DG 6  1_555 0.556  -0.228 2.942 2.608  3.848  28.231 -1.249 -0.591 2.924 7.822  
-5.302 28.604 13 BB_DA16DC17:DG7DT8_DD B 16 ? D 8  ? B 17 ? D 7  ? 
1 B DC 6  1_555 D DG 6  1_555 B DT 7  1_555 D DA 5  1_555 -0.888 0.124  3.265 4.521  3.563  25.996 -0.645 3.090  3.059 7.799  
-9.896 26.615 14 BB_DC17DT18:DA6DG7_DD B 17 ? D 7  ? B 18 ? D 6  ? 
1 B DT 7  1_555 D DA 5  1_555 B DC 8  1_555 D DG 4  1_555 0.769  0.338  3.902 4.470  3.179  43.180 0.085  -0.515 3.973 4.298  
-6.045 43.511 15 BB_DT18DC19:DG5DA6_DD B 18 ? D 6  ? B 19 ? D 5  ? 
# 
loop_
_pdbx_audit_support.funding_organization 
_pdbx_audit_support.country 
_pdbx_audit_support.grant_number 
_pdbx_audit_support.ordinal 
'National Science Foundation (NSF, United States)'                                         'United States' 1360635     1 
'National Institutes of Health/National Institute of General Medical Sciences (NIH/NIGMS)' 'United States' R01GM104960 2 
'National Science Foundation (NSF, United States)'                                         'United States' NSF2004250  3 
# 
_pdbx_entity_nonpoly.entity_id   5 
_pdbx_entity_nonpoly.name        'CACODYLATE ION' 
_pdbx_entity_nonpoly.comp_id     CAC 
# 
_pdbx_initial_refinement_model.id               1 
_pdbx_initial_refinement_model.entity_id_list   ? 
_pdbx_initial_refinement_model.type             'experimental model' 
_pdbx_initial_refinement_model.source_name      PDB 
_pdbx_initial_refinement_model.accession_code   6XNA 
_pdbx_initial_refinement_model.details          ? 
# 
_pdbx_struct_assembly_auth_evidence.id                     1 
_pdbx_struct_assembly_auth_evidence.assembly_id            1 
_pdbx_struct_assembly_auth_evidence.experimental_support   none 
_pdbx_struct_assembly_auth_evidence.details                ? 
# 
